data_2CBT
# 
_entry.id   2CBT 
# 
_audit_conform.dict_name       mmcif_pdbx.dic 
_audit_conform.dict_version    5.382 
_audit_conform.dict_location   http://mmcif.pdb.org/dictionaries/ascii/mmcif_pdbx.dic 
# 
loop_
_database_2.database_id 
_database_2.database_code 
_database_2.pdbx_database_accession 
_database_2.pdbx_DOI 
PDB   2CBT         pdb_00002cbt 10.2210/pdb2cbt/pdb 
PDBE  EBI-27096    ?            ?                   
WWPDB D_1290027096 ?            ?                   
# 
loop_
_pdbx_database_related.db_name 
_pdbx_database_related.db_id 
_pdbx_database_related.content_type 
_pdbx_database_related.details 
PDB 1J5H unspecified 'SOLUTION STRUCTURE OF APO-NEOCARZINOSTATIN' 
PDB 1J5I unspecified 'SOLUTION STRUCTURE OF A NOVEL CHROMOPROTEIN DERIVED FROMAPO-NEOCARZINOSTATIN AND A SYNTHETIC CHROMOPHORE' 
PDB 1KVH unspecified 
;NCSI-GB-BULGE-DNA COMPLEX INDUCED FORMATION OF A DNA BULGESTRUCTURE BY A MOLECULAR WEDGE LIGAND-POST-ACTIVATEDNEOCARZINOSTATIN CHROMOPHORE
;
PDB 1MP7 unspecified 
'A THIRD COMPLEX OF POST-ACTIVATED NEOCARZINOSTATINCHROMOPHORE WITH DNA. BULGE DNA BINDING FROM THE MINORGROOVE' 
PDB 1NCO unspecified 'HOLO-NEOCARZINOSTATIN (CONTAINING CHROMOPHORE) COMPLEX WITH APO-CARZINOSTATIN (CONTAINING MPD)' 
PDB 1NOA unspecified NEOCARZINOSTATIN 
PDB 1O5P unspecified 'SOLUTION STRUCTURE OF HOLO-NEOCARZINOSTATIN' 
PDB 2CBM unspecified 'CRYSTAL STRUCTURE OF THE APO-FORM OF A NEOCARZINOSTATIN MUTANT EVOLVED TO BIND TESTOSTERONE.' 
PDB 2CBO unspecified 'CRYSTAL STRUCTURE OF THE NEOCARZINOSTATIN 3TES24 MUTANT BOUND TO TESTOSTERONE HEMISUCCINATE.' 
PDB 2CBQ unspecified 'CRYSTAL STRUCTURE OF THE NEOCARZINOSTATIN 1TES15 MUTANT BOUND TO TESTOSTERONE HEMISUCCINATE.' 
# 
_pdbx_database_status.status_code                     REL 
_pdbx_database_status.entry_id                        2CBT 
_pdbx_database_status.deposit_site                    PDBE 
_pdbx_database_status.process_site                    PDBE 
_pdbx_database_status.SG_entry                        . 
_pdbx_database_status.recvd_initial_deposition_date   2006-01-06 
_pdbx_database_status.pdb_format_compatible           Y 
_pdbx_database_status.status_code_sf                  REL 
_pdbx_database_status.status_code_mr                  ? 
_pdbx_database_status.status_code_cs                  ? 
_pdbx_database_status.methods_development_category    ? 
_pdbx_database_status.status_code_nmr_data            ? 
# 
loop_
_audit_author.name 
_audit_author.pdbx_ordinal 
'Drevelle, A.'      1 
'Graille, M.'       2 
'Heyd, B.'          3 
'Sorel, I.'         4 
'Ulryck, N.'        5 
'Pecorari, F.'      6 
'Desmadril, M.'     7 
'Van Tilbeurgh, H.' 8 
'Minard, P.'        9 
# 
loop_
_citation.id 
_citation.title 
_citation.journal_abbrev 
_citation.journal_volume 
_citation.page_first 
_citation.page_last 
_citation.year 
_citation.journal_id_ASTM 
_citation.country 
_citation.journal_id_ISSN 
_citation.journal_id_CSD 
_citation.book_publisher 
_citation.pdbx_database_id_PubMed 
_citation.pdbx_database_id_DOI 
primary 'Structures of in Vitro Evolved Binding Sites on Neocarzinostatin Scaffold Reveal Unanticipated Evolutionary Pathways.' 
J.Mol.Biol.  358 455  ? 2006 JMOBAK UK 0022-2836 0070 ? 16529771 10.1016/J.JMB.2006.02.002 
1       'In Vitro Evolution of the Binding Specificity of Neocarzinostatin, an Enediyne-Binding Chromoprotein.'                 
Biochemistry 42  5674 ? 2003 BICHAW US 0006-2960 0033 ? 12741824 10.1021/BI0273664         
# 
loop_
_citation_author.citation_id 
_citation_author.name 
_citation_author.ordinal 
_citation_author.identifier_ORCID 
primary 'Drevelle, A.'      1  ? 
primary 'Graille, M.'       2  ? 
primary 'Heyd, B.'          3  ? 
primary 'Sorel, I.'         4  ? 
primary 'Ulryck, N.'        5  ? 
primary 'Pecorari, F.'      6  ? 
primary 'Desmadril, M.'     7  ? 
primary 'Van Tilbeurgh, H.' 8  ? 
primary 'Minard, P.'        9  ? 
1       'Heyd, B.'          10 ? 
1       'Pecorari, F.'      11 ? 
1       'Collinet, B.'      12 ? 
1       'Adjadj, E.'        13 ? 
1       'Desmadril, M.'     14 ? 
1       'Minard, P.'        15 ? 
# 
_cell.entry_id           2CBT 
_cell.length_a           52.510 
_cell.length_b           52.510 
_cell.length_c           128.910 
_cell.angle_alpha        90.00 
_cell.angle_beta         90.00 
_cell.angle_gamma        120.00 
_cell.Z_PDB              12 
_cell.pdbx_unique_axis   ? 
# 
_symmetry.entry_id                         2CBT 
_symmetry.space_group_name_H-M             'P 65' 
_symmetry.pdbx_full_space_group_name_H-M   ? 
_symmetry.cell_setting                     ? 
_symmetry.Int_Tables_number                170 
# 
loop_
_entity.id 
_entity.type 
_entity.src_method 
_entity.pdbx_description 
_entity.formula_weight 
_entity.pdbx_number_of_molecules 
_entity.pdbx_ec 
_entity.pdbx_mutation 
_entity.pdbx_fragment 
_entity.details 
1 polymer     man NEOCARZINOSTATIN             11290.296 2  ? YES ? ? 
2 non-polymer syn 'TESTOSTERONE HEMISUCCINATE' 388.497   2  ? ?   ? ? 
3 water       nat water                        18.015    30 ? ?   ? ? 
# 
_entity_name_com.entity_id   1 
_entity_name_com.name        'NCS, MITOMALCIN, MMC' 
# 
_entity_poly.entity_id                      1 
_entity_poly.type                           'polypeptide(L)' 
_entity_poly.nstd_linkage                   no 
_entity_poly.nstd_monomer                   no 
_entity_poly.pdbx_seq_one_letter_code       
;AAPTATVTPSSGLSDGTVVKVAGAGLQAGTAYWVAQSAWVDTGVYASNPADISSVTADANGSASTSLTVRRSFEGFLWDG
TRWGTVDCTTAACHVTLRDALSNGPEGVAISF
;
_entity_poly.pdbx_seq_one_letter_code_can   
;AAPTATVTPSSGLSDGTVVKVAGAGLQAGTAYWVAQSAWVDTGVYASNPADISSVTADANGSASTSLTVRRSFEGFLWDG
TRWGTVDCTTAACHVTLRDALSNGPEGVAISF
;
_entity_poly.pdbx_strand_id                 A,B 
_entity_poly.pdbx_target_identifier         ? 
# 
loop_
_entity_poly_seq.entity_id 
_entity_poly_seq.num 
_entity_poly_seq.mon_id 
_entity_poly_seq.hetero 
1 1   ALA n 
1 2   ALA n 
1 3   PRO n 
1 4   THR n 
1 5   ALA n 
1 6   THR n 
1 7   VAL n 
1 8   THR n 
1 9   PRO n 
1 10  SER n 
1 11  SER n 
1 12  GLY n 
1 13  LEU n 
1 14  SER n 
1 15  ASP n 
1 16  GLY n 
1 17  THR n 
1 18  VAL n 
1 19  VAL n 
1 20  LYS n 
1 21  VAL n 
1 22  ALA n 
1 23  GLY n 
1 24  ALA n 
1 25  GLY n 
1 26  LEU n 
1 27  GLN n 
1 28  ALA n 
1 29  GLY n 
1 30  THR n 
1 31  ALA n 
1 32  TYR n 
1 33  TRP n 
1 34  VAL n 
1 35  ALA n 
1 36  GLN n 
1 37  SER n 
1 38  ALA n 
1 39  TRP n 
1 40  VAL n 
1 41  ASP n 
1 42  THR n 
1 43  GLY n 
1 44  VAL n 
1 45  TYR n 
1 46  ALA n 
1 47  SER n 
1 48  ASN n 
1 49  PRO n 
1 50  ALA n 
1 51  ASP n 
1 52  ILE n 
1 53  SER n 
1 54  SER n 
1 55  VAL n 
1 56  THR n 
1 57  ALA n 
1 58  ASP n 
1 59  ALA n 
1 60  ASN n 
1 61  GLY n 
1 62  SER n 
1 63  ALA n 
1 64  SER n 
1 65  THR n 
1 66  SER n 
1 67  LEU n 
1 68  THR n 
1 69  VAL n 
1 70  ARG n 
1 71  ARG n 
1 72  SER n 
1 73  PHE n 
1 74  GLU n 
1 75  GLY n 
1 76  PHE n 
1 77  LEU n 
1 78  TRP n 
1 79  ASP n 
1 80  GLY n 
1 81  THR n 
1 82  ARG n 
1 83  TRP n 
1 84  GLY n 
1 85  THR n 
1 86  VAL n 
1 87  ASP n 
1 88  CYS n 
1 89  THR n 
1 90  THR n 
1 91  ALA n 
1 92  ALA n 
1 93  CYS n 
1 94  HIS n 
1 95  VAL n 
1 96  THR n 
1 97  LEU n 
1 98  ARG n 
1 99  ASP n 
1 100 ALA n 
1 101 LEU n 
1 102 SER n 
1 103 ASN n 
1 104 GLY n 
1 105 PRO n 
1 106 GLU n 
1 107 GLY n 
1 108 VAL n 
1 109 ALA n 
1 110 ILE n 
1 111 SER n 
1 112 PHE n 
# 
_entity_src_gen.entity_id                          1 
_entity_src_gen.pdbx_src_id                        1 
_entity_src_gen.pdbx_alt_source_flag               sample 
_entity_src_gen.pdbx_seq_type                      ? 
_entity_src_gen.pdbx_beg_seq_num                   ? 
_entity_src_gen.pdbx_end_seq_num                   ? 
_entity_src_gen.gene_src_common_name               ? 
_entity_src_gen.gene_src_genus                     ? 
_entity_src_gen.pdbx_gene_src_gene                 ? 
_entity_src_gen.gene_src_species                   ? 
_entity_src_gen.gene_src_strain                    ? 
_entity_src_gen.gene_src_tissue                    ? 
_entity_src_gen.gene_src_tissue_fraction           ? 
_entity_src_gen.gene_src_details                   ? 
_entity_src_gen.pdbx_gene_src_fragment             ? 
_entity_src_gen.pdbx_gene_src_scientific_name      'STREPTOMYCES CARZINOSTATICUS' 
_entity_src_gen.pdbx_gene_src_ncbi_taxonomy_id     1897 
_entity_src_gen.pdbx_gene_src_variant              ? 
_entity_src_gen.pdbx_gene_src_cell_line            ? 
_entity_src_gen.pdbx_gene_src_atcc                 ? 
_entity_src_gen.pdbx_gene_src_organ                ? 
_entity_src_gen.pdbx_gene_src_organelle            ? 
_entity_src_gen.pdbx_gene_src_cell                 ? 
_entity_src_gen.pdbx_gene_src_cellular_location    ? 
_entity_src_gen.host_org_common_name               ? 
_entity_src_gen.pdbx_host_org_scientific_name      'ESCHERICHIA COLI' 
_entity_src_gen.pdbx_host_org_ncbi_taxonomy_id     562 
_entity_src_gen.host_org_genus                     ? 
_entity_src_gen.pdbx_host_org_gene                 ? 
_entity_src_gen.pdbx_host_org_organ                ? 
_entity_src_gen.host_org_species                   ? 
_entity_src_gen.pdbx_host_org_tissue               ? 
_entity_src_gen.pdbx_host_org_tissue_fraction      ? 
_entity_src_gen.pdbx_host_org_strain               'BLR(DE3)PLYSS' 
_entity_src_gen.pdbx_host_org_variant              ? 
_entity_src_gen.pdbx_host_org_cell_line            ? 
_entity_src_gen.pdbx_host_org_atcc                 ? 
_entity_src_gen.pdbx_host_org_culture_collection   ? 
_entity_src_gen.pdbx_host_org_cell                 ? 
_entity_src_gen.pdbx_host_org_organelle            ? 
_entity_src_gen.pdbx_host_org_cellular_location    ? 
_entity_src_gen.pdbx_host_org_vector_type          ? 
_entity_src_gen.pdbx_host_org_vector               ? 
_entity_src_gen.host_org_details                   ? 
_entity_src_gen.expression_system_id               ? 
_entity_src_gen.plasmid_name                       ? 
_entity_src_gen.plasmid_details                    ? 
_entity_src_gen.pdbx_description                   ? 
# 
_struct_ref.id                         1 
_struct_ref.db_name                    UNP 
_struct_ref.db_code                    NCZS_STRCZ 
_struct_ref.entity_id                  1 
_struct_ref.pdbx_seq_one_letter_code   ? 
_struct_ref.pdbx_align_begin           ? 
_struct_ref.pdbx_db_accession          P0A3R9 
_struct_ref.pdbx_db_isoform            ? 
# 
loop_
_struct_ref_seq.align_id 
_struct_ref_seq.ref_id 
_struct_ref_seq.pdbx_PDB_id_code 
_struct_ref_seq.pdbx_strand_id 
_struct_ref_seq.seq_align_beg 
_struct_ref_seq.pdbx_seq_align_beg_ins_code 
_struct_ref_seq.seq_align_end 
_struct_ref_seq.pdbx_seq_align_end_ins_code 
_struct_ref_seq.pdbx_db_accession 
_struct_ref_seq.db_align_beg 
_struct_ref_seq.pdbx_db_align_beg_ins_code 
_struct_ref_seq.db_align_end 
_struct_ref_seq.pdbx_db_align_end_ins_code 
_struct_ref_seq.pdbx_auth_seq_align_beg 
_struct_ref_seq.pdbx_auth_seq_align_end 
1 1 2CBT A 1 ? 112 ? P0A3R9 35 ? 146 ? 1001 1112 
2 1 2CBT B 1 ? 112 ? P0A3R9 35 ? 146 ? 2001 2112 
# 
loop_
_struct_ref_seq_dif.align_id 
_struct_ref_seq_dif.pdbx_pdb_id_code 
_struct_ref_seq_dif.mon_id 
_struct_ref_seq_dif.pdbx_pdb_strand_id 
_struct_ref_seq_dif.seq_num 
_struct_ref_seq_dif.pdbx_pdb_ins_code 
_struct_ref_seq_dif.pdbx_seq_db_name 
_struct_ref_seq_dif.pdbx_seq_db_accession_code 
_struct_ref_seq_dif.db_mon_id 
_struct_ref_seq_dif.pdbx_seq_db_seq_num 
_struct_ref_seq_dif.details 
_struct_ref_seq_dif.pdbx_auth_seq_num 
_struct_ref_seq_dif.pdbx_ordinal 
1 2CBT TRP A 33  ? UNP P0A3R9 ASP 67  'engineered mutation' 1033 1  
1 2CBT ALA A 35  ? UNP P0A3R9 GLY 69  'engineered mutation' 1035 2  
1 2CBT SER A 37  ? UNP P0A3R9 CYS 71  'engineered mutation' 1037 3  
1 2CBT TYR A 45  ? UNP P0A3R9 LEU 79  'engineered mutation' 1045 4  
1 2CBT SER A 47  ? UNP P0A3R9 CYS 81  'engineered mutation' 1047 5  
1 2CBT ILE A 52  ? UNP P0A3R9 PHE 86  'engineered mutation' 1052 6  
1 2CBT TRP A 78  ? UNP P0A3R9 PHE 112 'engineered mutation' 1078 7  
1 2CBT HIS A 94  ? UNP P0A3R9 GLN 128 'engineered mutation' 1094 8  
1 2CBT THR A 96  ? UNP P0A3R9 GLY 130 'engineered mutation' 1096 9  
1 2CBT ARG A 98  ? UNP P0A3R9 SER 132 'engineered mutation' 1098 10 
1 2CBT LEU A 101 ? UNP P0A3R9 ALA 135 'engineered mutation' 1101 11 
1 2CBT SER A 102 ? UNP P0A3R9 GLY 136 'engineered mutation' 1102 12 
2 2CBT TRP B 33  ? UNP P0A3R9 ASP 67  'engineered mutation' 2033 13 
2 2CBT ALA B 35  ? UNP P0A3R9 GLY 69  'engineered mutation' 2035 14 
2 2CBT SER B 37  ? UNP P0A3R9 CYS 71  'engineered mutation' 2037 15 
2 2CBT TYR B 45  ? UNP P0A3R9 LEU 79  'engineered mutation' 2045 16 
2 2CBT SER B 47  ? UNP P0A3R9 CYS 81  'engineered mutation' 2047 17 
2 2CBT ILE B 52  ? UNP P0A3R9 PHE 86  'engineered mutation' 2052 18 
2 2CBT TRP B 78  ? UNP P0A3R9 PHE 112 'engineered mutation' 2078 19 
2 2CBT HIS B 94  ? UNP P0A3R9 GLN 128 'engineered mutation' 2094 20 
2 2CBT THR B 96  ? UNP P0A3R9 GLY 130 'engineered mutation' 2096 21 
2 2CBT ARG B 98  ? UNP P0A3R9 SER 132 'engineered mutation' 2098 22 
2 2CBT LEU B 101 ? UNP P0A3R9 ALA 135 'engineered mutation' 2101 23 
2 2CBT SER B 102 ? UNP P0A3R9 GLY 136 'engineered mutation' 2102 24 
# 
loop_
_chem_comp.id 
_chem_comp.type 
_chem_comp.mon_nstd_flag 
_chem_comp.name 
_chem_comp.pdbx_synonyms 
_chem_comp.formula 
_chem_comp.formula_weight 
ALA 'L-peptide linking' y ALANINE                      ? 'C3 H7 N O2'     89.093  
ARG 'L-peptide linking' y ARGININE                     ? 'C6 H15 N4 O2 1' 175.209 
ASN 'L-peptide linking' y ASPARAGINE                   ? 'C4 H8 N2 O3'    132.118 
ASP 'L-peptide linking' y 'ASPARTIC ACID'              ? 'C4 H7 N O4'     133.103 
CYS 'L-peptide linking' y CYSTEINE                     ? 'C3 H7 N O2 S'   121.158 
GLN 'L-peptide linking' y GLUTAMINE                    ? 'C5 H10 N2 O3'   146.144 
GLU 'L-peptide linking' y 'GLUTAMIC ACID'              ? 'C5 H9 N O4'     147.129 
GLY 'peptide linking'   y GLYCINE                      ? 'C2 H5 N O2'     75.067  
HIS 'L-peptide linking' y HISTIDINE                    ? 'C6 H10 N3 O2 1' 156.162 
HOH non-polymer         . WATER                        ? 'H2 O'           18.015  
ILE 'L-peptide linking' y ISOLEUCINE                   ? 'C6 H13 N O2'    131.173 
LEU 'L-peptide linking' y LEUCINE                      ? 'C6 H13 N O2'    131.173 
LYS 'L-peptide linking' y LYSINE                       ? 'C6 H15 N2 O2 1' 147.195 
PHE 'L-peptide linking' y PHENYLALANINE                ? 'C9 H11 N O2'    165.189 
PRO 'L-peptide linking' y PROLINE                      ? 'C5 H9 N O2'     115.130 
SER 'L-peptide linking' y SERINE                       ? 'C3 H7 N O3'     105.093 
TH2 non-polymer         . 'TESTOSTERONE HEMISUCCINATE' 
'4-OXO-4-{[(8ALPHA,9BETA,10ALPHA,13ALPHA,14BETA,17ALPHA)-3-OXOANDROST-4-EN-17-YL]OXY}BUTANOIC ACID' 'C23 H32 O5'     388.497 
THR 'L-peptide linking' y THREONINE                    ? 'C4 H9 N O3'     119.119 
TRP 'L-peptide linking' y TRYPTOPHAN                   ? 'C11 H12 N2 O2'  204.225 
TYR 'L-peptide linking' y TYROSINE                     ? 'C9 H11 N O3'    181.189 
VAL 'L-peptide linking' y VALINE                       ? 'C5 H11 N O2'    117.146 
# 
_exptl.entry_id          2CBT 
_exptl.method            'X-RAY DIFFRACTION' 
_exptl.crystals_number   1 
# 
_exptl_crystal.id                    1 
_exptl_crystal.density_meas          ? 
_exptl_crystal.density_Matthews      2.20 
_exptl_crystal.density_percent_sol   43.71 
_exptl_crystal.description           ? 
# 
_exptl_crystal_grow.crystal_id      1 
_exptl_crystal_grow.method          ? 
_exptl_crystal_grow.temp            ? 
_exptl_crystal_grow.temp_details    ? 
_exptl_crystal_grow.pH              ? 
_exptl_crystal_grow.pdbx_pH_range   ? 
_exptl_crystal_grow.pdbx_details    '0.9 M SODIUM CITRATE, 0.1 M HEPES PH 7.5 AND 3% ETHANOL' 
# 
_diffrn.id                     1 
_diffrn.ambient_temp           100.0 
_diffrn.ambient_temp_details   ? 
_diffrn.crystal_id             1 
# 
_diffrn_detector.diffrn_id              1 
_diffrn_detector.detector               CCD 
_diffrn_detector.type                   'ADSC CCD' 
_diffrn_detector.pdbx_collection_date   ? 
_diffrn_detector.details                ? 
# 
_diffrn_radiation.diffrn_id                        1 
_diffrn_radiation.wavelength_id                    1 
_diffrn_radiation.pdbx_monochromatic_or_laue_m_l   M 
_diffrn_radiation.monochromator                    ? 
_diffrn_radiation.pdbx_diffrn_protocol             'SINGLE WAVELENGTH' 
_diffrn_radiation.pdbx_scattering_type             x-ray 
# 
_diffrn_radiation_wavelength.id           1 
_diffrn_radiation_wavelength.wavelength   0.987 
_diffrn_radiation_wavelength.wt           1.0 
# 
_diffrn_source.diffrn_id                   1 
_diffrn_source.source                      SYNCHROTRON 
_diffrn_source.type                        'ESRF BEAMLINE BM14' 
_diffrn_source.pdbx_synchrotron_site       ESRF 
_diffrn_source.pdbx_synchrotron_beamline   BM14 
_diffrn_source.pdbx_wavelength             0.987 
_diffrn_source.pdbx_wavelength_list        ? 
# 
_reflns.pdbx_diffrn_id               1 
_reflns.pdbx_ordinal                 1 
_reflns.entry_id                     2CBT 
_reflns.observed_criterion_sigma_I   2.000 
_reflns.observed_criterion_sigma_F   ? 
_reflns.d_resolution_low             20.000 
_reflns.d_resolution_high            2.200 
_reflns.number_obs                   9943 
_reflns.number_all                   ? 
_reflns.percent_possible_obs         98.9 
_reflns.pdbx_Rmerge_I_obs            0.06000 
_reflns.pdbx_Rsym_value              ? 
_reflns.pdbx_netI_over_sigmaI        18.3000 
_reflns.B_iso_Wilson_estimate        ? 
_reflns.pdbx_redundancy              11.000 
# 
_reflns_shell.pdbx_diffrn_id         1 
_reflns_shell.pdbx_ordinal           1 
_reflns_shell.d_res_high             2.20 
_reflns_shell.d_res_low              2.26 
_reflns_shell.percent_possible_all   99.9 
_reflns_shell.Rmerge_I_obs           0.46000 
_reflns_shell.pdbx_Rsym_value        ? 
_reflns_shell.meanI_over_sigI_obs    2.900 
_reflns_shell.pdbx_redundancy        11.00 
# 
_refine.pdbx_refine_id                           'X-RAY DIFFRACTION' 
_refine.entry_id                                 2CBT 
_refine.pdbx_diffrn_id                           1 
_refine.pdbx_TLS_residual_ADP_flag               ? 
_refine.ls_number_reflns_obs                     ? 
_refine.ls_number_reflns_all                     ? 
_refine.pdbx_ls_sigma_I                          ? 
_refine.pdbx_ls_sigma_F                          0 
_refine.pdbx_data_cutoff_high_absF               ? 
_refine.pdbx_data_cutoff_low_absF                ? 
_refine.pdbx_data_cutoff_high_rms_absF           ? 
_refine.ls_d_res_low                             20 
_refine.ls_d_res_high                            2.2 
_refine.ls_percent_reflns_obs                    98.9 
_refine.ls_R_factor_obs                          0.218 
_refine.ls_R_factor_all                          ? 
_refine.ls_R_factor_R_work                       ? 
_refine.ls_R_factor_R_free                       0.344 
_refine.ls_R_factor_R_free_error                 ? 
_refine.ls_R_factor_R_free_error_details         ? 
_refine.ls_percent_reflns_R_free                 ? 
_refine.ls_number_reflns_R_free                  ? 
_refine.ls_number_parameters                     ? 
_refine.ls_number_restraints                     ? 
_refine.occupancy_min                            ? 
_refine.occupancy_max                            ? 
_refine.correlation_coeff_Fo_to_Fc               ? 
_refine.correlation_coeff_Fo_to_Fc_free          ? 
_refine.B_iso_mean                               ? 
_refine.aniso_B[1][1]                            ? 
_refine.aniso_B[2][2]                            ? 
_refine.aniso_B[3][3]                            ? 
_refine.aniso_B[1][2]                            ? 
_refine.aniso_B[1][3]                            ? 
_refine.aniso_B[2][3]                            ? 
_refine.solvent_model_details                    ? 
_refine.solvent_model_param_ksol                 ? 
_refine.solvent_model_param_bsol                 ? 
_refine.pdbx_solvent_vdw_probe_radii             ? 
_refine.pdbx_solvent_ion_probe_radii             ? 
_refine.pdbx_solvent_shrinkage_radii             ? 
_refine.pdbx_ls_cross_valid_method               THROUGHOUT 
_refine.details                                  'TWINNING FRACTION 0.42' 
_refine.pdbx_starting_model                      'PDB ENTRY 1NCO' 
_refine.pdbx_method_to_determine_struct          'MOLECULAR REPLACEMENT' 
_refine.pdbx_isotropic_thermal_model             ? 
_refine.pdbx_stereochemistry_target_values       ? 
_refine.pdbx_stereochem_target_val_spec_case     ? 
_refine.pdbx_R_Free_selection_details            RANDOM 
_refine.pdbx_overall_ESU_R                       ? 
_refine.pdbx_overall_ESU_R_Free                  ? 
_refine.overall_SU_ML                            ? 
_refine.pdbx_overall_phase_error                 ? 
_refine.overall_SU_B                             ? 
_refine.overall_SU_R_Cruickshank_DPI             ? 
_refine.pdbx_overall_SU_R_free_Cruickshank_DPI   ? 
_refine.pdbx_overall_SU_R_Blow_DPI               ? 
_refine.pdbx_overall_SU_R_free_Blow_DPI          ? 
# 
_refine_hist.pdbx_refine_id                   'X-RAY DIFFRACTION' 
_refine_hist.cycle_id                         LAST 
_refine_hist.pdbx_number_atoms_protein        1578 
_refine_hist.pdbx_number_atoms_nucleic_acid   0 
_refine_hist.pdbx_number_atoms_ligand         56 
_refine_hist.number_atoms_solvent             30 
_refine_hist.number_atoms_total               1664 
_refine_hist.d_res_high                       2.2 
_refine_hist.d_res_low                        20 
# 
loop_
_refine_ls_restr.type 
_refine_ls_restr.dev_ideal 
_refine_ls_restr.dev_ideal_target 
_refine_ls_restr.weight 
_refine_ls_restr.number 
_refine_ls_restr.pdbx_refine_id 
_refine_ls_restr.pdbx_restraint_function 
s_bond_d               0.008 ? ? ? 'X-RAY DIFFRACTION' ? 
s_angle_d              1.508 ? ? ? 'X-RAY DIFFRACTION' ? 
s_similar_dist         ?     ? ? ? 'X-RAY DIFFRACTION' ? 
s_from_restr_planes    ?     ? ? ? 'X-RAY DIFFRACTION' ? 
s_zero_chiral_vol      ?     ? ? ? 'X-RAY DIFFRACTION' ? 
s_non_zero_chiral_vol  ?     ? ? ? 'X-RAY DIFFRACTION' ? 
s_anti_bump_dis_restr  ?     ? ? ? 'X-RAY DIFFRACTION' ? 
s_rigid_bond_adp_cmpnt ?     ? ? ? 'X-RAY DIFFRACTION' ? 
s_similar_adp_cmpnt    ?     ? ? ? 'X-RAY DIFFRACTION' ? 
s_approx_iso_adps      ?     ? ? ? 'X-RAY DIFFRACTION' ? 
# 
_pdbx_refine.pdbx_refine_id                              'X-RAY DIFFRACTION' 
_pdbx_refine.entry_id                                    2CBT 
_pdbx_refine.R_factor_all_no_cutoff                      ? 
_pdbx_refine.R_factor_obs_no_cutoff                      0.218 
_pdbx_refine.free_R_factor_no_cutoff                     0.344 
_pdbx_refine.free_R_error_no_cutoff                      ? 
_pdbx_refine.free_R_val_test_set_size_perc_no_cutoff     ? 
_pdbx_refine.free_R_val_test_set_ct_no_cutoff            ? 
_pdbx_refine.R_factor_all_4sig_cutoff                    ? 
_pdbx_refine.R_factor_obs_4sig_cutoff                    ? 
_pdbx_refine.free_R_factor_4sig_cutoff                   ? 
_pdbx_refine.free_R_val_test_set_size_perc_4sig_cutoff   ? 
_pdbx_refine.free_R_val_test_set_ct_4sig_cutoff          ? 
_pdbx_refine.number_reflns_obs_4sig_cutoff               9000 
# 
_struct.entry_id                  2CBT 
_struct.title                     'Crystal structure of the neocarzinostatin 4Tes1 mutant bound testosterone hemisuccinate.' 
_struct.pdbx_model_details        ? 
_struct.pdbx_CASP_flag            ? 
_struct.pdbx_model_type_details   ? 
# 
_struct_keywords.entry_id        2CBT 
_struct_keywords.pdbx_keywords   ANTIBIOTIC 
_struct_keywords.text            'ANTIBIOTIC, PHAGE-DISPLAY, HAPTEN BINDING, NEOCARZINOSTATIN, ANTIMICROBIAL, DNA-BINDING' 
# 
loop_
_struct_asym.id 
_struct_asym.pdbx_blank_PDB_chainid_flag 
_struct_asym.pdbx_modified 
_struct_asym.entity_id 
_struct_asym.details 
A N N 1 ? 
B N N 1 ? 
C N N 2 ? 
D N N 2 ? 
E N N 3 ? 
F N N 3 ? 
# 
_struct_biol.id   1 
# 
_struct_conf.conf_type_id            HELX_P 
_struct_conf.id                      HELX_P1 
_struct_conf.pdbx_PDB_helix_id       1 
_struct_conf.beg_label_comp_id       PRO 
_struct_conf.beg_label_asym_id       A 
_struct_conf.beg_label_seq_id        49 
_struct_conf.pdbx_beg_PDB_ins_code   ? 
_struct_conf.end_label_comp_id       ILE 
_struct_conf.end_label_asym_id       A 
_struct_conf.end_label_seq_id        52 
_struct_conf.pdbx_end_PDB_ins_code   ? 
_struct_conf.beg_auth_comp_id        PRO 
_struct_conf.beg_auth_asym_id        A 
_struct_conf.beg_auth_seq_id         1049 
_struct_conf.end_auth_comp_id        ILE 
_struct_conf.end_auth_asym_id        A 
_struct_conf.end_auth_seq_id         1052 
_struct_conf.pdbx_PDB_helix_class    5 
_struct_conf.details                 ? 
_struct_conf.pdbx_PDB_helix_length   4 
# 
_struct_conf_type.id          HELX_P 
_struct_conf_type.criteria    ? 
_struct_conf_type.reference   ? 
# 
loop_
_struct_mon_prot_cis.pdbx_id 
_struct_mon_prot_cis.label_comp_id 
_struct_mon_prot_cis.label_seq_id 
_struct_mon_prot_cis.label_asym_id 
_struct_mon_prot_cis.label_alt_id 
_struct_mon_prot_cis.pdbx_PDB_ins_code 
_struct_mon_prot_cis.auth_comp_id 
_struct_mon_prot_cis.auth_seq_id 
_struct_mon_prot_cis.auth_asym_id 
_struct_mon_prot_cis.pdbx_label_comp_id_2 
_struct_mon_prot_cis.pdbx_label_seq_id_2 
_struct_mon_prot_cis.pdbx_label_asym_id_2 
_struct_mon_prot_cis.pdbx_PDB_ins_code_2 
_struct_mon_prot_cis.pdbx_auth_comp_id_2 
_struct_mon_prot_cis.pdbx_auth_seq_id_2 
_struct_mon_prot_cis.pdbx_auth_asym_id_2 
_struct_mon_prot_cis.pdbx_PDB_model_num 
_struct_mon_prot_cis.pdbx_omega_angle 
1 THR 8 A . ? THR 1008 A PRO 9 A ? PRO 1009 A 1 -5.89 
2 THR 8 B . ? THR 2008 B PRO 9 B ? PRO 2009 B 1 -0.26 
# 
loop_
_struct_sheet.id 
_struct_sheet.type 
_struct_sheet.number_strands 
_struct_sheet.details 
AA ? 3 ? 
AB ? 4 ? 
AC ? 5 ? 
BA ? 3 ? 
BB ? 4 ? 
BC ? 5 ? 
# 
loop_
_struct_sheet_order.sheet_id 
_struct_sheet_order.range_id_1 
_struct_sheet_order.range_id_2 
_struct_sheet_order.offset 
_struct_sheet_order.sense 
AA 1 2 ? anti-parallel 
AA 2 3 ? anti-parallel 
AB 1 2 ? anti-parallel 
AB 2 3 ? anti-parallel 
AB 3 4 ? anti-parallel 
AC 1 2 ? anti-parallel 
AC 2 3 ? anti-parallel 
AC 3 4 ? anti-parallel 
AC 4 5 ? anti-parallel 
BA 1 2 ? anti-parallel 
BA 2 3 ? anti-parallel 
BB 1 2 ? anti-parallel 
BB 2 3 ? anti-parallel 
BB 3 4 ? anti-parallel 
BC 1 2 ? anti-parallel 
BC 2 3 ? anti-parallel 
BC 3 4 ? anti-parallel 
BC 4 5 ? anti-parallel 
# 
loop_
_struct_sheet_range.sheet_id 
_struct_sheet_range.id 
_struct_sheet_range.beg_label_comp_id 
_struct_sheet_range.beg_label_asym_id 
_struct_sheet_range.beg_label_seq_id 
_struct_sheet_range.pdbx_beg_PDB_ins_code 
_struct_sheet_range.end_label_comp_id 
_struct_sheet_range.end_label_asym_id 
_struct_sheet_range.end_label_seq_id 
_struct_sheet_range.pdbx_end_PDB_ins_code 
_struct_sheet_range.beg_auth_comp_id 
_struct_sheet_range.beg_auth_asym_id 
_struct_sheet_range.beg_auth_seq_id 
_struct_sheet_range.end_auth_comp_id 
_struct_sheet_range.end_auth_asym_id 
_struct_sheet_range.end_auth_seq_id 
AA 1 THR A 4   ? THR A 6   ? THR A 1004 THR A 1006 
AA 2 VAL A 18  ? ALA A 24  ? VAL A 1018 ALA A 1024 
AA 3 ALA A 63  ? THR A 68  ? ALA A 1063 THR A 1068 
AB 1 SER A 53  ? THR A 56  ? SER A 1053 THR A 1056 
AB 2 ALA A 31  ? ASP A 41  ? ALA A 1031 ASP A 1041 
AB 3 HIS A 94  ? ARG A 98  ? HIS A 1094 ARG A 1098 
AB 4 VAL A 108 ? ALA A 109 ? VAL A 1108 ALA A 1109 
AC 1 SER A 53  ? THR A 56  ? SER A 1053 THR A 1056 
AC 2 ALA A 31  ? ASP A 41  ? ALA A 1031 ASP A 1041 
AC 3 VAL A 44  ? SER A 47  ? VAL A 1044 SER A 1047 
AC 4 PHE A 73  ? LEU A 77  ? PHE A 1073 LEU A 1077 
AC 5 ARG A 82  ? VAL A 86  ? ARG A 1082 VAL A 1086 
BA 1 THR B 4   ? THR B 6   ? THR B 2004 THR B 2006 
BA 2 THR B 17  ? ALA B 24  ? THR B 2017 ALA B 2024 
BA 3 SER B 64  ? VAL B 69  ? SER B 2064 VAL B 2069 
BB 1 SER B 53  ? THR B 56  ? SER B 2053 THR B 2056 
BB 2 ALA B 31  ? ALA B 38  ? ALA B 2031 ALA B 2038 
BB 3 CYS B 93  ? ARG B 98  ? CYS B 2093 ARG B 2098 
BB 4 VAL B 108 ? ALA B 109 ? VAL B 2108 ALA B 2109 
BC 1 SER B 53  ? THR B 56  ? SER B 2053 THR B 2056 
BC 2 ALA B 31  ? ALA B 38  ? ALA B 2031 ALA B 2038 
BC 3 ALA B 46  ? SER B 47  ? ALA B 2046 SER B 2047 
BC 4 PHE B 73  ? LEU B 77  ? PHE B 2073 LEU B 2077 
BC 5 GLY B 84  ? VAL B 86  ? GLY B 2084 VAL B 2086 
# 
loop_
_pdbx_struct_sheet_hbond.sheet_id 
_pdbx_struct_sheet_hbond.range_id_1 
_pdbx_struct_sheet_hbond.range_id_2 
_pdbx_struct_sheet_hbond.range_1_label_atom_id 
_pdbx_struct_sheet_hbond.range_1_label_comp_id 
_pdbx_struct_sheet_hbond.range_1_label_asym_id 
_pdbx_struct_sheet_hbond.range_1_label_seq_id 
_pdbx_struct_sheet_hbond.range_1_PDB_ins_code 
_pdbx_struct_sheet_hbond.range_1_auth_atom_id 
_pdbx_struct_sheet_hbond.range_1_auth_comp_id 
_pdbx_struct_sheet_hbond.range_1_auth_asym_id 
_pdbx_struct_sheet_hbond.range_1_auth_seq_id 
_pdbx_struct_sheet_hbond.range_2_label_atom_id 
_pdbx_struct_sheet_hbond.range_2_label_comp_id 
_pdbx_struct_sheet_hbond.range_2_label_asym_id 
_pdbx_struct_sheet_hbond.range_2_label_seq_id 
_pdbx_struct_sheet_hbond.range_2_PDB_ins_code 
_pdbx_struct_sheet_hbond.range_2_auth_atom_id 
_pdbx_struct_sheet_hbond.range_2_auth_comp_id 
_pdbx_struct_sheet_hbond.range_2_auth_asym_id 
_pdbx_struct_sheet_hbond.range_2_auth_seq_id 
AA 1 2 N THR A 6  ? N THR A 1006 O ALA A 22  ? O ALA A 1022 
AA 2 3 N GLY A 23 ? N GLY A 1023 O ALA A 63  ? O ALA A 1063 
AB 1 2 N VAL A 55 ? N VAL A 1055 O TYR A 32  ? O TYR A 1032 
AB 2 3 N SER A 37 ? N SER A 1037 O HIS A 94  ? O HIS A 1094 
AB 3 4 N VAL A 95 ? N VAL A 1095 O VAL A 108 ? O VAL A 1108 
AC 1 2 N VAL A 55 ? N VAL A 1055 O TYR A 32  ? O TYR A 1032 
AC 2 3 N ASP A 41 ? N ASP A 1041 O VAL A 44  ? O VAL A 1044 
AC 3 4 N SER A 47 ? N SER A 1047 O PHE A 76  ? O PHE A 1076 
AC 4 5 N GLY A 75 ? N GLY A 1075 O GLY A 84  ? O GLY A 1084 
BA 1 2 N THR B 6  ? N THR B 2006 O ALA B 22  ? O ALA B 2022 
BA 2 3 N VAL B 21 ? N VAL B 2021 O THR B 65  ? O THR B 2065 
BB 1 2 N VAL B 55 ? N VAL B 2055 O TYR B 32  ? O TYR B 2032 
BB 2 3 N SER B 37 ? N SER B 2037 O HIS B 94  ? O HIS B 2094 
BB 3 4 N VAL B 95 ? N VAL B 2095 O VAL B 108 ? O VAL B 2108 
BC 1 2 N VAL B 55 ? N VAL B 2055 O TYR B 32  ? O TYR B 2032 
BC 2 3 N ALA B 38 ? N ALA B 2038 O ALA B 46  ? O ALA B 2046 
BC 3 4 N SER B 47 ? N SER B 2047 O PHE B 76  ? O PHE B 2076 
BC 4 5 N GLY B 75 ? N GLY B 2075 O GLY B 84  ? O GLY B 2084 
# 
loop_
_struct_site.id 
_struct_site.pdbx_evidence_code 
_struct_site.pdbx_auth_asym_id 
_struct_site.pdbx_auth_comp_id 
_struct_site.pdbx_auth_seq_id 
_struct_site.pdbx_auth_ins_code 
_struct_site.pdbx_num_residues 
_struct_site.details 
AC1 Software ? ? ? ? 12 'BINDING SITE FOR RESIDUE TH2 A1120' 
AC2 Software ? ? ? ? 8  'BINDING SITE FOR RESIDUE TH2 B2120' 
# 
loop_
_struct_site_gen.id 
_struct_site_gen.site_id 
_struct_site_gen.pdbx_num_res 
_struct_site_gen.label_comp_id 
_struct_site_gen.label_asym_id 
_struct_site_gen.label_seq_id 
_struct_site_gen.pdbx_auth_ins_code 
_struct_site_gen.auth_comp_id 
_struct_site_gen.auth_asym_id 
_struct_site_gen.auth_seq_id 
_struct_site_gen.label_atom_id 
_struct_site_gen.label_alt_id 
_struct_site_gen.symmetry 
_struct_site_gen.details 
1  AC1 12 TRP A 33  ? TRP A 1033 . ? 1_555 ? 
2  AC1 12 SER A 47  ? SER A 1047 . ? 1_555 ? 
3  AC1 12 PRO A 49  ? PRO A 1049 . ? 1_555 ? 
4  AC1 12 TRP A 78  ? TRP A 1078 . ? 1_555 ? 
5  AC1 12 ARG A 98  ? ARG A 1098 . ? 1_555 ? 
6  AC1 12 ASP A 99  ? ASP A 1099 . ? 1_555 ? 
7  AC1 12 ALA A 100 ? ALA A 1100 . ? 1_555 ? 
8  AC1 12 LEU A 101 ? LEU A 1101 . ? 1_555 ? 
9  AC1 12 SER A 102 ? SER A 1102 . ? 1_555 ? 
10 AC1 12 SER B 11  ? SER B 2011 . ? 1_555 ? 
11 AC1 12 TRP B 33  ? TRP B 2033 . ? 1_555 ? 
12 AC1 12 TH2 D .   ? TH2 B 2120 . ? 1_555 ? 
13 AC2 8  TRP A 33  ? TRP A 1033 . ? 1_555 ? 
14 AC2 8  TH2 C .   ? TH2 A 1120 . ? 1_555 ? 
15 AC2 8  TRP B 33  ? TRP B 2033 . ? 1_555 ? 
16 AC2 8  SER B 47  ? SER B 2047 . ? 1_555 ? 
17 AC2 8  PRO B 49  ? PRO B 2049 . ? 1_555 ? 
18 AC2 8  TRP B 78  ? TRP B 2078 . ? 1_555 ? 
19 AC2 8  ALA B 100 ? ALA B 2100 . ? 1_555 ? 
20 AC2 8  SER B 102 ? SER B 2102 . ? 1_555 ? 
# 
_atom_sites.entry_id                    2CBT 
_atom_sites.fract_transf_matrix[1][1]   -0.01486298 
_atom_sites.fract_transf_matrix[1][2]   0.01323342 
_atom_sites.fract_transf_matrix[1][3]   -0.00935587 
_atom_sites.fract_transf_matrix[2][1]   0.00569952 
_atom_sites.fract_transf_matrix[2][2]   0.01256714 
_atom_sites.fract_transf_matrix[2][3]   -0.01712140 
_atom_sites.fract_transf_matrix[3][1]   -0.00201897 
_atom_sites.fract_transf_matrix[3][2]   -0.00570135 
_atom_sites.fract_transf_matrix[3][3]   -0.00485689 
_atom_sites.fract_transf_vector[1]      -0.448397 
_atom_sites.fract_transf_vector[2]      -0.219926 
_atom_sites.fract_transf_vector[3]      -0.046558 
# 
loop_
_atom_type.symbol 
C 
N 
O 
S 
# 
loop_
_atom_site.group_PDB 
_atom_site.id 
_atom_site.type_symbol 
_atom_site.label_atom_id 
_atom_site.label_alt_id 
_atom_site.label_comp_id 
_atom_site.label_asym_id 
_atom_site.label_entity_id 
_atom_site.label_seq_id 
_atom_site.pdbx_PDB_ins_code 
_atom_site.Cartn_x 
_atom_site.Cartn_y 
_atom_site.Cartn_z 
_atom_site.occupancy 
_atom_site.B_iso_or_equiv 
_atom_site.pdbx_formal_charge 
_atom_site.auth_seq_id 
_atom_site.auth_comp_id 
_atom_site.auth_asym_id 
_atom_site.auth_atom_id 
_atom_site.pdbx_PDB_model_num 
ATOM   1    N N   . ALA A 1 2   ? -8.736  -18.254 17.748  1.00 59.76  ? 1002 ALA A N   1 
ATOM   2    C CA  . ALA A 1 2   ? -7.836  -17.739 16.718  1.00 43.61  ? 1002 ALA A CA  1 
ATOM   3    C C   . ALA A 1 2   ? -8.517  -16.625 15.929  1.00 40.08  ? 1002 ALA A C   1 
ATOM   4    O O   . ALA A 1 2   ? -9.743  -16.529 15.960  1.00 50.07  ? 1002 ALA A O   1 
ATOM   5    C CB  . ALA A 1 2   ? -7.401  -18.883 15.809  1.00 51.57  ? 1002 ALA A CB  1 
ATOM   6    N N   . PRO A 1 3   ? -7.721  -15.806 15.252  1.00 33.05  ? 1003 PRO A N   1 
ATOM   7    C CA  . PRO A 1 3   ? -8.235  -14.673 14.483  1.00 32.29  ? 1003 PRO A CA  1 
ATOM   8    C C   . PRO A 1 3   ? -9.469  -15.004 13.642  1.00 39.29  ? 1003 PRO A C   1 
ATOM   9    O O   . PRO A 1 3   ? -9.489  -16.022 12.955  1.00 45.21  ? 1003 PRO A O   1 
ATOM   10   C CB  . PRO A 1 3   ? -7.067  -14.326 13.553  1.00 31.78  ? 1003 PRO A CB  1 
ATOM   11   C CG  . PRO A 1 3   ? -5.864  -14.687 14.361  1.00 33.66  ? 1003 PRO A CG  1 
ATOM   12   C CD  . PRO A 1 3   ? -6.249  -15.889 15.173  1.00 32.55  ? 1003 PRO A CD  1 
ATOM   13   N N   . THR A 1 4   ? -10.439 -14.112 13.725  1.00 46.72  ? 1004 THR A N   1 
ATOM   14   C CA  . THR A 1 4   ? -11.726 -14.076 13.065  1.00 48.07  ? 1004 THR A CA  1 
ATOM   15   C C   . THR A 1 4   ? -11.846 -12.839 12.177  1.00 49.50  ? 1004 THR A C   1 
ATOM   16   O O   . THR A 1 4   ? -11.183 -11.833 12.451  1.00 59.76  ? 1004 THR A O   1 
ATOM   17   C CB  . THR A 1 4   ? -12.889 -14.055 14.077  1.00 47.25  ? 1004 THR A CB  1 
ATOM   18   O OG1 . THR A 1 4   ? -13.524 -12.767 14.063  1.00 33.32  ? 1004 THR A OG1 1 
ATOM   19   C CG2 . THR A 1 4   ? -12.366 -14.271 15.489  1.00 44.97  ? 1004 THR A CG2 1 
ATOM   20   N N   . ALA A 1 5   ? -12.677 -12.894 11.138  1.00 47.13  ? 1005 ALA A N   1 
ATOM   21   C CA  . ALA A 1 5   ? -12.827 -11.738 10.253  1.00 45.90  ? 1005 ALA A CA  1 
ATOM   22   C C   . ALA A 1 5   ? -14.188 -11.714 9.568   1.00 46.97  ? 1005 ALA A C   1 
ATOM   23   O O   . ALA A 1 5   ? -14.731 -12.758 9.207   1.00 55.84  ? 1005 ALA A O   1 
ATOM   24   C CB  . ALA A 1 5   ? -11.707 -11.726 9.226   1.00 39.21  ? 1005 ALA A CB  1 
ATOM   25   N N   . THR A 1 6   ? -14.743 -10.516 9.398   1.00 46.60  ? 1006 THR A N   1 
ATOM   26   C CA  . THR A 1 6   ? -16.055 -10.314 8.808   1.00 46.53  ? 1006 THR A CA  1 
ATOM   27   C C   . THR A 1 6   ? -16.102 -9.109  7.877   1.00 43.67  ? 1006 THR A C   1 
ATOM   28   O O   . THR A 1 6   ? -15.450 -8.094  8.115   1.00 29.17  ? 1006 THR A O   1 
ATOM   29   C CB  . THR A 1 6   ? -17.152 -10.097 9.877   1.00 47.73  ? 1006 THR A CB  1 
ATOM   30   O OG1 . THR A 1 6   ? -17.569 -8.723  9.837   1.00 30.99  ? 1006 THR A OG1 1 
ATOM   31   C CG2 . THR A 1 6   ? -16.646 -10.348 11.285  1.00 45.47  ? 1006 THR A CG2 1 
ATOM   32   N N   . VAL A 1 7   ? -16.882 -9.183  6.795   1.00 44.41  ? 1007 VAL A N   1 
ATOM   33   C CA  . VAL A 1 7   ? -17.059 -7.980  5.974   1.00 44.12  ? 1007 VAL A CA  1 
ATOM   34   C C   . VAL A 1 7   ? -18.542 -7.765  5.671   1.00 47.65  ? 1007 VAL A C   1 
ATOM   35   O O   . VAL A 1 7   ? -19.339 -8.706  5.649   1.00 37.84  ? 1007 VAL A O   1 
ATOM   36   C CB  . VAL A 1 7   ? -16.252 -8.016  4.672   1.00 40.02  ? 1007 VAL A CB  1 
ATOM   37   C CG1 . VAL A 1 7   ? -16.338 -6.661  3.978   1.00 16.08  ? 1007 VAL A CG1 1 
ATOM   38   C CG2 . VAL A 1 7   ? -14.803 -8.392  4.931   1.00 45.84  ? 1007 VAL A CG2 1 
ATOM   39   N N   . THR A 1 8   ? -18.928 -6.507  5.463   1.00 49.69  ? 1008 THR A N   1 
ATOM   40   C CA  . THR A 1 8   ? -20.339 -6.157  5.345   1.00 49.65  ? 1008 THR A CA  1 
ATOM   41   C C   . THR A 1 8   ? -20.564 -4.859  4.583   1.00 48.65  ? 1008 THR A C   1 
ATOM   42   O O   . THR A 1 8   ? -20.036 -3.804  4.952   1.00 57.16  ? 1008 THR A O   1 
ATOM   43   C CB  . THR A 1 8   ? -20.976 -6.031  6.743   1.00 50.65  ? 1008 THR A CB  1 
ATOM   44   O OG1 . THR A 1 8   ? -21.974 -5.012  6.741   1.00 56.13  ? 1008 THR A OG1 1 
ATOM   45   C CG2 . THR A 1 8   ? -19.913 -5.611  7.754   1.00 48.66  ? 1008 THR A CG2 1 
ATOM   46   N N   . PRO A 1 9   ? -21.358 -4.873  3.517   1.00 45.10  ? 1009 PRO A N   1 
ATOM   47   C CA  . PRO A 1 9   ? -21.939 -6.093  2.951   1.00 42.06  ? 1009 PRO A CA  1 
ATOM   48   C C   . PRO A 1 9   ? -20.910 -6.937  2.201   1.00 34.82  ? 1009 PRO A C   1 
ATOM   49   O O   . PRO A 1 9   ? -20.091 -6.402  1.455   1.00 15.95  ? 1009 PRO A O   1 
ATOM   50   C CB  . PRO A 1 9   ? -22.986 -5.551  1.973   1.00 42.93  ? 1009 PRO A CB  1 
ATOM   51   C CG  . PRO A 1 9   ? -22.487 -4.202  1.578   1.00 42.60  ? 1009 PRO A CG  1 
ATOM   52   C CD  . PRO A 1 9   ? -21.769 -3.659  2.784   1.00 39.45  ? 1009 PRO A CD  1 
ATOM   53   N N   . SER A 1 10  ? -20.949 -8.249  2.417   1.00 32.59  ? 1010 SER A N   1 
ATOM   54   C CA  . SER A 1 10  ? -19.987 -9.175  1.835   1.00 27.59  ? 1010 SER A CA  1 
ATOM   55   C C   . SER A 1 10  ? -20.374 -9.624  0.429   1.00 30.80  ? 1010 SER A C   1 
ATOM   56   O O   . SER A 1 10  ? -19.537 -10.102 -0.342  1.00 30.74  ? 1010 SER A O   1 
ATOM   57   C CB  . SER A 1 10  ? -19.841 -10.405 2.741   1.00 13.58  ? 1010 SER A CB  1 
ATOM   58   O OG  . SER A 1 10  ? -20.957 -10.486 3.609   1.00 12.85  ? 1010 SER A OG  1 
ATOM   59   N N   . SER A 1 11  ? -21.652 -9.466  0.110   1.00 29.01  ? 1011 SER A N   1 
ATOM   60   C CA  . SER A 1 11  ? -22.188 -9.850  -1.189  1.00 28.31  ? 1011 SER A CA  1 
ATOM   61   C C   . SER A 1 11  ? -23.159 -8.790  -1.691  1.00 31.63  ? 1011 SER A C   1 
ATOM   62   O O   . SER A 1 11  ? -23.689 -8.001  -0.899  1.00 22.64  ? 1011 SER A O   1 
ATOM   63   C CB  . SER A 1 11  ? -22.848 -11.223 -1.072  1.00 29.85  ? 1011 SER A CB  1 
ATOM   64   O OG  . SER A 1 11  ? -22.157 -12.016 -0.114  1.00 29.58  ? 1011 SER A OG  1 
ATOM   65   N N   . GLY A 1 12  ? -23.382 -8.755  -3.000  1.00 35.95  ? 1012 GLY A N   1 
ATOM   66   C CA  . GLY A 1 12  ? -24.241 -7.764  -3.624  1.00 39.92  ? 1012 GLY A CA  1 
ATOM   67   C C   . GLY A 1 12  ? -23.601 -6.386  -3.679  1.00 45.43  ? 1012 GLY A C   1 
ATOM   68   O O   . GLY A 1 12  ? -24.234 -5.386  -3.344  1.00 61.25  ? 1012 GLY A O   1 
ATOM   69   N N   . LEU A 1 13  ? -22.332 -6.331  -4.099  1.00 44.97  ? 1013 LEU A N   1 
ATOM   70   C CA  . LEU A 1 13  ? -21.542 -5.109  -4.096  1.00 35.04  ? 1013 LEU A CA  1 
ATOM   71   C C   . LEU A 1 13  ? -21.301 -4.571  -5.504  1.00 35.25  ? 1013 LEU A C   1 
ATOM   72   O O   . LEU A 1 13  ? -21.873 -5.092  -6.461  1.00 47.28  ? 1013 LEU A O   1 
ATOM   73   C CB  . LEU A 1 13  ? -20.186 -5.359  -3.419  1.00 23.37  ? 1013 LEU A CB  1 
ATOM   74   C CG  . LEU A 1 13  ? -20.244 -6.209  -2.146  1.00 15.40  ? 1013 LEU A CG  1 
ATOM   75   C CD1 . LEU A 1 13  ? -18.855 -6.675  -1.739  1.00 17.20  ? 1013 LEU A CD1 1 
ATOM   76   C CD2 . LEU A 1 13  ? -20.907 -5.413  -1.035  1.00 28.45  ? 1013 LEU A CD2 1 
ATOM   77   N N   . SER A 1 14  ? -20.454 -3.554  -5.586  1.00 34.08  ? 1014 SER A N   1 
ATOM   78   C CA  . SER A 1 14  ? -20.089 -2.895  -6.831  1.00 39.80  ? 1014 SER A CA  1 
ATOM   79   C C   . SER A 1 14  ? -18.795 -2.100  -6.710  1.00 42.66  ? 1014 SER A C   1 
ATOM   80   O O   . SER A 1 14  ? -18.020 -2.259  -5.761  1.00 49.32  ? 1014 SER A O   1 
ATOM   81   C CB  . SER A 1 14  ? -21.230 -1.973  -7.278  1.00 43.29  ? 1014 SER A CB  1 
ATOM   82   O OG  . SER A 1 14  ? -22.371 -2.171  -6.448  1.00 60.12  ? 1014 SER A OG  1 
ATOM   83   N N   . ASP A 1 15  ? -18.535 -1.216  -7.678  1.00 42.00  ? 1015 ASP A N   1 
ATOM   84   C CA  . ASP A 1 15  ? -17.343 -0.377  -7.576  1.00 43.10  ? 1015 ASP A CA  1 
ATOM   85   C C   . ASP A 1 15  ? -17.646 0.892   -6.784  1.00 50.35  ? 1015 ASP A C   1 
ATOM   86   O O   . ASP A 1 15  ? -18.438 1.717   -7.243  1.00 47.82  ? 1015 ASP A O   1 
ATOM   87   C CB  . ASP A 1 15  ? -16.807 -0.019  -8.957  1.00 35.89  ? 1015 ASP A CB  1 
ATOM   88   C CG  . ASP A 1 15  ? -15.761 1.078   -8.933  1.00 30.73  ? 1015 ASP A CG  1 
ATOM   89   O OD1 . ASP A 1 15  ? -14.564 0.795   -9.159  1.00 18.35  ? 1015 ASP A OD1 1 
ATOM   90   O OD2 . ASP A 1 15  ? -16.129 2.242   -8.693  1.00 34.10  ? 1015 ASP A OD2 1 
ATOM   91   N N   . GLY A 1 16  ? -17.009 1.037   -5.625  1.00 53.59  ? 1016 GLY A N   1 
ATOM   92   C CA  . GLY A 1 16  ? -17.168 2.203   -4.779  1.00 48.89  ? 1016 GLY A CA  1 
ATOM   93   C C   . GLY A 1 16  ? -17.918 1.904   -3.492  1.00 41.36  ? 1016 GLY A C   1 
ATOM   94   O O   . GLY A 1 16  ? -17.855 2.657   -2.522  1.00 40.87  ? 1016 GLY A O   1 
ATOM   95   N N   . THR A 1 17  ? -18.632 0.785   -3.488  1.00 36.69  ? 1017 THR A N   1 
ATOM   96   C CA  . THR A 1 17  ? -19.433 0.373   -2.336  1.00 37.15  ? 1017 THR A CA  1 
ATOM   97   C C   . THR A 1 17  ? -18.563 0.221   -1.094  1.00 39.05  ? 1017 THR A C   1 
ATOM   98   O O   . THR A 1 17  ? -17.558 -0.486  -1.112  1.00 39.58  ? 1017 THR A O   1 
ATOM   99   C CB  . THR A 1 17  ? -20.172 -0.940  -2.641  1.00 37.10  ? 1017 THR A CB  1 
ATOM   100  O OG1 . THR A 1 17  ? -21.243 -0.672  -3.559  1.00 18.48  ? 1017 THR A OG1 1 
ATOM   101  C CG2 . THR A 1 17  ? -20.790 -1.515  -1.375  1.00 38.59  ? 1017 THR A CG2 1 
ATOM   102  N N   . VAL A 1 18  ? -18.951 0.899   -0.022  1.00 39.73  ? 1018 VAL A N   1 
ATOM   103  C CA  . VAL A 1 18  ? -18.210 0.925   1.229   1.00 26.69  ? 1018 VAL A CA  1 
ATOM   104  C C   . VAL A 1 18  ? -18.710 -0.130  2.207   1.00 17.84  ? 1018 VAL A C   1 
ATOM   105  O O   . VAL A 1 18  ? -19.899 -0.195  2.510   1.00 13.23  ? 1018 VAL A O   1 
ATOM   106  C CB  . VAL A 1 18  ? -18.304 2.306   1.909   1.00 35.11  ? 1018 VAL A CB  1 
ATOM   107  C CG1 . VAL A 1 18  ? -17.332 2.370   3.080   1.00 38.83  ? 1018 VAL A CG1 1 
ATOM   108  C CG2 . VAL A 1 18  ? -18.026 3.419   0.910   1.00 41.96  ? 1018 VAL A CG2 1 
ATOM   109  N N   . VAL A 1 19  ? -17.785 -0.942  2.703   1.00 21.64  ? 1019 VAL A N   1 
ATOM   110  C CA  . VAL A 1 19  ? -18.120 -2.042  3.597   1.00 30.07  ? 1019 VAL A CA  1 
ATOM   111  C C   . VAL A 1 19  ? -17.329 -1.982  4.902   1.00 34.56  ? 1019 VAL A C   1 
ATOM   112  O O   . VAL A 1 19  ? -16.283 -1.325  4.973   1.00 31.48  ? 1019 VAL A O   1 
ATOM   113  C CB  . VAL A 1 19  ? -17.844 -3.394  2.917   1.00 24.96  ? 1019 VAL A CB  1 
ATOM   114  C CG1 . VAL A 1 19  ? -18.535 -3.430  1.561   1.00 23.33  ? 1019 VAL A CG1 1 
ATOM   115  C CG2 . VAL A 1 19  ? -16.345 -3.611  2.781   1.00 23.51  ? 1019 VAL A CG2 1 
ATOM   116  N N   . LYS A 1 20  ? -17.850 -2.678  5.903   1.00 34.06  ? 1020 LYS A N   1 
ATOM   117  C CA  . LYS A 1 20  ? -17.292 -2.699  7.246   1.00 34.73  ? 1020 LYS A CA  1 
ATOM   118  C C   . LYS A 1 20  ? -16.574 -4.008  7.553   1.00 33.22  ? 1020 LYS A C   1 
ATOM   119  O O   . LYS A 1 20  ? -17.180 -5.042  7.812   1.00 50.93  ? 1020 LYS A O   1 
ATOM   120  C CB  . LYS A 1 20  ? -18.402 -2.451  8.276   1.00 33.95  ? 1020 LYS A CB  1 
ATOM   121  C CG  . LYS A 1 20  ? -17.955 -2.526  9.728   1.00 31.26  ? 1020 LYS A CG  1 
ATOM   122  C CD  . LYS A 1 20  ? -19.017 -3.192  10.592  1.00 26.17  ? 1020 LYS A CD  1 
ATOM   123  C CE  . LYS A 1 20  ? -18.828 -4.706  10.626  1.00 21.54  ? 1020 LYS A CE  1 
ATOM   124  N NZ  . LYS A 1 20  ? -19.934 -5.376  11.385  1.00 18.44  ? 1020 LYS A NZ  1 
ATOM   125  N N   . VAL A 1 21  ? -15.251 -3.946  7.534   1.00 27.97  ? 1021 VAL A N   1 
ATOM   126  C CA  . VAL A 1 21  ? -14.411 -5.076  7.900   1.00 27.65  ? 1021 VAL A CA  1 
ATOM   127  C C   . VAL A 1 21  ? -14.093 -5.067  9.390   1.00 33.86  ? 1021 VAL A C   1 
ATOM   128  O O   . VAL A 1 21  ? -13.740 -4.031  9.961   1.00 42.05  ? 1021 VAL A O   1 
ATOM   129  C CB  . VAL A 1 21  ? -13.100 -5.053  7.086   1.00 27.36  ? 1021 VAL A CB  1 
ATOM   130  C CG1 . VAL A 1 21  ? -12.175 -6.184  7.498   1.00 20.48  ? 1021 VAL A CG1 1 
ATOM   131  C CG2 . VAL A 1 21  ? -13.426 -5.119  5.598   1.00 33.91  ? 1021 VAL A CG2 1 
ATOM   132  N N   . ALA A 1 22  ? -14.215 -6.228  10.021  1.00 30.50  ? 1022 ALA A N   1 
ATOM   133  C CA  . ALA A 1 22  ? -13.967 -6.391  11.448  1.00 27.43  ? 1022 ALA A CA  1 
ATOM   134  C C   . ALA A 1 22  ? -13.226 -7.693  11.719  1.00 25.23  ? 1022 ALA A C   1 
ATOM   135  O O   . ALA A 1 22  ? -13.331 -8.635  10.932  1.00 26.88  ? 1022 ALA A O   1 
ATOM   136  C CB  . ALA A 1 22  ? -15.288 -6.331  12.204  1.00 9.57   ? 1022 ALA A CB  1 
ATOM   137  N N   . GLY A 1 23  ? -12.477 -7.775  12.816  1.00 25.87  ? 1023 GLY A N   1 
ATOM   138  C CA  . GLY A 1 23  ? -11.713 -8.972  13.123  1.00 26.38  ? 1023 GLY A CA  1 
ATOM   139  C C   . GLY A 1 23  ? -11.591 -9.247  14.612  1.00 26.80  ? 1023 GLY A C   1 
ATOM   140  O O   . GLY A 1 23  ? -11.845 -8.365  15.440  1.00 31.83  ? 1023 GLY A O   1 
ATOM   141  N N   . ALA A 1 24  ? -11.200 -10.477 14.961  1.00 15.41  ? 1024 ALA A N   1 
ATOM   142  C CA  . ALA A 1 24  ? -11.030 -10.834 16.367  1.00 9.43   ? 1024 ALA A CA  1 
ATOM   143  C C   . ALA A 1 24  ? -9.922  -11.864 16.534  1.00 13.36  ? 1024 ALA A C   1 
ATOM   144  O O   . ALA A 1 24  ? -9.355  -12.348 15.555  1.00 36.86  ? 1024 ALA A O   1 
ATOM   145  C CB  . ALA A 1 24  ? -12.338 -11.329 16.958  1.00 25.18  ? 1024 ALA A CB  1 
ATOM   146  N N   . GLY A 1 25  ? -9.571  -12.198 17.770  1.00 16.66  ? 1025 GLY A N   1 
ATOM   147  C CA  . GLY A 1 25  ? -8.465  -13.114 18.026  1.00 18.24  ? 1025 GLY A CA  1 
ATOM   148  C C   . GLY A 1 25  ? -7.121  -12.455 17.767  1.00 20.45  ? 1025 GLY A C   1 
ATOM   149  O O   . GLY A 1 25  ? -6.075  -13.094 17.871  1.00 22.09  ? 1025 GLY A O   1 
ATOM   150  N N   . LEU A 1 26  ? -7.148  -11.170 17.435  1.00 20.93  ? 1026 LEU A N   1 
ATOM   151  C CA  . LEU A 1 26  ? -5.971  -10.402 17.069  1.00 25.66  ? 1026 LEU A CA  1 
ATOM   152  C C   . LEU A 1 26  ? -5.080  -10.091 18.266  1.00 24.98  ? 1026 LEU A C   1 
ATOM   153  O O   . LEU A 1 26  ? -5.507  -10.208 19.410  1.00 23.11  ? 1026 LEU A O   1 
ATOM   154  C CB  . LEU A 1 26  ? -6.423  -9.107  16.375  1.00 29.19  ? 1026 LEU A CB  1 
ATOM   155  C CG  . LEU A 1 26  ? -7.746  -9.139  15.620  1.00 22.26  ? 1026 LEU A CG  1 
ATOM   156  C CD1 . LEU A 1 26  ? -8.040  -7.815  14.921  1.00 0.98   ? 1026 LEU A CD1 1 
ATOM   157  C CD2 . LEU A 1 26  ? -7.748  -10.274 14.599  1.00 37.91  ? 1026 LEU A CD2 1 
ATOM   158  N N   . GLN A 1 27  ? -3.837  -9.694  18.023  1.00 26.33  ? 1027 GLN A N   1 
ATOM   159  C CA  . GLN A 1 27  ? -2.882  -9.321  19.056  1.00 23.66  ? 1027 GLN A CA  1 
ATOM   160  C C   . GLN A 1 27  ? -2.939  -7.825  19.390  1.00 25.63  ? 1027 GLN A C   1 
ATOM   161  O O   . GLN A 1 27  ? -2.439  -6.966  18.661  1.00 16.64  ? 1027 GLN A O   1 
ATOM   162  C CB  . GLN A 1 27  ? -1.461  -9.712  18.627  1.00 23.85  ? 1027 GLN A CB  1 
ATOM   163  C CG  . GLN A 1 27  ? -0.606  -10.285 19.743  1.00 29.56  ? 1027 GLN A CG  1 
ATOM   164  C CD  . GLN A 1 27  ? -0.075  -11.671 19.450  1.00 33.91  ? 1027 GLN A CD  1 
ATOM   165  O OE1 . GLN A 1 27  ? 1.106   -11.835 19.135  1.00 44.94  ? 1027 GLN A OE1 1 
ATOM   166  N NE2 . GLN A 1 27  ? -0.939  -12.679 19.557  1.00 43.49  ? 1027 GLN A NE2 1 
ATOM   167  N N   . ALA A 1 28  ? -3.560  -7.546  20.525  1.00 25.90  ? 1028 ALA A N   1 
ATOM   168  C CA  . ALA A 1 28  ? -3.838  -6.237  21.086  1.00 32.97  ? 1028 ALA A CA  1 
ATOM   169  C C   . ALA A 1 28  ? -2.714  -5.235  20.876  1.00 28.46  ? 1028 ALA A C   1 
ATOM   170  O O   . ALA A 1 28  ? -1.550  -5.442  21.221  1.00 23.10  ? 1028 ALA A O   1 
ATOM   171  C CB  . ALA A 1 28  ? -4.134  -6.364  22.584  1.00 41.62  ? 1028 ALA A CB  1 
ATOM   172  N N   . GLY A 1 29  ? -3.078  -4.091  20.304  1.00 25.09  ? 1029 GLY A N   1 
ATOM   173  C CA  . GLY A 1 29  ? -2.112  -3.047  20.012  1.00 25.05  ? 1029 GLY A CA  1 
ATOM   174  C C   . GLY A 1 29  ? -1.464  -3.265  18.659  1.00 27.01  ? 1029 GLY A C   1 
ATOM   175  O O   . GLY A 1 29  ? -0.818  -2.393  18.080  1.00 22.05  ? 1029 GLY A O   1 
ATOM   176  N N   . THR A 1 30  ? -1.630  -4.478  18.120  1.00 24.56  ? 1030 THR A N   1 
ATOM   177  C CA  . THR A 1 30  ? -0.928  -4.719  16.856  1.00 17.95  ? 1030 THR A CA  1 
ATOM   178  C C   . THR A 1 30  ? -1.733  -4.129  15.700  1.00 1.46   ? 1030 THR A C   1 
ATOM   179  O O   . THR A 1 30  ? -2.960  -4.169  15.741  1.00 9.12   ? 1030 THR A O   1 
ATOM   180  C CB  . THR A 1 30  ? -0.648  -6.212  16.646  1.00 24.21  ? 1030 THR A CB  1 
ATOM   181  O OG1 . THR A 1 30  ? 0.017   -6.733  17.807  1.00 15.37  ? 1030 THR A OG1 1 
ATOM   182  C CG2 . THR A 1 30  ? 0.305   -6.425  15.476  1.00 33.05  ? 1030 THR A CG2 1 
ATOM   183  N N   . ALA A 1 31  ? -0.990  -3.604  14.749  1.00 0.00   ? 1031 ALA A N   1 
ATOM   184  C CA  . ALA A 1 31  ? -1.420  -3.019  13.503  1.00 6.51   ? 1031 ALA A CA  1 
ATOM   185  C C   . ALA A 1 31  ? -1.687  -4.082  12.436  1.00 13.66  ? 1031 ALA A C   1 
ATOM   186  O O   . ALA A 1 31  ? -0.794  -4.864  12.106  1.00 17.28  ? 1031 ALA A O   1 
ATOM   187  C CB  . ALA A 1 31  ? -0.354  -2.065  12.982  1.00 1.82   ? 1031 ALA A CB  1 
ATOM   188  N N   . TYR A 1 32  ? -2.897  -4.104  11.893  1.00 22.15  ? 1032 TYR A N   1 
ATOM   189  C CA  . TYR A 1 32  ? -3.260  -5.092  10.883  1.00 23.62  ? 1032 TYR A CA  1 
ATOM   190  C C   . TYR A 1 32  ? -3.673  -4.454  9.566   1.00 20.84  ? 1032 TYR A C   1 
ATOM   191  O O   . TYR A 1 32  ? -4.652  -3.711  9.487   1.00 13.48  ? 1032 TYR A O   1 
ATOM   192  C CB  . TYR A 1 32  ? -4.404  -5.965  11.390  1.00 24.60  ? 1032 TYR A CB  1 
ATOM   193  C CG  . TYR A 1 32  ? -4.056  -6.939  12.488  1.00 23.39  ? 1032 TYR A CG  1 
ATOM   194  C CD1 . TYR A 1 32  ? -4.260  -6.619  13.825  1.00 15.33  ? 1032 TYR A CD1 1 
ATOM   195  C CD2 . TYR A 1 32  ? -3.529  -8.189  12.186  1.00 24.72  ? 1032 TYR A CD2 1 
ATOM   196  C CE1 . TYR A 1 32  ? -3.940  -7.516  14.823  1.00 14.62  ? 1032 TYR A CE1 1 
ATOM   197  C CE2 . TYR A 1 32  ? -3.209  -9.092  13.181  1.00 22.71  ? 1032 TYR A CE2 1 
ATOM   198  C CZ  . TYR A 1 32  ? -3.416  -8.751  14.501  1.00 21.24  ? 1032 TYR A CZ  1 
ATOM   199  O OH  . TYR A 1 32  ? -3.097  -9.652  15.493  1.00 18.12  ? 1032 TYR A OH  1 
ATOM   200  N N   . TRP A 1 33  ? -2.935  -4.754  8.495   1.00 19.40  ? 1033 TRP A N   1 
ATOM   201  C CA  . TRP A 1 33  ? -3.344  -4.238  7.192   1.00 16.75  ? 1033 TRP A CA  1 
ATOM   202  C C   . TRP A 1 33  ? -4.753  -4.704  6.836   1.00 19.75  ? 1033 TRP A C   1 
ATOM   203  O O   . TRP A 1 33  ? -5.086  -5.883  6.949   1.00 26.27  ? 1033 TRP A O   1 
ATOM   204  C CB  . TRP A 1 33  ? -2.369  -4.686  6.111   1.00 16.61  ? 1033 TRP A CB  1 
ATOM   205  C CG  . TRP A 1 33  ? -1.015  -4.054  6.139   1.00 14.41  ? 1033 TRP A CG  1 
ATOM   206  C CD1 . TRP A 1 33  ? 0.164   -4.692  6.399   1.00 13.98  ? 1033 TRP A CD1 1 
ATOM   207  C CD2 . TRP A 1 33  ? -0.680  -2.681  5.897   1.00 6.03   ? 1033 TRP A CD2 1 
ATOM   208  N NE1 . TRP A 1 33  ? 1.214   -3.805  6.335   1.00 9.76   ? 1033 TRP A NE1 1 
ATOM   209  C CE2 . TRP A 1 33  ? 0.714   -2.564  6.030   1.00 11.68  ? 1033 TRP A CE2 1 
ATOM   210  C CE3 . TRP A 1 33  ? -1.426  -1.541  5.583   1.00 6.03   ? 1033 TRP A CE3 1 
ATOM   211  C CZ2 . TRP A 1 33  ? 1.382   -1.350  5.860   1.00 16.27  ? 1033 TRP A CZ2 1 
ATOM   212  C CZ3 . TRP A 1 33  ? -0.766  -0.342  5.414   1.00 11.72  ? 1033 TRP A CZ3 1 
ATOM   213  C CH2 . TRP A 1 33  ? 0.625   -0.252  5.551   1.00 13.84  ? 1033 TRP A CH2 1 
ATOM   214  N N   . VAL A 1 34  ? -5.584  -3.774  6.387   1.00 27.02  ? 1034 VAL A N   1 
ATOM   215  C CA  . VAL A 1 34  ? -6.936  -4.105  5.938   1.00 28.04  ? 1034 VAL A CA  1 
ATOM   216  C C   . VAL A 1 34  ? -7.107  -3.806  4.453   1.00 29.17  ? 1034 VAL A C   1 
ATOM   217  O O   . VAL A 1 34  ? -7.508  -2.710  4.066   1.00 32.31  ? 1034 VAL A O   1 
ATOM   218  C CB  . VAL A 1 34  ? -7.999  -3.320  6.725   1.00 22.20  ? 1034 VAL A CB  1 
ATOM   219  C CG1 . VAL A 1 34  ? -9.350  -3.432  6.037   1.00 38.45  ? 1034 VAL A CG1 1 
ATOM   220  C CG2 . VAL A 1 34  ? -8.039  -3.818  8.160   1.00 3.79   ? 1034 VAL A CG2 1 
ATOM   221  N N   . ALA A 1 35  ? -6.790  -4.788  3.619   1.00 31.61  ? 1035 ALA A N   1 
ATOM   222  C CA  . ALA A 1 35  ? -6.829  -4.572  2.181   1.00 26.36  ? 1035 ALA A CA  1 
ATOM   223  C C   . ALA A 1 35  ? -7.736  -5.580  1.490   1.00 25.21  ? 1035 ALA A C   1 
ATOM   224  O O   . ALA A 1 35  ? -8.162  -6.563  2.088   1.00 41.45  ? 1035 ALA A O   1 
ATOM   225  C CB  . ALA A 1 35  ? -5.425  -4.660  1.586   1.00 29.39  ? 1035 ALA A CB  1 
ATOM   226  N N   . GLN A 1 36  ? -8.005  -5.306  0.221   1.00 18.28  ? 1036 GLN A N   1 
ATOM   227  C CA  . GLN A 1 36  ? -8.784  -6.225  -0.603  1.00 24.85  ? 1036 GLN A CA  1 
ATOM   228  C C   . GLN A 1 36  ? -7.840  -6.958  -1.545  1.00 28.13  ? 1036 GLN A C   1 
ATOM   229  O O   . GLN A 1 36  ? -6.791  -6.439  -1.935  1.00 28.79  ? 1036 GLN A O   1 
ATOM   230  C CB  . GLN A 1 36  ? -9.869  -5.456  -1.341  1.00 28.44  ? 1036 GLN A CB  1 
ATOM   231  C CG  . GLN A 1 36  ? -10.245 -5.989  -2.713  1.00 32.48  ? 1036 GLN A CG  1 
ATOM   232  C CD  . GLN A 1 36  ? -10.837 -4.890  -3.586  1.00 38.88  ? 1036 GLN A CD  1 
ATOM   233  O OE1 . GLN A 1 36  ? -10.155 -3.906  -3.888  1.00 55.86  ? 1036 GLN A OE1 1 
ATOM   234  N NE2 . GLN A 1 36  ? -12.094 -5.053  -3.957  1.00 52.70  ? 1036 GLN A NE2 1 
ATOM   235  N N   . SER A 1 37  ? -8.173  -8.189  -1.921  1.00 22.52  ? 1037 SER A N   1 
ATOM   236  C CA  . SER A 1 37  ? -7.265  -8.934  -2.788  1.00 19.41  ? 1037 SER A CA  1 
ATOM   237  C C   . SER A 1 37  ? -8.022  -9.969  -3.608  1.00 31.58  ? 1037 SER A C   1 
ATOM   238  O O   . SER A 1 37  ? -9.241  -10.060 -3.489  1.00 42.86  ? 1037 SER A O   1 
ATOM   239  C CB  . SER A 1 37  ? -6.196  -9.607  -1.930  1.00 19.36  ? 1037 SER A CB  1 
ATOM   240  O OG  . SER A 1 37  ? -6.195  -9.027  -0.632  1.00 25.36  ? 1037 SER A OG  1 
ATOM   241  N N   . ALA A 1 38  ? -7.284  -10.717 -4.409  1.00 38.22  ? 1038 ALA A N   1 
ATOM   242  C CA  . ALA A 1 38  ? -7.744  -11.860 -5.177  1.00 35.23  ? 1038 ALA A CA  1 
ATOM   243  C C   . ALA A 1 38  ? -6.540  -12.756 -5.461  1.00 30.40  ? 1038 ALA A C   1 
ATOM   244  O O   . ALA A 1 38  ? -5.642  -12.309 -6.172  1.00 32.29  ? 1038 ALA A O   1 
ATOM   245  C CB  . ALA A 1 38  ? -8.420  -11.458 -6.474  1.00 24.09  ? 1038 ALA A CB  1 
ATOM   246  N N   . TRP A 1 39  ? -6.531  -13.953 -4.904  1.00 35.09  ? 1039 TRP A N   1 
ATOM   247  C CA  . TRP A 1 39  ? -5.444  -14.905 -5.088  1.00 42.38  ? 1039 TRP A CA  1 
ATOM   248  C C   . TRP A 1 39  ? -5.068  -15.024 -6.557  1.00 50.30  ? 1039 TRP A C   1 
ATOM   249  O O   . TRP A 1 39  ? -5.563  -15.923 -7.246  1.00 65.09  ? 1039 TRP A O   1 
ATOM   250  C CB  . TRP A 1 39  ? -5.856  -16.277 -4.547  1.00 45.57  ? 1039 TRP A CB  1 
ATOM   251  C CG  . TRP A 1 39  ? -5.134  -16.710 -3.316  1.00 57.01  ? 1039 TRP A CG  1 
ATOM   252  C CD1 . TRP A 1 39  ? -4.255  -15.959 -2.591  1.00 64.18  ? 1039 TRP A CD1 1 
ATOM   253  C CD2 . TRP A 1 39  ? -5.213  -17.976 -2.651  1.00 63.64  ? 1039 TRP A CD2 1 
ATOM   254  N NE1 . TRP A 1 39  ? -3.788  -16.683 -1.519  1.00 66.77  ? 1039 TRP A NE1 1 
ATOM   255  C CE2 . TRP A 1 39  ? -4.360  -17.927 -1.534  1.00 63.91  ? 1039 TRP A CE2 1 
ATOM   256  C CE3 . TRP A 1 39  ? -5.925  -19.157 -2.887  1.00 68.79  ? 1039 TRP A CE3 1 
ATOM   257  C CZ2 . TRP A 1 39  ? -4.191  -18.996 -0.656  1.00 64.71  ? 1039 TRP A CZ2 1 
ATOM   258  C CZ3 . TRP A 1 39  ? -5.758  -20.219 -2.018  1.00 69.24  ? 1039 TRP A CZ3 1 
ATOM   259  C CH2 . TRP A 1 39  ? -4.898  -20.138 -0.914  1.00 66.86  ? 1039 TRP A CH2 1 
ATOM   260  N N   . VAL A 1 40  ? -4.212  -14.146 -7.086  1.00 48.33  ? 1040 VAL A N   1 
ATOM   261  C CA  . VAL A 1 40  ? -3.941  -14.256 -8.523  1.00 41.94  ? 1040 VAL A CA  1 
ATOM   262  C C   . VAL A 1 40  ? -3.276  -15.592 -8.817  1.00 39.04  ? 1040 VAL A C   1 
ATOM   263  O O   . VAL A 1 40  ? -3.436  -16.166 -9.890  1.00 45.82  ? 1040 VAL A O   1 
ATOM   264  C CB  . VAL A 1 40  ? -3.051  -13.136 -9.083  1.00 40.73  ? 1040 VAL A CB  1 
ATOM   265  C CG1 . VAL A 1 40  ? -3.821  -11.824 -9.115  1.00 46.57  ? 1040 VAL A CG1 1 
ATOM   266  C CG2 . VAL A 1 40  ? -1.764  -13.015 -8.282  1.00 28.44  ? 1040 VAL A CG2 1 
ATOM   267  N N   . ASP A 1 41  ? -2.523  -16.074 -7.831  1.00 37.27  ? 1041 ASP A N   1 
ATOM   268  C CA  . ASP A 1 41  ? -1.930  -17.395 -8.004  1.00 38.96  ? 1041 ASP A CA  1 
ATOM   269  C C   . ASP A 1 41  ? -2.179  -18.227 -6.750  1.00 33.39  ? 1041 ASP A C   1 
ATOM   270  O O   . ASP A 1 41  ? -2.750  -17.725 -5.786  1.00 35.07  ? 1041 ASP A O   1 
ATOM   271  C CB  . ASP A 1 41  ? -0.437  -17.327 -8.312  1.00 44.11  ? 1041 ASP A CB  1 
ATOM   272  C CG  . ASP A 1 41  ? 0.014   -18.466 -9.211  1.00 42.16  ? 1041 ASP A CG  1 
ATOM   273  O OD1 . ASP A 1 41  ? 0.986   -18.276 -9.972  1.00 28.37  ? 1041 ASP A OD1 1 
ATOM   274  O OD2 . ASP A 1 41  ? -0.603  -19.549 -9.153  1.00 54.73  ? 1041 ASP A OD2 1 
ATOM   275  N N   . THR A 1 42  ? -1.739  -19.472 -6.822  1.00 37.61  ? 1042 THR A N   1 
ATOM   276  C CA  . THR A 1 42  ? -1.906  -20.421 -5.725  1.00 43.37  ? 1042 THR A CA  1 
ATOM   277  C C   . THR A 1 42  ? -1.004  -20.029 -4.558  1.00 50.33  ? 1042 THR A C   1 
ATOM   278  O O   . THR A 1 42  ? 0.210   -20.222 -4.592  1.00 51.90  ? 1042 THR A O   1 
ATOM   279  C CB  . THR A 1 42  ? -1.625  -21.852 -6.213  1.00 36.76  ? 1042 THR A CB  1 
ATOM   280  O OG1 . THR A 1 42  ? -1.581  -21.857 -7.646  1.00 30.49  ? 1042 THR A OG1 1 
ATOM   281  C CG2 . THR A 1 42  ? -2.753  -22.795 -5.822  1.00 40.98  ? 1042 THR A CG2 1 
ATOM   282  N N   . GLY A 1 43  ? -1.622  -19.454 -3.533  1.00 55.84  ? 1043 GLY A N   1 
ATOM   283  C CA  . GLY A 1 43  ? -0.953  -18.970 -2.345  1.00 58.20  ? 1043 GLY A CA  1 
ATOM   284  C C   . GLY A 1 43  ? -0.579  -17.502 -2.414  1.00 59.66  ? 1043 GLY A C   1 
ATOM   285  O O   . GLY A 1 43  ? -0.137  -16.916 -1.420  1.00 62.34  ? 1043 GLY A O   1 
ATOM   286  N N   . VAL A 1 44  ? -0.738  -16.877 -3.581  1.00 55.76  ? 1044 VAL A N   1 
ATOM   287  C CA  . VAL A 1 44  ? -0.311  -15.497 -3.775  1.00 45.20  ? 1044 VAL A CA  1 
ATOM   288  C C   . VAL A 1 44  ? -1.484  -14.578 -4.098  1.00 39.28  ? 1044 VAL A C   1 
ATOM   289  O O   . VAL A 1 44  ? -2.453  -14.987 -4.731  1.00 38.05  ? 1044 VAL A O   1 
ATOM   290  C CB  . VAL A 1 44  ? 0.745   -15.401 -4.896  1.00 42.53  ? 1044 VAL A CB  1 
ATOM   291  C CG1 . VAL A 1 44  ? 1.182   -13.959 -5.102  1.00 36.35  ? 1044 VAL A CG1 1 
ATOM   292  C CG2 . VAL A 1 44  ? 1.939   -16.290 -4.575  1.00 23.46  ? 1044 VAL A CG2 1 
ATOM   293  N N   . TYR A 1 45  ? -1.365  -13.339 -3.646  1.00 37.86  ? 1045 TYR A N   1 
ATOM   294  C CA  . TYR A 1 45  ? -2.408  -12.338 -3.740  1.00 33.56  ? 1045 TYR A CA  1 
ATOM   295  C C   . TYR A 1 45  ? -2.022  -11.102 -4.539  1.00 30.31  ? 1045 TYR A C   1 
ATOM   296  O O   . TYR A 1 45  ? -0.865  -10.703 -4.585  1.00 44.07  ? 1045 TYR A O   1 
ATOM   297  C CB  . TYR A 1 45  ? -2.790  -11.885 -2.320  1.00 32.47  ? 1045 TYR A CB  1 
ATOM   298  C CG  . TYR A 1 45  ? -3.971  -12.638 -1.759  1.00 33.59  ? 1045 TYR A CG  1 
ATOM   299  C CD1 . TYR A 1 45  ? -5.164  -12.663 -2.468  1.00 37.68  ? 1045 TYR A CD1 1 
ATOM   300  C CD2 . TYR A 1 45  ? -3.916  -13.306 -0.548  1.00 33.40  ? 1045 TYR A CD2 1 
ATOM   301  C CE1 . TYR A 1 45  ? -6.261  -13.340 -1.984  1.00 35.02  ? 1045 TYR A CE1 1 
ATOM   302  C CE2 . TYR A 1 45  ? -5.017  -13.987 -0.056  1.00 31.95  ? 1045 TYR A CE2 1 
ATOM   303  C CZ  . TYR A 1 45  ? -6.187  -14.001 -0.781  1.00 31.74  ? 1045 TYR A CZ  1 
ATOM   304  O OH  . TYR A 1 45  ? -7.295  -14.673 -0.318  1.00 35.09  ? 1045 TYR A OH  1 
ATOM   305  N N   . ALA A 1 46  ? -3.026  -10.486 -5.144  1.00 26.14  ? 1046 ALA A N   1 
ATOM   306  C CA  . ALA A 1 46  ? -2.946  -9.169  -5.747  1.00 24.76  ? 1046 ALA A CA  1 
ATOM   307  C C   . ALA A 1 46  ? -3.955  -8.263  -5.041  1.00 27.21  ? 1046 ALA A C   1 
ATOM   308  O O   . ALA A 1 46  ? -5.151  -8.547  -5.030  1.00 24.74  ? 1046 ALA A O   1 
ATOM   309  C CB  . ALA A 1 46  ? -3.205  -9.185  -7.240  1.00 21.99  ? 1046 ALA A CB  1 
ATOM   310  N N   . SER A 1 47  ? -3.474  -7.178  -4.438  1.00 29.43  ? 1047 SER A N   1 
ATOM   311  C CA  . SER A 1 47  ? -4.384  -6.343  -3.659  1.00 19.05  ? 1047 SER A CA  1 
ATOM   312  C C   . SER A 1 47  ? -4.424  -4.915  -4.174  1.00 20.34  ? 1047 SER A C   1 
ATOM   313  O O   . SER A 1 47  ? -3.621  -4.511  -5.014  1.00 20.64  ? 1047 SER A O   1 
ATOM   314  C CB  . SER A 1 47  ? -3.973  -6.371  -2.187  1.00 17.81  ? 1047 SER A CB  1 
ATOM   315  O OG  . SER A 1 47  ? -4.222  -7.629  -1.586  1.00 10.64  ? 1047 SER A OG  1 
ATOM   316  N N   . ASN A 1 48  ? -5.379  -4.144  -3.652  1.00 23.76  ? 1048 ASN A N   1 
ATOM   317  C CA  . ASN A 1 48  ? -5.578  -2.769  -4.081  1.00 21.21  ? 1048 ASN A CA  1 
ATOM   318  C C   . ASN A 1 48  ? -5.134  -1.776  -3.013  1.00 26.58  ? 1048 ASN A C   1 
ATOM   319  O O   . ASN A 1 48  ? -5.888  -1.459  -2.090  1.00 27.43  ? 1048 ASN A O   1 
ATOM   320  C CB  . ASN A 1 48  ? -7.050  -2.529  -4.429  1.00 13.59  ? 1048 ASN A CB  1 
ATOM   321  C CG  . ASN A 1 48  ? -7.267  -1.155  -5.028  1.00 8.24   ? 1048 ASN A CG  1 
ATOM   322  O OD1 . ASN A 1 48  ? -6.349  -0.575  -5.609  1.00 22.89  ? 1048 ASN A OD1 1 
ATOM   323  N ND2 . ASN A 1 48  ? -8.480  -0.636  -4.893  1.00 23.06  ? 1048 ASN A ND2 1 
ATOM   324  N N   . PRO A 1 49  ? -3.908  -1.288  -3.153  1.00 31.02  ? 1049 PRO A N   1 
ATOM   325  C CA  . PRO A 1 49  ? -3.408  -0.244  -2.261  1.00 32.86  ? 1049 PRO A CA  1 
ATOM   326  C C   . PRO A 1 49  ? -4.336  0.973   -2.256  1.00 36.94  ? 1049 PRO A C   1 
ATOM   327  O O   . PRO A 1 49  ? -4.671  1.468   -1.179  1.00 50.64  ? 1049 PRO A O   1 
ATOM   328  C CB  . PRO A 1 49  ? -2.055  0.138   -2.859  1.00 33.01  ? 1049 PRO A CB  1 
ATOM   329  C CG  . PRO A 1 49  ? -1.955  -0.540  -4.184  1.00 33.48  ? 1049 PRO A CG  1 
ATOM   330  C CD  . PRO A 1 49  ? -2.912  -1.705  -4.145  1.00 31.99  ? 1049 PRO A CD  1 
ATOM   331  N N   . ALA A 1 50  ? -4.717  1.407   -3.442  1.00 35.09  ? 1050 ALA A N   1 
ATOM   332  C CA  . ALA A 1 50  ? -5.507  2.581   -3.740  1.00 31.68  ? 1050 ALA A CA  1 
ATOM   333  C C   . ALA A 1 50  ? -6.541  2.919   -2.666  1.00 30.34  ? 1050 ALA A C   1 
ATOM   334  O O   . ALA A 1 50  ? -6.644  4.074   -2.242  1.00 29.08  ? 1050 ALA A O   1 
ATOM   335  C CB  . ALA A 1 50  ? -6.230  2.404   -5.075  1.00 21.82  ? 1050 ALA A CB  1 
ATOM   336  N N   . ASP A 1 51  ? -7.295  1.907   -2.266  1.00 26.73  ? 1051 ASP A N   1 
ATOM   337  C CA  . ASP A 1 51  ? -8.373  2.041   -1.297  1.00 19.62  ? 1051 ASP A CA  1 
ATOM   338  C C   . ASP A 1 51  ? -8.047  1.242   -0.044  1.00 14.43  ? 1051 ASP A C   1 
ATOM   339  O O   . ASP A 1 51  ? -8.920  0.814   0.711   1.00 19.83  ? 1051 ASP A O   1 
ATOM   340  C CB  . ASP A 1 51  ? -9.694  1.565   -1.903  1.00 32.28  ? 1051 ASP A CB  1 
ATOM   341  C CG  . ASP A 1 51  ? -9.923  2.031   -3.328  1.00 41.09  ? 1051 ASP A CG  1 
ATOM   342  O OD1 . ASP A 1 51  ? -9.916  3.261   -3.589  1.00 40.23  ? 1051 ASP A OD1 1 
ATOM   343  O OD2 . ASP A 1 51  ? -10.105 1.166   -4.220  1.00 47.10  ? 1051 ASP A OD2 1 
ATOM   344  N N   . ILE A 1 52  ? -6.739  1.041   0.147   1.00 13.61  ? 1052 ILE A N   1 
ATOM   345  C CA  . ILE A 1 52  ? -6.268  0.227   1.261   1.00 14.82  ? 1052 ILE A CA  1 
ATOM   346  C C   . ILE A 1 52  ? -6.721  0.819   2.589   1.00 22.19  ? 1052 ILE A C   1 
ATOM   347  O O   . ILE A 1 52  ? -7.257  1.920   2.704   1.00 23.53  ? 1052 ILE A O   1 
ATOM   348  C CB  . ILE A 1 52  ? -4.735  0.067   1.243   1.00 15.39  ? 1052 ILE A CB  1 
ATOM   349  C CG1 . ILE A 1 52  ? -4.223  -1.100  2.090   1.00 10.69  ? 1052 ILE A CG1 1 
ATOM   350  C CG2 . ILE A 1 52  ? -4.057  1.369   1.643   1.00 29.82  ? 1052 ILE A CG2 1 
ATOM   351  C CD1 . ILE A 1 52  ? -2.758  -1.425  1.889   1.00 8.02   ? 1052 ILE A CD1 1 
ATOM   352  N N   . SER A 1 53  ? -6.513  0.044   3.651   1.00 21.79  ? 1053 SER A N   1 
ATOM   353  C CA  . SER A 1 53  ? -6.897  0.522   4.966   1.00 19.09  ? 1053 SER A CA  1 
ATOM   354  C C   . SER A 1 53  ? -6.114  -0.264  6.014   1.00 19.68  ? 1053 SER A C   1 
ATOM   355  O O   . SER A 1 53  ? -5.327  -1.138  5.657   1.00 9.38   ? 1053 SER A O   1 
ATOM   356  C CB  . SER A 1 53  ? -8.390  0.389   5.245   1.00 26.42  ? 1053 SER A CB  1 
ATOM   357  O OG  . SER A 1 53  ? -8.692  0.818   6.564   1.00 27.32  ? 1053 SER A OG  1 
ATOM   358  N N   . SER A 1 54  ? -6.395  0.118   7.249   1.00 24.26  ? 1054 SER A N   1 
ATOM   359  C CA  . SER A 1 54  ? -5.628  -0.340  8.394   1.00 27.76  ? 1054 SER A CA  1 
ATOM   360  C C   . SER A 1 54  ? -6.458  -0.299  9.670   1.00 29.04  ? 1054 SER A C   1 
ATOM   361  O O   . SER A 1 54  ? -7.364  0.517   9.822   1.00 35.42  ? 1054 SER A O   1 
ATOM   362  C CB  . SER A 1 54  ? -4.384  0.539   8.529   1.00 32.56  ? 1054 SER A CB  1 
ATOM   363  O OG  . SER A 1 54  ? -4.025  0.737   9.879   1.00 31.10  ? 1054 SER A OG  1 
ATOM   364  N N   . VAL A 1 55  ? -6.117  -1.213  10.561  1.00 26.02  ? 1055 VAL A N   1 
ATOM   365  C CA  . VAL A 1 55  ? -6.807  -1.439  11.818  1.00 17.32  ? 1055 VAL A CA  1 
ATOM   366  C C   . VAL A 1 55  ? -5.799  -1.833  12.886  1.00 18.52  ? 1055 VAL A C   1 
ATOM   367  O O   . VAL A 1 55  ? -4.876  -2.602  12.625  1.00 12.89  ? 1055 VAL A O   1 
ATOM   368  C CB  . VAL A 1 55  ? -7.867  -2.544  11.655  1.00 17.22  ? 1055 VAL A CB  1 
ATOM   369  C CG1 . VAL A 1 55  ? -7.883  -3.451  12.873  1.00 15.72  ? 1055 VAL A CG1 1 
ATOM   370  C CG2 . VAL A 1 55  ? -9.242  -1.948  11.400  1.00 7.66   ? 1055 VAL A CG2 1 
ATOM   371  N N   . THR A 1 56  ? -5.950  -1.304  14.098  1.00 22.09  ? 1056 THR A N   1 
ATOM   372  C CA  . THR A 1 56  ? -5.081  -1.752  15.189  1.00 13.59  ? 1056 THR A CA  1 
ATOM   373  C C   . THR A 1 56  ? -5.921  -2.547  16.179  1.00 11.05  ? 1056 THR A C   1 
ATOM   374  O O   . THR A 1 56  ? -7.032  -2.131  16.512  1.00 8.82   ? 1056 THR A O   1 
ATOM   375  C CB  . THR A 1 56  ? -4.375  -0.577  15.875  1.00 9.93   ? 1056 THR A CB  1 
ATOM   376  O OG1 . THR A 1 56  ? -3.416  -0.016  14.969  1.00 11.87  ? 1056 THR A OG1 1 
ATOM   377  C CG2 . THR A 1 56  ? -3.586  -1.050  17.084  1.00 18.48  ? 1056 THR A CG2 1 
ATOM   378  N N   . ALA A 1 57  ? -5.418  -3.690  16.637  1.00 12.76  ? 1057 ALA A N   1 
ATOM   379  C CA  . ALA A 1 57  ? -6.237  -4.529  17.512  1.00 16.84  ? 1057 ALA A CA  1 
ATOM   380  C C   . ALA A 1 57  ? -6.371  -3.938  18.906  1.00 25.93  ? 1057 ALA A C   1 
ATOM   381  O O   . ALA A 1 57  ? -5.389  -3.548  19.539  1.00 36.74  ? 1057 ALA A O   1 
ATOM   382  C CB  . ALA A 1 57  ? -5.646  -5.929  17.582  1.00 5.52   ? 1057 ALA A CB  1 
ATOM   383  N N   . ASP A 1 58  ? -7.601  -3.863  19.428  1.00 29.88  ? 1058 ASP A N   1 
ATOM   384  C CA  . ASP A 1 58  ? -7.737  -3.297  20.777  1.00 34.25  ? 1058 ASP A CA  1 
ATOM   385  C C   . ASP A 1 58  ? -7.183  -4.255  21.829  1.00 32.46  ? 1058 ASP A C   1 
ATOM   386  O O   . ASP A 1 58  ? -6.450  -5.196  21.527  1.00 18.31  ? 1058 ASP A O   1 
ATOM   387  C CB  . ASP A 1 58  ? -9.179  -2.922  21.088  1.00 33.59  ? 1058 ASP A CB  1 
ATOM   388  C CG  . ASP A 1 58  ? -10.170 -4.053  21.212  1.00 29.07  ? 1058 ASP A CG  1 
ATOM   389  O OD1 . ASP A 1 58  ? -9.813  -5.166  21.636  1.00 31.59  ? 1058 ASP A OD1 1 
ATOM   390  O OD2 . ASP A 1 58  ? -11.359 -3.818  20.883  1.00 33.73  ? 1058 ASP A OD2 1 
ATOM   391  N N   . ALA A 1 59  ? -7.559  -3.989  23.074  1.00 35.07  ? 1059 ALA A N   1 
ATOM   392  C CA  . ALA A 1 59  ? -7.091  -4.786  24.200  1.00 41.44  ? 1059 ALA A CA  1 
ATOM   393  C C   . ALA A 1 59  ? -7.474  -6.251  24.032  1.00 46.08  ? 1059 ALA A C   1 
ATOM   394  O O   . ALA A 1 59  ? -6.702  -7.160  24.342  1.00 51.04  ? 1059 ALA A O   1 
ATOM   395  C CB  . ALA A 1 59  ? -7.647  -4.215  25.497  1.00 46.74  ? 1059 ALA A CB  1 
ATOM   396  N N   . ASN A 1 60  ? -8.686  -6.477  23.534  1.00 47.10  ? 1060 ASN A N   1 
ATOM   397  C CA  . ASN A 1 60  ? -9.205  -7.823  23.330  1.00 49.08  ? 1060 ASN A CA  1 
ATOM   398  C C   . ASN A 1 60  ? -9.029  -8.309  21.898  1.00 44.54  ? 1060 ASN A C   1 
ATOM   399  O O   . ASN A 1 60  ? -9.951  -8.930  21.363  1.00 57.00  ? 1060 ASN A O   1 
ATOM   400  C CB  . ASN A 1 60  ? -10.694 -7.836  23.701  1.00 52.19  ? 1060 ASN A CB  1 
ATOM   401  C CG  . ASN A 1 60  ? -11.201 -6.399  23.831  1.00 54.17  ? 1060 ASN A CG  1 
ATOM   402  O OD1 . ASN A 1 60  ? -10.964 -5.743  24.841  1.00 50.10  ? 1060 ASN A OD1 1 
ATOM   403  N ND2 . ASN A 1 60  ? -11.889 -5.926  22.799  1.00 59.70  ? 1060 ASN A ND2 1 
ATOM   404  N N   . GLY A 1 61  ? -7.876  -8.030  21.309  1.00 33.31  ? 1061 GLY A N   1 
ATOM   405  C CA  . GLY A 1 61  ? -7.543  -8.367  19.943  1.00 31.35  ? 1061 GLY A CA  1 
ATOM   406  C C   . GLY A 1 61  ? -8.700  -8.171  18.985  1.00 34.22  ? 1061 GLY A C   1 
ATOM   407  O O   . GLY A 1 61  ? -8.952  -9.035  18.141  1.00 41.10  ? 1061 GLY A O   1 
ATOM   408  N N   . SER A 1 62  ? -9.396  -7.047  19.108  1.00 26.31  ? 1062 SER A N   1 
ATOM   409  C CA  . SER A 1 62  ? -10.575 -6.757  18.301  1.00 27.68  ? 1062 SER A CA  1 
ATOM   410  C C   . SER A 1 62  ? -10.561 -5.348  17.738  1.00 29.55  ? 1062 SER A C   1 
ATOM   411  O O   . SER A 1 62  ? -10.136 -4.405  18.413  1.00 51.54  ? 1062 SER A O   1 
ATOM   412  C CB  . SER A 1 62  ? -11.832 -6.947  19.161  1.00 35.97  ? 1062 SER A CB  1 
ATOM   413  O OG  . SER A 1 62  ? -11.474 -7.377  20.470  1.00 57.68  ? 1062 SER A OG  1 
ATOM   414  N N   . ALA A 1 63  ? -11.027 -5.160  16.501  1.00 16.13  ? 1063 ALA A N   1 
ATOM   415  C CA  . ALA A 1 63  ? -11.019 -3.789  15.978  1.00 21.91  ? 1063 ALA A CA  1 
ATOM   416  C C   . ALA A 1 63  ? -11.898 -3.636  14.753  1.00 26.02  ? 1063 ALA A C   1 
ATOM   417  O O   . ALA A 1 63  ? -12.721 -4.491  14.429  1.00 34.89  ? 1063 ALA A O   1 
ATOM   418  C CB  . ALA A 1 63  ? -9.590  -3.369  15.689  1.00 19.82  ? 1063 ALA A CB  1 
ATOM   419  N N   . SER A 1 64  ? -11.757 -2.521  14.031  1.00 30.30  ? 1064 SER A N   1 
ATOM   420  C CA  . SER A 1 64  ? -12.684 -2.320  12.913  1.00 33.81  ? 1064 SER A CA  1 
ATOM   421  C C   . SER A 1 64  ? -12.338 -1.068  12.126  1.00 34.54  ? 1064 SER A C   1 
ATOM   422  O O   . SER A 1 64  ? -11.617 -0.196  12.615  1.00 42.50  ? 1064 SER A O   1 
ATOM   423  C CB  . SER A 1 64  ? -14.108 -2.266  13.466  1.00 41.54  ? 1064 SER A CB  1 
ATOM   424  O OG  . SER A 1 64  ? -15.047 -1.754  12.543  1.00 50.12  ? 1064 SER A OG  1 
ATOM   425  N N   . THR A 1 65  ? -12.838 -0.979  10.897  1.00 36.71  ? 1065 THR A N   1 
ATOM   426  C CA  . THR A 1 65  ? -12.541 0.181   10.060  1.00 43.21  ? 1065 THR A CA  1 
ATOM   427  C C   . THR A 1 65  ? -13.371 0.181   8.782   1.00 47.65  ? 1065 THR A C   1 
ATOM   428  O O   . THR A 1 65  ? -14.156 -0.732  8.531   1.00 51.86  ? 1065 THR A O   1 
ATOM   429  C CB  . THR A 1 65  ? -11.040 0.246   9.713   1.00 40.48  ? 1065 THR A CB  1 
ATOM   430  O OG1 . THR A 1 65  ? -10.639 1.616   9.566   1.00 32.99  ? 1065 THR A OG1 1 
ATOM   431  C CG2 . THR A 1 65  ? -10.752 -0.445  8.389   1.00 25.50  ? 1065 THR A CG2 1 
ATOM   432  N N   . SER A 1 66  ? -13.208 1.216   7.963   1.00 50.86  ? 1066 SER A N   1 
ATOM   433  C CA  . SER A 1 66  ? -13.976 1.346   6.728   1.00 56.47  ? 1066 SER A CA  1 
ATOM   434  C C   . SER A 1 66  ? -13.135 1.145   5.475   1.00 54.45  ? 1066 SER A C   1 
ATOM   435  O O   . SER A 1 66  ? -12.084 1.754   5.298   1.00 22.31  ? 1066 SER A O   1 
ATOM   436  C CB  . SER A 1 66  ? -14.642 2.725   6.648   1.00 63.03  ? 1066 SER A CB  1 
ATOM   437  O OG  . SER A 1 66  ? -14.626 3.196   5.312   1.00 76.36  ? 1066 SER A OG  1 
ATOM   438  N N   . LEU A 1 67  ? -13.638 0.280   4.603   1.00 56.97  ? 1067 LEU A N   1 
ATOM   439  C CA  . LEU A 1 67  ? -13.043 -0.024  3.310   1.00 50.66  ? 1067 LEU A CA  1 
ATOM   440  C C   . LEU A 1 67  ? -13.915 0.513   2.181   1.00 44.85  ? 1067 LEU A C   1 
ATOM   441  O O   . LEU A 1 67  ? -15.079 0.867   2.398   1.00 50.11  ? 1067 LEU A O   1 
ATOM   442  C CB  . LEU A 1 67  ? -12.860 -1.531  3.162   1.00 52.68  ? 1067 LEU A CB  1 
ATOM   443  C CG  . LEU A 1 67  ? -11.779 -2.020  2.191   1.00 50.91  ? 1067 LEU A CG  1 
ATOM   444  C CD1 . LEU A 1 67  ? -10.770 -0.919  1.891   1.00 43.89  ? 1067 LEU A CD1 1 
ATOM   445  C CD2 . LEU A 1 67  ? -11.102 -3.264  2.754   1.00 38.69  ? 1067 LEU A CD2 1 
ATOM   446  N N   . THR A 1 68  ? -13.369 0.575   0.969   1.00 42.72  ? 1068 THR A N   1 
ATOM   447  C CA  . THR A 1 68  ? -14.178 0.972   -0.181  1.00 42.85  ? 1068 THR A CA  1 
ATOM   448  C C   . THR A 1 68  ? -13.850 0.092   -1.386  1.00 41.69  ? 1068 THR A C   1 
ATOM   449  O O   . THR A 1 68  ? -12.969 0.429   -2.172  1.00 54.04  ? 1068 THR A O   1 
ATOM   450  C CB  . THR A 1 68  ? -13.975 2.453   -0.542  1.00 44.83  ? 1068 THR A CB  1 
ATOM   451  O OG1 . THR A 1 68  ? -14.716 3.283   0.360   1.00 55.86  ? 1068 THR A OG1 1 
ATOM   452  C CG2 . THR A 1 68  ? -14.515 2.732   -1.938  1.00 55.36  ? 1068 THR A CG2 1 
ATOM   453  N N   . VAL A 1 69  ? -14.561 -1.022  -1.525  1.00 35.24  ? 1069 VAL A N   1 
ATOM   454  C CA  . VAL A 1 69  ? -14.278 -2.027  -2.544  1.00 26.51  ? 1069 VAL A CA  1 
ATOM   455  C C   . VAL A 1 69  ? -14.726 -1.625  -3.941  1.00 24.87  ? 1069 VAL A C   1 
ATOM   456  O O   . VAL A 1 69  ? -15.698 -0.895  -4.127  1.00 19.39  ? 1069 VAL A O   1 
ATOM   457  C CB  . VAL A 1 69  ? -14.948 -3.370  -2.190  1.00 19.60  ? 1069 VAL A CB  1 
ATOM   458  C CG1 . VAL A 1 69  ? -13.930 -4.352  -1.636  1.00 11.76  ? 1069 VAL A CG1 1 
ATOM   459  C CG2 . VAL A 1 69  ? -16.081 -3.166  -1.203  1.00 38.63  ? 1069 VAL A CG2 1 
ATOM   460  N N   . ARG A 1 70  ? -13.996 -2.118  -4.941  1.00 34.52  ? 1070 ARG A N   1 
ATOM   461  C CA  . ARG A 1 70  ? -14.342 -1.929  -6.344  1.00 39.02  ? 1070 ARG A CA  1 
ATOM   462  C C   . ARG A 1 70  ? -14.287 -3.256  -7.108  1.00 38.65  ? 1070 ARG A C   1 
ATOM   463  O O   . ARG A 1 70  ? -13.496 -4.146  -6.800  1.00 18.40  ? 1070 ARG A O   1 
ATOM   464  C CB  . ARG A 1 70  ? -13.443 -0.892  -7.014  1.00 40.99  ? 1070 ARG A CB  1 
ATOM   465  C CG  . ARG A 1 70  ? -12.265 -0.388  -6.211  1.00 43.13  ? 1070 ARG A CG  1 
ATOM   466  C CD  . ARG A 1 70  ? -12.667 0.638   -5.162  1.00 43.35  ? 1070 ARG A CD  1 
ATOM   467  N NE  . ARG A 1 70  ? -12.240 1.999   -5.491  1.00 37.88  ? 1070 ARG A NE  1 
ATOM   468  C CZ  . ARG A 1 70  ? -13.030 3.065   -5.354  1.00 32.73  ? 1070 ARG A CZ  1 
ATOM   469  N NH1 . ARG A 1 70  ? -14.267 2.920   -4.901  1.00 14.70  ? 1070 ARG A NH1 1 
ATOM   470  N NH2 . ARG A 1 70  ? -12.564 4.265   -5.671  1.00 43.00  ? 1070 ARG A NH2 1 
ATOM   471  N N   . ARG A 1 71  ? -15.135 -3.399  -8.115  1.00 41.72  ? 1071 ARG A N   1 
ATOM   472  C CA  . ARG A 1 71  ? -15.271 -4.596  -8.935  1.00 38.68  ? 1071 ARG A CA  1 
ATOM   473  C C   . ARG A 1 71  ? -13.943 -5.034  -9.546  1.00 29.88  ? 1071 ARG A C   1 
ATOM   474  O O   . ARG A 1 71  ? -13.547 -6.195  -9.473  1.00 14.98  ? 1071 ARG A O   1 
ATOM   475  C CB  . ARG A 1 71  ? -16.288 -4.328  -10.049 1.00 41.75  ? 1071 ARG A CB  1 
ATOM   476  C CG  . ARG A 1 71  ? -16.971 -5.557  -10.633 1.00 35.34  ? 1071 ARG A CG  1 
ATOM   477  C CD  . ARG A 1 71  ? -18.328 -5.166  -11.190 1.00 37.46  ? 1071 ARG A CD  1 
ATOM   478  N NE  . ARG A 1 71  ? -19.380 -5.398  -10.207 1.00 46.34  ? 1071 ARG A NE  1 
ATOM   479  C CZ  . ARG A 1 71  ? -20.244 -4.500  -9.730  1.00 48.40  ? 1071 ARG A CZ  1 
ATOM   480  N NH1 . ARG A 1 71  ? -21.153 -4.861  -8.832  1.00 41.87  ? 1071 ARG A NH1 1 
ATOM   481  N NH2 . ARG A 1 71  ? -20.188 -3.238  -10.138 1.00 41.14  ? 1071 ARG A NH2 1 
ATOM   482  N N   . SER A 1 72  ? -13.285 -4.052  -10.147 1.00 25.99  ? 1072 SER A N   1 
ATOM   483  C CA  . SER A 1 72  ? -11.986 -4.197  -10.779 1.00 25.26  ? 1072 SER A CA  1 
ATOM   484  C C   . SER A 1 72  ? -11.001 -3.154  -10.257 1.00 24.84  ? 1072 SER A C   1 
ATOM   485  O O   . SER A 1 72  ? -11.364 -2.016  -9.964  1.00 20.32  ? 1072 SER A O   1 
ATOM   486  C CB  . SER A 1 72  ? -12.121 -4.073  -12.300 1.00 24.03  ? 1072 SER A CB  1 
ATOM   487  O OG  . SER A 1 72  ? -12.866 -5.164  -12.819 1.00 30.82  ? 1072 SER A OG  1 
ATOM   488  N N   . PHE A 1 73  ? -9.739  -3.554  -10.146 1.00 23.29  ? 1073 PHE A N   1 
ATOM   489  C CA  . PHE A 1 73  ? -8.715  -2.648  -9.633  1.00 30.65  ? 1073 PHE A CA  1 
ATOM   490  C C   . PHE A 1 73  ? -7.377  -2.949  -10.287 1.00 32.79  ? 1073 PHE A C   1 
ATOM   491  O O   . PHE A 1 73  ? -7.214  -4.038  -10.852 1.00 27.67  ? 1073 PHE A O   1 
ATOM   492  C CB  . PHE A 1 73  ? -8.634  -2.774  -8.114  1.00 24.28  ? 1073 PHE A CB  1 
ATOM   493  C CG  . PHE A 1 73  ? -8.370  -4.157  -7.550  1.00 15.87  ? 1073 PHE A CG  1 
ATOM   494  C CD1 . PHE A 1 73  ? -7.077  -4.617  -7.368  1.00 6.73   ? 1073 PHE A CD1 1 
ATOM   495  C CD2 . PHE A 1 73  ? -9.401  -5.006  -7.190  1.00 20.42  ? 1073 PHE A CD2 1 
ATOM   496  C CE1 . PHE A 1 73  ? -6.816  -5.869  -6.856  1.00 7.83   ? 1073 PHE A CE1 1 
ATOM   497  C CE2 . PHE A 1 73  ? -9.153  -6.265  -6.665  1.00 18.45  ? 1073 PHE A CE2 1 
ATOM   498  C CZ  . PHE A 1 73  ? -7.855  -6.704  -6.478  1.00 9.95   ? 1073 PHE A CZ  1 
ATOM   499  N N   . GLU A 1 74  ? -6.407  -2.037  -10.232 1.00 29.16  ? 1074 GLU A N   1 
ATOM   500  C CA  . GLU A 1 74  ? -5.080  -2.460  -10.712 1.00 30.05  ? 1074 GLU A CA  1 
ATOM   501  C C   . GLU A 1 74  ? -4.364  -3.187  -9.576  1.00 27.47  ? 1074 GLU A C   1 
ATOM   502  O O   . GLU A 1 74  ? -4.327  -2.740  -8.425  1.00 38.22  ? 1074 GLU A O   1 
ATOM   503  C CB  . GLU A 1 74  ? -4.272  -1.302  -11.271 1.00 35.32  ? 1074 GLU A CB  1 
ATOM   504  C CG  . GLU A 1 74  ? -4.162  -0.051  -10.416 1.00 42.37  ? 1074 GLU A CG  1 
ATOM   505  C CD  . GLU A 1 74  ? -2.933  0.768   -10.752 1.00 38.95  ? 1074 GLU A CD  1 
ATOM   506  O OE1 . GLU A 1 74  ? -1.802  0.261   -10.551 1.00 33.84  ? 1074 GLU A OE1 1 
ATOM   507  O OE2 . GLU A 1 74  ? -3.083  1.912   -11.230 1.00 28.00  ? 1074 GLU A OE2 1 
ATOM   508  N N   . GLY A 1 75  ? -3.796  -4.354  -9.885  1.00 24.94  ? 1075 GLY A N   1 
ATOM   509  C CA  . GLY A 1 75  ? -3.278  -5.252  -8.884  1.00 22.67  ? 1075 GLY A CA  1 
ATOM   510  C C   . GLY A 1 75  ? -1.788  -5.197  -8.644  1.00 25.43  ? 1075 GLY A C   1 
ATOM   511  O O   . GLY A 1 75  ? -0.977  -4.947  -9.532  1.00 17.61  ? 1075 GLY A O   1 
ATOM   512  N N   . PHE A 1 76  ? -1.415  -5.443  -7.391  1.00 26.25  ? 1076 PHE A N   1 
ATOM   513  C CA  . PHE A 1 76  ? -0.017  -5.464  -6.995  1.00 23.78  ? 1076 PHE A CA  1 
ATOM   514  C C   . PHE A 1 76  ? 0.223   -6.698  -6.133  1.00 17.26  ? 1076 PHE A C   1 
ATOM   515  O O   . PHE A 1 76  ? -0.635  -7.080  -5.342  1.00 15.73  ? 1076 PHE A O   1 
ATOM   516  C CB  . PHE A 1 76  ? 0.389   -4.221  -6.213  1.00 24.76  ? 1076 PHE A CB  1 
ATOM   517  C CG  . PHE A 1 76  ? 0.537   -2.932  -6.995  1.00 16.68  ? 1076 PHE A CG  1 
ATOM   518  C CD1 . PHE A 1 76  ? 1.771   -2.543  -7.490  1.00 9.49   ? 1076 PHE A CD1 1 
ATOM   519  C CD2 . PHE A 1 76  ? -0.549  -2.110  -7.227  1.00 15.81  ? 1076 PHE A CD2 1 
ATOM   520  C CE1 . PHE A 1 76  ? 1.915   -1.370  -8.202  1.00 1.89   ? 1076 PHE A CE1 1 
ATOM   521  C CE2 . PHE A 1 76  ? -0.417  -0.938  -7.948  1.00 12.63  ? 1076 PHE A CE2 1 
ATOM   522  C CZ  . PHE A 1 76  ? 0.819   -0.567  -8.437  1.00 5.08   ? 1076 PHE A CZ  1 
ATOM   523  N N   . LEU A 1 77  ? 1.389   -7.313  -6.292  1.00 20.74  ? 1077 LEU A N   1 
ATOM   524  C CA  . LEU A 1 77  ? 1.723   -8.438  -5.430  1.00 20.15  ? 1077 LEU A CA  1 
ATOM   525  C C   . LEU A 1 77  ? 2.304   -7.890  -4.128  1.00 25.49  ? 1077 LEU A C   1 
ATOM   526  O O   . LEU A 1 77  ? 2.713   -6.728  -4.085  1.00 17.86  ? 1077 LEU A O   1 
ATOM   527  C CB  . LEU A 1 77  ? 2.724   -9.383  -6.082  1.00 23.18  ? 1077 LEU A CB  1 
ATOM   528  C CG  . LEU A 1 77  ? 2.446   -9.828  -7.517  1.00 22.56  ? 1077 LEU A CG  1 
ATOM   529  C CD1 . LEU A 1 77  ? 3.228   -11.096 -7.835  1.00 19.02  ? 1077 LEU A CD1 1 
ATOM   530  C CD2 . LEU A 1 77  ? 0.959   -10.034 -7.757  1.00 19.07  ? 1077 LEU A CD2 1 
ATOM   531  N N   . TRP A 1 78  ? 2.352   -8.738  -3.112  1.00 24.67  ? 1078 TRP A N   1 
ATOM   532  C CA  . TRP A 1 78  ? 2.876   -8.399  -1.800  1.00 23.08  ? 1078 TRP A CA  1 
ATOM   533  C C   . TRP A 1 78  ? 4.395   -8.248  -1.809  1.00 26.79  ? 1078 TRP A C   1 
ATOM   534  O O   . TRP A 1 78  ? 5.007   -8.063  -0.753  1.00 55.51  ? 1078 TRP A O   1 
ATOM   535  C CB  . TRP A 1 78  ? 2.428   -9.460  -0.780  1.00 18.75  ? 1078 TRP A CB  1 
ATOM   536  C CG  . TRP A 1 78  ? 0.953   -9.397  -0.503  1.00 17.96  ? 1078 TRP A CG  1 
ATOM   537  C CD1 . TRP A 1 78  ? 0.069   -8.594  -1.171  1.00 15.18  ? 1078 TRP A CD1 1 
ATOM   538  C CD2 . TRP A 1 78  ? 0.178   -10.116 0.465   1.00 16.60  ? 1078 TRP A CD2 1 
ATOM   539  N NE1 . TRP A 1 78  ? -1.198  -8.775  -0.679  1.00 14.25  ? 1078 TRP A NE1 1 
ATOM   540  C CE2 . TRP A 1 78  ? -1.160  -9.704  0.328   1.00 13.60  ? 1078 TRP A CE2 1 
ATOM   541  C CE3 . TRP A 1 78  ? 0.462   -11.071 1.447   1.00 17.18  ? 1078 TRP A CE3 1 
ATOM   542  C CZ2 . TRP A 1 78  ? -2.200  -10.198 1.114   1.00 9.14   ? 1078 TRP A CZ2 1 
ATOM   543  C CZ3 . TRP A 1 78  ? -0.566  -11.563 2.225   1.00 9.25   ? 1078 TRP A CZ3 1 
ATOM   544  C CH2 . TRP A 1 78  ? -1.882  -11.130 2.058   1.00 6.92   ? 1078 TRP A CH2 1 
ATOM   545  N N   . ASP A 1 79  ? 5.025   -8.309  -2.971  1.00 23.53  ? 1079 ASP A N   1 
ATOM   546  C CA  . ASP A 1 79  ? 6.459   -8.116  -3.145  1.00 22.26  ? 1079 ASP A CA  1 
ATOM   547  C C   . ASP A 1 79  ? 6.737   -6.828  -3.914  1.00 19.94  ? 1079 ASP A C   1 
ATOM   548  O O   . ASP A 1 79  ? 7.876   -6.375  -4.021  1.00 24.34  ? 1079 ASP A O   1 
ATOM   549  C CB  . ASP A 1 79  ? 7.078   -9.331  -3.837  1.00 23.25  ? 1079 ASP A CB  1 
ATOM   550  C CG  . ASP A 1 79  ? 6.987   -9.324  -5.346  1.00 20.17  ? 1079 ASP A CG  1 
ATOM   551  O OD1 . ASP A 1 79  ? 5.874   -9.175  -5.890  1.00 23.30  ? 1079 ASP A OD1 1 
ATOM   552  O OD2 . ASP A 1 79  ? 8.041   -9.471  -6.001  1.00 17.46  ? 1079 ASP A OD2 1 
ATOM   553  N N   . GLY A 1 80  ? 5.680   -6.223  -4.449  1.00 21.29  ? 1080 GLY A N   1 
ATOM   554  C CA  . GLY A 1 80  ? 5.781   -4.968  -5.167  1.00 18.45  ? 1080 GLY A CA  1 
ATOM   555  C C   . GLY A 1 80  ? 5.360   -5.062  -6.619  1.00 16.90  ? 1080 GLY A C   1 
ATOM   556  O O   . GLY A 1 80  ? 5.149   -4.042  -7.282  1.00 6.04   ? 1080 GLY A O   1 
ATOM   557  N N   . THR A 1 81  ? 5.235   -6.283  -7.127  1.00 20.77  ? 1081 THR A N   1 
ATOM   558  C CA  . THR A 1 81  ? 4.943   -6.505  -8.540  1.00 16.43  ? 1081 THR A CA  1 
ATOM   559  C C   . THR A 1 81  ? 3.558   -6.016  -8.946  1.00 10.29  ? 1081 THR A C   1 
ATOM   560  O O   . THR A 1 81  ? 2.540   -6.394  -8.371  1.00 7.92   ? 1081 THR A O   1 
ATOM   561  C CB  . THR A 1 81  ? 5.087   -7.997  -8.908  1.00 22.75  ? 1081 THR A CB  1 
ATOM   562  O OG1 . THR A 1 81  ? 6.112   -8.585  -8.098  1.00 37.59  ? 1081 THR A OG1 1 
ATOM   563  C CG2 . THR A 1 81  ? 5.522   -8.153  -10.359 1.00 13.82  ? 1081 THR A CG2 1 
ATOM   564  N N   . ARG A 1 82  ? 3.545   -5.161  -9.965  1.00 18.70  ? 1082 ARG A N   1 
ATOM   565  C CA  . ARG A 1 82  ? 2.338   -4.610  -10.554 1.00 24.03  ? 1082 ARG A CA  1 
ATOM   566  C C   . ARG A 1 82  ? 1.751   -5.615  -11.552 1.00 35.13  ? 1082 ARG A C   1 
ATOM   567  O O   . ARG A 1 82  ? 2.160   -5.632  -12.713 1.00 38.27  ? 1082 ARG A O   1 
ATOM   568  C CB  . ARG A 1 82  ? 2.603   -3.275  -11.247 1.00 22.92  ? 1082 ARG A CB  1 
ATOM   569  C CG  . ARG A 1 82  ? 1.355   -2.444  -11.487 1.00 30.49  ? 1082 ARG A CG  1 
ATOM   570  C CD  . ARG A 1 82  ? 1.526   -1.473  -12.642 1.00 36.67  ? 1082 ARG A CD  1 
ATOM   571  N NE  . ARG A 1 82  ? 2.823   -0.816  -12.641 1.00 44.20  ? 1082 ARG A NE  1 
ATOM   572  C CZ  . ARG A 1 82  ? 3.138   0.313   -12.023 1.00 46.34  ? 1082 ARG A CZ  1 
ATOM   573  N NH1 . ARG A 1 82  ? 2.244   0.982   -11.309 1.00 49.33  ? 1082 ARG A NH1 1 
ATOM   574  N NH2 . ARG A 1 82  ? 4.377   0.792   -12.115 1.00 36.62  ? 1082 ARG A NH2 1 
ATOM   575  N N   . TRP A 1 83  ? 0.835   -6.413  -11.034 1.00 40.54  ? 1083 TRP A N   1 
ATOM   576  C CA  . TRP A 1 83  ? 0.109   -7.464  -11.725 1.00 36.33  ? 1083 TRP A CA  1 
ATOM   577  C C   . TRP A 1 83  ? -0.921  -6.890  -12.695 1.00 39.34  ? 1083 TRP A C   1 
ATOM   578  O O   . TRP A 1 83  ? -1.527  -7.640  -13.461 1.00 50.16  ? 1083 TRP A O   1 
ATOM   579  C CB  . TRP A 1 83  ? -0.572  -8.358  -10.696 1.00 32.18  ? 1083 TRP A CB  1 
ATOM   580  C CG  . TRP A 1 83  ? -1.444  -9.455  -11.220 1.00 34.59  ? 1083 TRP A CG  1 
ATOM   581  C CD1 . TRP A 1 83  ? -2.760  -9.392  -11.588 1.00 36.59  ? 1083 TRP A CD1 1 
ATOM   582  C CD2 . TRP A 1 83  ? -1.044  -10.817 -11.430 1.00 27.41  ? 1083 TRP A CD2 1 
ATOM   583  N NE1 . TRP A 1 83  ? -3.203  -10.621 -12.017 1.00 31.44  ? 1083 TRP A NE1 1 
ATOM   584  C CE2 . TRP A 1 83  ? -2.165  -11.511 -11.927 1.00 31.10  ? 1083 TRP A CE2 1 
ATOM   585  C CE3 . TRP A 1 83  ? 0.157   -11.505 -11.236 1.00 23.47  ? 1083 TRP A CE3 1 
ATOM   586  C CZ2 . TRP A 1 83  ? -2.117  -12.869 -12.243 1.00 29.42  ? 1083 TRP A CZ2 1 
ATOM   587  C CZ3 . TRP A 1 83  ? 0.202   -12.848 -11.548 1.00 24.22  ? 1083 TRP A CZ3 1 
ATOM   588  C CH2 . TRP A 1 83  ? -0.928  -13.514 -12.044 1.00 27.92  ? 1083 TRP A CH2 1 
ATOM   589  N N   . GLY A 1 84  ? -1.128  -5.579  -12.651 1.00 42.34  ? 1084 GLY A N   1 
ATOM   590  C CA  . GLY A 1 84  ? -2.113  -4.909  -13.481 1.00 37.01  ? 1084 GLY A CA  1 
ATOM   591  C C   . GLY A 1 84  ? -3.539  -5.270  -13.093 1.00 31.92  ? 1084 GLY A C   1 
ATOM   592  O O   . GLY A 1 84  ? -3.748  -5.989  -12.112 1.00 23.67  ? 1084 GLY A O   1 
ATOM   593  N N   . THR A 1 85  ? -4.493  -4.766  -13.858 1.00 29.58  ? 1085 THR A N   1 
ATOM   594  C CA  . THR A 1 85  ? -5.912  -4.997  -13.723 1.00 29.06  ? 1085 THR A CA  1 
ATOM   595  C C   . THR A 1 85  ? -6.278  -6.396  -13.230 1.00 29.94  ? 1085 THR A C   1 
ATOM   596  O O   . THR A 1 85  ? -5.770  -7.391  -13.747 1.00 28.14  ? 1085 THR A O   1 
ATOM   597  C CB  . THR A 1 85  ? -6.644  -4.825  -15.074 1.00 31.68  ? 1085 THR A CB  1 
ATOM   598  O OG1 . THR A 1 85  ? -7.114  -3.483  -15.201 1.00 49.98  ? 1085 THR A OG1 1 
ATOM   599  C CG2 . THR A 1 85  ? -7.849  -5.750  -15.089 1.00 38.03  ? 1085 THR A CG2 1 
ATOM   600  N N   . VAL A 1 86  ? -7.162  -6.435  -12.249 1.00 34.39  ? 1086 VAL A N   1 
ATOM   601  C CA  . VAL A 1 86  ? -7.678  -7.590  -11.559 1.00 28.21  ? 1086 VAL A CA  1 
ATOM   602  C C   . VAL A 1 86  ? -9.195  -7.731  -11.686 1.00 25.30  ? 1086 VAL A C   1 
ATOM   603  O O   . VAL A 1 86  ? -9.912  -6.760  -11.442 1.00 19.15  ? 1086 VAL A O   1 
ATOM   604  C CB  . VAL A 1 86  ? -7.429  -7.523  -10.037 1.00 22.23  ? 1086 VAL A CB  1 
ATOM   605  C CG1 . VAL A 1 86  ? -8.648  -8.117  -9.345  1.00 19.30  ? 1086 VAL A CG1 1 
ATOM   606  C CG2 . VAL A 1 86  ? -6.160  -8.241  -9.632  1.00 8.27   ? 1086 VAL A CG2 1 
ATOM   607  N N   . ASP A 1 87  ? -9.695  -8.906  -12.040 1.00 33.74  ? 1087 ASP A N   1 
ATOM   608  C CA  . ASP A 1 87  ? -11.128 -9.178  -12.028 1.00 38.40  ? 1087 ASP A CA  1 
ATOM   609  C C   . ASP A 1 87  ? -11.964 -8.136  -12.760 1.00 44.57  ? 1087 ASP A C   1 
ATOM   610  O O   . ASP A 1 87  ? -11.533 -7.022  -13.042 1.00 57.49  ? 1087 ASP A O   1 
ATOM   611  C CB  . ASP A 1 87  ? -11.630 -9.255  -10.581 1.00 37.05  ? 1087 ASP A CB  1 
ATOM   612  C CG  . ASP A 1 87  ? -12.431 -10.504 -10.279 1.00 37.32  ? 1087 ASP A CG  1 
ATOM   613  O OD1 . ASP A 1 87  ? -11.878 -11.610 -10.474 1.00 49.08  ? 1087 ASP A OD1 1 
ATOM   614  O OD2 . ASP A 1 87  ? -13.600 -10.392 -9.843  1.00 31.08  ? 1087 ASP A OD2 1 
ATOM   615  N N   . CYS A 1 88  ? -13.195 -8.520  -13.052 1.00 42.51  ? 1088 CYS A N   1 
ATOM   616  C CA  . CYS A 1 88  ? -14.230 -7.671  -13.612 1.00 39.91  ? 1088 CYS A CA  1 
ATOM   617  C C   . CYS A 1 88  ? -15.584 -8.279  -13.197 1.00 42.79  ? 1088 CYS A C   1 
ATOM   618  O O   . CYS A 1 88  ? -16.633 -7.800  -13.612 1.00 50.77  ? 1088 CYS A O   1 
ATOM   619  C CB  . CYS A 1 88  ? -14.160 -7.541  -15.123 1.00 42.47  ? 1088 CYS A CB  1 
ATOM   620  S SG  . CYS A 1 88  ? -12.654 -6.832  -15.813 1.00 30.48  ? 1088 CYS A SG  1 
ATOM   621  N N   . THR A 1 89  ? -15.445 -9.317  -12.402 1.00 45.74  ? 1089 THR A N   1 
ATOM   622  C CA  . THR A 1 89  ? -16.414 -10.174 -11.764 1.00 44.33  ? 1089 THR A CA  1 
ATOM   623  C C   . THR A 1 89  ? -15.970 -11.644 -11.821 1.00 48.21  ? 1089 THR A C   1 
ATOM   624  O O   . THR A 1 89  ? -16.603 -12.500 -11.198 1.00 59.56  ? 1089 THR A O   1 
ATOM   625  C CB  . THR A 1 89  ? -17.823 -10.076 -12.378 1.00 40.67  ? 1089 THR A CB  1 
ATOM   626  O OG1 . THR A 1 89  ? -17.724 -9.961  -13.803 1.00 50.74  ? 1089 THR A OG1 1 
ATOM   627  C CG2 . THR A 1 89  ? -18.549 -8.831  -11.874 1.00 33.56  ? 1089 THR A CG2 1 
ATOM   628  N N   . THR A 1 90  ? -14.893 -11.913 -12.554 1.00 45.89  ? 1090 THR A N   1 
ATOM   629  C CA  . THR A 1 90  ? -14.396 -13.266 -12.766 1.00 42.54  ? 1090 THR A CA  1 
ATOM   630  C C   . THR A 1 90  ? -13.867 -13.908 -11.487 1.00 41.00  ? 1090 THR A C   1 
ATOM   631  O O   . THR A 1 90  ? -14.653 -14.456 -10.699 1.00 33.64  ? 1090 THR A O   1 
ATOM   632  C CB  . THR A 1 90  ? -13.281 -13.304 -13.836 1.00 44.57  ? 1090 THR A CB  1 
ATOM   633  O OG1 . THR A 1 90  ? -12.136 -12.597 -13.354 1.00 59.00  ? 1090 THR A OG1 1 
ATOM   634  C CG2 . THR A 1 90  ? -13.738 -12.602 -15.102 1.00 46.19  ? 1090 THR A CG2 1 
ATOM   635  N N   . ALA A 1 91  ? -12.558 -13.856 -11.276 1.00 44.98  ? 1091 ALA A N   1 
ATOM   636  C CA  . ALA A 1 91  ? -11.898 -14.400 -10.096 1.00 47.69  ? 1091 ALA A CA  1 
ATOM   637  C C   . ALA A 1 91  ? -12.440 -13.795 -8.803  1.00 50.14  ? 1091 ALA A C   1 
ATOM   638  O O   . ALA A 1 91  ? -13.146 -12.774 -8.801  1.00 51.60  ? 1091 ALA A O   1 
ATOM   639  C CB  . ALA A 1 91  ? -10.398 -14.174 -10.204 1.00 40.65  ? 1091 ALA A CB  1 
ATOM   640  N N   . ALA A 1 92  ? -12.127 -14.418 -7.665  1.00 45.92  ? 1092 ALA A N   1 
ATOM   641  C CA  . ALA A 1 92  ? -12.773 -14.036 -6.407  1.00 46.61  ? 1092 ALA A CA  1 
ATOM   642  C C   . ALA A 1 92  ? -11.941 -13.119 -5.519  1.00 38.93  ? 1092 ALA A C   1 
ATOM   643  O O   . ALA A 1 92  ? -11.076 -13.544 -4.752  1.00 26.57  ? 1092 ALA A O   1 
ATOM   644  C CB  . ALA A 1 92  ? -13.144 -15.294 -5.623  1.00 65.21  ? 1092 ALA A CB  1 
ATOM   645  N N   . CYS A 1 93  ? -12.233 -11.821 -5.604  1.00 33.41  ? 1093 CYS A N   1 
ATOM   646  C CA  . CYS A 1 93  ? -11.628 -10.863 -4.694  1.00 24.92  ? 1093 CYS A CA  1 
ATOM   647  C C   . CYS A 1 93  ? -12.127 -11.089 -3.268  1.00 29.67  ? 1093 CYS A C   1 
ATOM   648  O O   . CYS A 1 93  ? -13.219 -11.626 -3.074  1.00 35.59  ? 1093 CYS A O   1 
ATOM   649  C CB  . CYS A 1 93  ? -11.943 -9.432  -5.111  1.00 25.37  ? 1093 CYS A CB  1 
ATOM   650  S SG  . CYS A 1 93  ? -12.078 -9.137  -6.889  1.00 26.47  ? 1093 CYS A SG  1 
ATOM   651  N N   . HIS A 1 94  ? -11.337 -10.675 -2.284  1.00 37.80  ? 1094 HIS A N   1 
ATOM   652  C CA  . HIS A 1 94  ? -11.750 -10.686 -0.886  1.00 35.60  ? 1094 HIS A CA  1 
ATOM   653  C C   . HIS A 1 94  ? -10.864 -9.786  -0.019  1.00 40.63  ? 1094 HIS A C   1 
ATOM   654  O O   . HIS A 1 94  ? -9.782  -9.354  -0.413  1.00 30.64  ? 1094 HIS A O   1 
ATOM   655  C CB  . HIS A 1 94  ? -11.755 -12.092 -0.301  1.00 28.98  ? 1094 HIS A CB  1 
ATOM   656  C CG  . HIS A 1 94  ? -10.508 -12.878 -0.517  1.00 29.76  ? 1094 HIS A CG  1 
ATOM   657  N ND1 . HIS A 1 94  ? -10.399 -14.217 -0.198  1.00 34.14  ? 1094 HIS A ND1 1 
ATOM   658  C CD2 . HIS A 1 94  ? -9.311  -12.522 -1.026  1.00 36.40  ? 1094 HIS A CD2 1 
ATOM   659  C CE1 . HIS A 1 94  ? -9.186  -14.650 -0.502  1.00 33.87  ? 1094 HIS A CE1 1 
ATOM   660  N NE2 . HIS A 1 94  ? -8.503  -13.639 -1.007  1.00 35.78  ? 1094 HIS A NE2 1 
ATOM   661  N N   . VAL A 1 95  ? -11.365 -9.518  1.181   1.00 41.83  ? 1095 VAL A N   1 
ATOM   662  C CA  . VAL A 1 95  ? -10.741 -8.622  2.138   1.00 40.18  ? 1095 VAL A CA  1 
ATOM   663  C C   . VAL A 1 95  ? -9.737  -9.353  3.026   1.00 38.16  ? 1095 VAL A C   1 
ATOM   664  O O   . VAL A 1 95  ? -10.067 -10.339 3.682   1.00 30.19  ? 1095 VAL A O   1 
ATOM   665  C CB  . VAL A 1 95  ? -11.803 -7.942  3.027   1.00 43.17  ? 1095 VAL A CB  1 
ATOM   666  C CG1 . VAL A 1 95  ? -11.158 -7.401  4.303   1.00 56.69  ? 1095 VAL A CG1 1 
ATOM   667  C CG2 . VAL A 1 95  ? -12.501 -6.824  2.265   1.00 16.57  ? 1095 VAL A CG2 1 
ATOM   668  N N   . THR A 1 96  ? -8.515  -8.838  3.028   1.00 36.60  ? 1096 THR A N   1 
ATOM   669  C CA  . THR A 1 96  ? -7.406  -9.338  3.819   1.00 38.36  ? 1096 THR A CA  1 
ATOM   670  C C   . THR A 1 96  ? -7.118  -8.451  5.034   1.00 32.68  ? 1096 THR A C   1 
ATOM   671  O O   . THR A 1 96  ? -7.206  -7.227  4.960   1.00 27.24  ? 1096 THR A O   1 
ATOM   672  C CB  . THR A 1 96  ? -6.124  -9.447  2.969   1.00 36.91  ? 1096 THR A CB  1 
ATOM   673  O OG1 . THR A 1 96  ? -6.389  -8.942  1.654   1.00 12.07  ? 1096 THR A OG1 1 
ATOM   674  C CG2 . THR A 1 96  ? -5.695  -10.902 2.812   1.00 42.28  ? 1096 THR A CG2 1 
ATOM   675  N N   . LEU A 1 97  ? -6.771  -9.106  6.126   1.00 23.90  ? 1097 LEU A N   1 
ATOM   676  C CA  . LEU A 1 97  ? -6.362  -8.544  7.391   1.00 21.81  ? 1097 LEU A CA  1 
ATOM   677  C C   . LEU A 1 97  ? -5.067  -9.215  7.861   1.00 23.29  ? 1097 LEU A C   1 
ATOM   678  O O   . LEU A 1 97  ? -5.144  -10.209 8.581   1.00 20.28  ? 1097 LEU A O   1 
ATOM   679  C CB  . LEU A 1 97  ? -7.426  -8.733  8.472   1.00 22.63  ? 1097 LEU A CB  1 
ATOM   680  C CG  . LEU A 1 97  ? -7.877  -7.481  9.226   1.00 23.00  ? 1097 LEU A CG  1 
ATOM   681  C CD1 . LEU A 1 97  ? -9.091  -6.865  8.543   1.00 34.15  ? 1097 LEU A CD1 1 
ATOM   682  C CD2 . LEU A 1 97  ? -8.197  -7.803  10.684  1.00 11.05  ? 1097 LEU A CD2 1 
ATOM   683  N N   . ARG A 1 98  ? -3.940  -8.666  7.439   1.00 22.89  ? 1098 ARG A N   1 
ATOM   684  C CA  . ARG A 1 98  ? -2.631  -9.208  7.768   1.00 24.91  ? 1098 ARG A CA  1 
ATOM   685  C C   . ARG A 1 98  ? -1.718  -8.137  8.368   1.00 28.32  ? 1098 ARG A C   1 
ATOM   686  O O   . ARG A 1 98  ? -1.807  -6.953  8.025   1.00 30.10  ? 1098 ARG A O   1 
ATOM   687  C CB  . ARG A 1 98  ? -1.960  -9.821  6.539   1.00 28.60  ? 1098 ARG A CB  1 
ATOM   688  C CG  . ARG A 1 98  ? -2.813  -9.903  5.292   1.00 34.18  ? 1098 ARG A CG  1 
ATOM   689  C CD  . ARG A 1 98  ? -3.309  -11.314 5.024   1.00 43.18  ? 1098 ARG A CD  1 
ATOM   690  N NE  . ARG A 1 98  ? -2.604  -12.359 5.760   1.00 42.81  ? 1098 ARG A NE  1 
ATOM   691  C CZ  . ARG A 1 98  ? -2.952  -13.641 5.771   1.00 39.16  ? 1098 ARG A CZ  1 
ATOM   692  N NH1 . ARG A 1 98  ? -4.009  -14.054 5.079   1.00 36.43  ? 1098 ARG A NH1 1 
ATOM   693  N NH2 . ARG A 1 98  ? -2.256  -14.527 6.473   1.00 33.25  ? 1098 ARG A NH2 1 
ATOM   694  N N   . ASP A 1 99  ? -0.834  -8.576  9.259   1.00 33.15  ? 1099 ASP A N   1 
ATOM   695  C CA  . ASP A 1 99  ? 0.103   -7.692  9.944   1.00 29.04  ? 1099 ASP A CA  1 
ATOM   696  C C   . ASP A 1 99  ? 1.479   -7.740  9.277   1.00 28.52  ? 1099 ASP A C   1 
ATOM   697  O O   . ASP A 1 99  ? 1.590   -8.246  8.165   1.00 27.68  ? 1099 ASP A O   1 
ATOM   698  C CB  . ASP A 1 99  ? 0.218   -8.045  11.424  1.00 26.48  ? 1099 ASP A CB  1 
ATOM   699  C CG  . ASP A 1 99  ? 0.868   -9.375  11.722  1.00 28.51  ? 1099 ASP A CG  1 
ATOM   700  O OD1 . ASP A 1 99  ? 1.332   -10.078 10.801  1.00 40.80  ? 1099 ASP A OD1 1 
ATOM   701  O OD2 . ASP A 1 99  ? 0.931   -9.754  12.916  1.00 22.04  ? 1099 ASP A OD2 1 
ATOM   702  N N   . ALA A 1 100 ? 2.462   -7.221  9.989   1.00 24.11  ? 1100 ALA A N   1 
ATOM   703  C CA  . ALA A 1 100 ? 3.852   -7.101  9.615   1.00 24.04  ? 1100 ALA A CA  1 
ATOM   704  C C   . ALA A 1 100 ? 4.503   -8.451  9.337   1.00 28.13  ? 1100 ALA A C   1 
ATOM   705  O O   . ALA A 1 100 ? 5.473   -8.529  8.582   1.00 33.66  ? 1100 ALA A O   1 
ATOM   706  C CB  . ALA A 1 100 ? 4.622   -6.382  10.723  1.00 34.51  ? 1100 ALA A CB  1 
ATOM   707  N N   . LEU A 1 101 ? 3.979   -9.517  9.945   1.00 26.83  ? 1101 LEU A N   1 
ATOM   708  C CA  . LEU A 1 101 ? 4.547   -10.838 9.690   1.00 27.90  ? 1101 LEU A CA  1 
ATOM   709  C C   . LEU A 1 101 ? 3.610   -11.716 8.855   1.00 28.78  ? 1101 LEU A C   1 
ATOM   710  O O   . LEU A 1 101 ? 3.788   -12.936 8.831   1.00 32.84  ? 1101 LEU A O   1 
ATOM   711  C CB  . LEU A 1 101 ? 4.870   -11.550 10.998  1.00 24.26  ? 1101 LEU A CB  1 
ATOM   712  C CG  . LEU A 1 101 ? 4.670   -10.792 12.303  1.00 27.94  ? 1101 LEU A CG  1 
ATOM   713  C CD1 . LEU A 1 101 ? 3.349   -11.162 12.961  1.00 43.34  ? 1101 LEU A CD1 1 
ATOM   714  C CD2 . LEU A 1 101 ? 5.827   -11.070 13.259  1.00 29.89  ? 1101 LEU A CD2 1 
ATOM   715  N N   . SER A 1 102 ? 2.637   -11.108 8.197   1.00 25.23  ? 1102 SER A N   1 
ATOM   716  C CA  . SER A 1 102 ? 1.648   -11.772 7.369   1.00 24.55  ? 1102 SER A CA  1 
ATOM   717  C C   . SER A 1 102 ? 0.557   -12.432 8.205   1.00 26.82  ? 1102 SER A C   1 
ATOM   718  O O   . SER A 1 102 ? -0.501  -12.781 7.686   1.00 40.45  ? 1102 SER A O   1 
ATOM   719  C CB  . SER A 1 102 ? 2.306   -12.817 6.461   1.00 27.66  ? 1102 SER A CB  1 
ATOM   720  O OG  . SER A 1 102 ? 1.757   -12.762 5.156   1.00 36.00  ? 1102 SER A OG  1 
ATOM   721  N N   . ASN A 1 103 ? 0.820   -12.606 9.493   1.00 23.73  ? 1103 ASN A N   1 
ATOM   722  C CA  . ASN A 1 103 ? -0.156  -13.206 10.391  1.00 20.99  ? 1103 ASN A CA  1 
ATOM   723  C C   . ASN A 1 103 ? -1.485  -12.464 10.271  1.00 25.39  ? 1103 ASN A C   1 
ATOM   724  O O   . ASN A 1 103 ? -1.505  -11.237 10.207  1.00 33.88  ? 1103 ASN A O   1 
ATOM   725  C CB  . ASN A 1 103 ? 0.347   -13.206 11.833  1.00 19.08  ? 1103 ASN A CB  1 
ATOM   726  C CG  . ASN A 1 103 ? 1.551   -14.107 12.018  1.00 24.81  ? 1103 ASN A CG  1 
ATOM   727  O OD1 . ASN A 1 103 ? 2.143   -14.593 11.050  1.00 29.26  ? 1103 ASN A OD1 1 
ATOM   728  N ND2 . ASN A 1 103 ? 1.923   -14.345 13.272  1.00 53.08  ? 1103 ASN A ND2 1 
ATOM   729  N N   . GLY A 1 104 ? -2.560  -13.232 10.229  1.00 29.20  ? 1104 GLY A N   1 
ATOM   730  C CA  . GLY A 1 104 ? -3.916  -12.746 10.078  1.00 29.37  ? 1104 GLY A CA  1 
ATOM   731  C C   . GLY A 1 104 ? -4.875  -13.930 10.020  1.00 33.18  ? 1104 GLY A C   1 
ATOM   732  O O   . GLY A 1 104 ? -4.417  -15.077 10.004  1.00 26.69  ? 1104 GLY A O   1 
ATOM   733  N N   . PRO A 1 105 ? -6.166  -13.653 9.986   1.00 37.01  ? 1105 PRO A N   1 
ATOM   734  C CA  . PRO A 1 105 ? -7.182  -14.717 9.926   1.00 42.23  ? 1105 PRO A CA  1 
ATOM   735  C C   . PRO A 1 105 ? -7.343  -15.259 8.515   1.00 44.34  ? 1105 PRO A C   1 
ATOM   736  O O   . PRO A 1 105 ? -6.476  -15.056 7.658   1.00 51.08  ? 1105 PRO A O   1 
ATOM   737  C CB  . PRO A 1 105 ? -8.453  -13.978 10.372  1.00 40.26  ? 1105 PRO A CB  1 
ATOM   738  C CG  . PRO A 1 105 ? -8.240  -12.579 9.883   1.00 37.36  ? 1105 PRO A CG  1 
ATOM   739  C CD  . PRO A 1 105 ? -6.769  -12.308 10.007  1.00 38.71  ? 1105 PRO A CD  1 
ATOM   740  N N   . GLU A 1 106 ? -8.452  -15.961 8.244   1.00 44.03  ? 1106 GLU A N   1 
ATOM   741  C CA  . GLU A 1 106 ? -8.688  -16.434 6.884   1.00 43.77  ? 1106 GLU A CA  1 
ATOM   742  C C   . GLU A 1 106 ? -9.273  -15.314 6.027   1.00 41.87  ? 1106 GLU A C   1 
ATOM   743  O O   . GLU A 1 106 ? -10.023 -14.476 6.531   1.00 50.74  ? 1106 GLU A O   1 
ATOM   744  C CB  . GLU A 1 106 ? -9.631  -17.639 6.856   1.00 42.46  ? 1106 GLU A CB  1 
ATOM   745  C CG  . GLU A 1 106 ? -10.143 -17.950 5.456   1.00 41.25  ? 1106 GLU A CG  1 
ATOM   746  C CD  . GLU A 1 106 ? -11.284 -18.940 5.452   1.00 39.30  ? 1106 GLU A CD  1 
ATOM   747  O OE1 . GLU A 1 106 ? -11.038 -20.142 5.706   1.00 45.96  ? 1106 GLU A OE1 1 
ATOM   748  O OE2 . GLU A 1 106 ? -12.431 -18.526 5.189   1.00 37.07  ? 1106 GLU A OE2 1 
ATOM   749  N N   . GLY A 1 107 ? -8.927  -15.304 4.747   1.00 37.67  ? 1107 GLY A N   1 
ATOM   750  C CA  . GLY A 1 107 ? -9.447  -14.314 3.823   1.00 37.45  ? 1107 GLY A CA  1 
ATOM   751  C C   . GLY A 1 107 ? -10.945 -14.467 3.599   1.00 38.84  ? 1107 GLY A C   1 
ATOM   752  O O   . GLY A 1 107 ? -11.407 -15.497 3.112   1.00 57.17  ? 1107 GLY A O   1 
ATOM   753  N N   . VAL A 1 108 ? -11.695 -13.430 3.955   1.00 34.33  ? 1108 VAL A N   1 
ATOM   754  C CA  . VAL A 1 108 ? -13.137 -13.381 3.808   1.00 30.79  ? 1108 VAL A CA  1 
ATOM   755  C C   . VAL A 1 108 ? -13.532 -13.153 2.352   1.00 34.69  ? 1108 VAL A C   1 
ATOM   756  O O   . VAL A 1 108 ? -13.569 -12.019 1.882   1.00 37.76  ? 1108 VAL A O   1 
ATOM   757  C CB  . VAL A 1 108 ? -13.761 -12.270 4.671   1.00 28.99  ? 1108 VAL A CB  1 
ATOM   758  C CG1 . VAL A 1 108 ? -15.156 -11.926 4.185   1.00 25.29  ? 1108 VAL A CG1 1 
ATOM   759  C CG2 . VAL A 1 108 ? -13.787 -12.695 6.133   1.00 48.53  ? 1108 VAL A CG2 1 
ATOM   760  N N   . ALA A 1 109 ? -13.823 -14.245 1.658   1.00 39.22  ? 1109 ALA A N   1 
ATOM   761  C CA  . ALA A 1 109 ? -14.214 -14.215 0.253   1.00 29.59  ? 1109 ALA A CA  1 
ATOM   762  C C   . ALA A 1 109 ? -15.300 -13.179 0.014   1.00 20.57  ? 1109 ALA A C   1 
ATOM   763  O O   . ALA A 1 109 ? -16.119 -12.928 0.897   1.00 26.11  ? 1109 ALA A O   1 
ATOM   764  C CB  . ALA A 1 109 ? -14.676 -15.594 -0.191  1.00 39.82  ? 1109 ALA A CB  1 
ATOM   765  N N   . ILE A 1 110 ? -15.325 -12.560 -1.162  1.00 23.91  ? 1110 ILE A N   1 
ATOM   766  C CA  . ILE A 1 110 ? -16.430 -11.651 -1.465  1.00 36.57  ? 1110 ILE A CA  1 
ATOM   767  C C   . ILE A 1 110 ? -16.887 -11.864 -2.907  1.00 43.51  ? 1110 ILE A C   1 
ATOM   768  O O   . ILE A 1 110 ? -16.291 -12.651 -3.651  1.00 29.74  ? 1110 ILE A O   1 
ATOM   769  C CB  . ILE A 1 110 ? -16.068 -10.174 -1.250  1.00 45.44  ? 1110 ILE A CB  1 
ATOM   770  C CG1 . ILE A 1 110 ? -14.995 -9.648  -2.210  1.00 49.32  ? 1110 ILE A CG1 1 
ATOM   771  C CG2 . ILE A 1 110 ? -15.648 -9.904  0.187   1.00 49.18  ? 1110 ILE A CG2 1 
ATOM   772  C CD1 . ILE A 1 110 ? -14.206 -8.486  -1.640  1.00 52.98  ? 1110 ILE A CD1 1 
ATOM   773  N N   . SER A 1 111 ? -17.948 -11.164 -3.310  1.00 44.52  ? 1111 SER A N   1 
ATOM   774  C CA  . SER A 1 111 ? -18.430 -11.335 -4.676  1.00 44.60  ? 1111 SER A CA  1 
ATOM   775  C C   . SER A 1 111 ? -19.181 -10.107 -5.188  1.00 47.40  ? 1111 SER A C   1 
ATOM   776  O O   . SER A 1 111 ? -19.875 -9.409  -4.449  1.00 32.48  ? 1111 SER A O   1 
ATOM   777  C CB  . SER A 1 111 ? -19.312 -12.582 -4.764  1.00 44.93  ? 1111 SER A CB  1 
ATOM   778  O OG  . SER A 1 111 ? -18.879 -13.577 -3.855  1.00 34.78  ? 1111 SER A OG  1 
ATOM   779  N N   . PHE A 1 112 ? -19.007 -9.874  -6.480  1.00 50.97  ? 1112 PHE A N   1 
ATOM   780  C CA  . PHE A 1 112 ? -19.571 -8.800  -7.275  1.00 51.28  ? 1112 PHE A CA  1 
ATOM   781  C C   . PHE A 1 112 ? -20.141 -9.316  -8.596  1.00 52.96  ? 1112 PHE A C   1 
ATOM   782  O O   . PHE A 1 112 ? -21.208 -8.913  -9.046  1.00 52.87  ? 1112 PHE A O   1 
ATOM   783  C CB  . PHE A 1 112 ? -18.497 -7.733  -7.571  1.00 50.92  ? 1112 PHE A CB  1 
ATOM   784  C CG  . PHE A 1 112 ? -17.660 -7.423  -6.337  1.00 50.14  ? 1112 PHE A CG  1 
ATOM   785  C CD1 . PHE A 1 112 ? -16.557 -8.199  -6.032  1.00 51.27  ? 1112 PHE A CD1 1 
ATOM   786  C CD2 . PHE A 1 112 ? -18.004 -6.378  -5.503  1.00 52.63  ? 1112 PHE A CD2 1 
ATOM   787  C CE1 . PHE A 1 112 ? -15.805 -7.930  -4.906  1.00 54.42  ? 1112 PHE A CE1 1 
ATOM   788  C CE2 . PHE A 1 112 ? -17.258 -6.104  -4.373  1.00 53.17  ? 1112 PHE A CE2 1 
ATOM   789  C CZ  . PHE A 1 112 ? -16.157 -6.884  -4.073  1.00 53.38  ? 1112 PHE A CZ  1 
ATOM   790  N N   . ALA B 1 2   ? 26.551  1.513   -6.912  1.00 24.59  ? 2002 ALA B N   1 
ATOM   791  C CA  . ALA B 1 2   ? 25.498  1.206   -5.941  1.00 36.17  ? 2002 ALA B CA  1 
ATOM   792  C C   . ALA B 1 2   ? 24.158  1.752   -6.424  1.00 37.55  ? 2002 ALA B C   1 
ATOM   793  O O   . ALA B 1 2   ? 24.148  2.623   -7.301  1.00 42.08  ? 2002 ALA B O   1 
ATOM   794  C CB  . ALA B 1 2   ? 25.882  1.760   -4.578  1.00 40.31  ? 2002 ALA B CB  1 
ATOM   795  N N   . PRO B 1 3   ? 23.058  1.251   -5.876  1.00 38.95  ? 2003 PRO B N   1 
ATOM   796  C CA  . PRO B 1 3   ? 21.727  1.721   -6.262  1.00 42.03  ? 2003 PRO B CA  1 
ATOM   797  C C   . PRO B 1 3   ? 21.616  3.244   -6.301  1.00 46.03  ? 2003 PRO B C   1 
ATOM   798  O O   . PRO B 1 3   ? 22.260  3.961   -5.540  1.00 49.35  ? 2003 PRO B O   1 
ATOM   799  C CB  . PRO B 1 3   ? 20.821  1.185   -5.154  1.00 42.58  ? 2003 PRO B CB  1 
ATOM   800  C CG  . PRO B 1 3   ? 21.568  0.102   -4.467  1.00 37.91  ? 2003 PRO B CG  1 
ATOM   801  C CD  . PRO B 1 3   ? 23.002  0.189   -4.859  1.00 35.63  ? 2003 PRO B CD  1 
ATOM   802  N N   . THR B 1 4   ? 20.797  3.746   -7.219  1.00 47.20  ? 2004 THR B N   1 
ATOM   803  C CA  . THR B 1 4   ? 20.598  5.176   -7.389  1.00 49.90  ? 2004 THR B CA  1 
ATOM   804  C C   . THR B 1 4   ? 19.120  5.531   -7.478  1.00 46.21  ? 2004 THR B C   1 
ATOM   805  O O   . THR B 1 4   ? 18.301  4.699   -7.862  1.00 41.33  ? 2004 THR B O   1 
ATOM   806  C CB  . THR B 1 4   ? 21.306  5.693   -8.656  1.00 56.20  ? 2004 THR B CB  1 
ATOM   807  O OG1 . THR B 1 4   ? 20.331  5.873   -9.693  1.00 68.75  ? 2004 THR B OG1 1 
ATOM   808  C CG2 . THR B 1 4   ? 22.322  4.689   -9.181  1.00 57.60  ? 2004 THR B CG2 1 
ATOM   809  N N   . ALA B 1 5   ? 18.767  6.775   -7.127  1.00 32.42  ? 2005 ALA B N   1 
ATOM   810  C CA  . ALA B 1 5   ? 17.372  7.197   -7.230  1.00 25.24  ? 2005 ALA B CA  1 
ATOM   811  C C   . ALA B 1 5   ? 17.250  8.663   -7.623  1.00 30.32  ? 2005 ALA B C   1 
ATOM   812  O O   . ALA B 1 5   ? 18.034  9.505   -7.185  1.00 46.88  ? 2005 ALA B O   1 
ATOM   813  C CB  . ALA B 1 5   ? 16.654  6.925   -5.918  1.00 21.53  ? 2005 ALA B CB  1 
ATOM   814  N N   . THR B 1 6   ? 16.261  8.976   -8.456  1.00 30.22  ? 2006 THR B N   1 
ATOM   815  C CA  . THR B 1 6   ? 16.050  10.358  -8.873  1.00 28.69  ? 2006 THR B CA  1 
ATOM   816  C C   . THR B 1 6   ? 14.583  10.646  -9.175  1.00 32.05  ? 2006 THR B C   1 
ATOM   817  O O   . THR B 1 6   ? 13.868  9.828   -9.749  1.00 28.11  ? 2006 THR B O   1 
ATOM   818  C CB  . THR B 1 6   ? 16.903  10.708  -10.108 1.00 30.53  ? 2006 THR B CB  1 
ATOM   819  O OG1 . THR B 1 6   ? 16.240  11.699  -10.903 1.00 38.54  ? 2006 THR B OG1 1 
ATOM   820  C CG2 . THR B 1 6   ? 17.076  9.488   -10.998 1.00 48.41  ? 2006 THR B CG2 1 
ATOM   821  N N   . VAL B 1 7   ? 14.149  11.836  -8.773  1.00 37.24  ? 2007 VAL B N   1 
ATOM   822  C CA  . VAL B 1 7   ? 12.812  12.342  -9.049  1.00 36.97  ? 2007 VAL B CA  1 
ATOM   823  C C   . VAL B 1 7   ? 12.873  13.624  -9.875  1.00 41.12  ? 2007 VAL B C   1 
ATOM   824  O O   . VAL B 1 7   ? 13.885  14.322  -9.916  1.00 39.68  ? 2007 VAL B O   1 
ATOM   825  C CB  . VAL B 1 7   ? 12.019  12.613  -7.761  1.00 35.75  ? 2007 VAL B CB  1 
ATOM   826  C CG1 . VAL B 1 7   ? 10.543  12.805  -8.074  1.00 38.85  ? 2007 VAL B CG1 1 
ATOM   827  C CG2 . VAL B 1 7   ? 12.218  11.477  -6.764  1.00 32.08  ? 2007 VAL B CG2 1 
ATOM   828  N N   . THR B 1 8   ? 11.774  13.936  -10.559 1.00 47.02  ? 2008 THR B N   1 
ATOM   829  C CA  . THR B 1 8   ? 11.729  15.136  -11.396 1.00 51.70  ? 2008 THR B CA  1 
ATOM   830  C C   . THR B 1 8   ? 10.298  15.457  -11.806 1.00 43.36  ? 2008 THR B C   1 
ATOM   831  O O   . THR B 1 8   ? 9.656   14.673  -12.510 1.00 45.75  ? 2008 THR B O   1 
ATOM   832  C CB  . THR B 1 8   ? 12.598  14.971  -12.656 1.00 61.57  ? 2008 THR B CB  1 
ATOM   833  O OG1 . THR B 1 8   ? 12.017  15.693  -13.764 1.00 70.26  ? 2008 THR B OG1 1 
ATOM   834  C CG2 . THR B 1 8   ? 12.699  13.511  -13.083 1.00 75.17  ? 2008 THR B CG2 1 
ATOM   835  N N   . PRO B 1 9   ? 9.788   16.605  -11.384 1.00 35.14  ? 2009 PRO B N   1 
ATOM   836  C CA  . PRO B 1 9   ? 10.545  17.545  -10.550 1.00 31.15  ? 2009 PRO B CA  1 
ATOM   837  C C   . PRO B 1 9   ? 10.477  17.206  -9.069  1.00 30.35  ? 2009 PRO B C   1 
ATOM   838  O O   . PRO B 1 9   ? 9.562   16.504  -8.632  1.00 31.59  ? 2009 PRO B O   1 
ATOM   839  C CB  . PRO B 1 9   ? 9.808   18.856  -10.828 1.00 33.39  ? 2009 PRO B CB  1 
ATOM   840  C CG  . PRO B 1 9   ? 8.393   18.446  -11.049 1.00 33.54  ? 2009 PRO B CG  1 
ATOM   841  C CD  . PRO B 1 9   ? 8.435   17.092  -11.690 1.00 31.71  ? 2009 PRO B CD  1 
ATOM   842  N N   . SER B 1 10  ? 11.429  17.696  -8.273  1.00 32.00  ? 2010 SER B N   1 
ATOM   843  C CA  . SER B 1 10  ? 11.395  17.404  -6.840  1.00 31.99  ? 2010 SER B CA  1 
ATOM   844  C C   . SER B 1 10  ? 10.965  18.619  -6.023  1.00 35.08  ? 2010 SER B C   1 
ATOM   845  O O   . SER B 1 10  ? 10.183  18.504  -5.077  1.00 43.05  ? 2010 SER B O   1 
ATOM   846  C CB  . SER B 1 10  ? 12.750  16.901  -6.332  1.00 26.40  ? 2010 SER B CB  1 
ATOM   847  O OG  . SER B 1 10  ? 13.838  17.395  -7.083  1.00 39.70  ? 2010 SER B OG  1 
ATOM   848  N N   . SER B 1 11  ? 11.482  19.788  -6.380  1.00 33.73  ? 2011 SER B N   1 
ATOM   849  C CA  . SER B 1 11  ? 11.174  21.019  -5.667  1.00 30.18  ? 2011 SER B CA  1 
ATOM   850  C C   . SER B 1 11  ? 10.206  21.891  -6.459  1.00 27.19  ? 2011 SER B C   1 
ATOM   851  O O   . SER B 1 11  ? 10.277  21.929  -7.688  1.00 30.36  ? 2011 SER B O   1 
ATOM   852  C CB  . SER B 1 11  ? 12.456  21.804  -5.387  1.00 32.44  ? 2011 SER B CB  1 
ATOM   853  O OG  . SER B 1 11  ? 13.599  20.961  -5.445  1.00 39.15  ? 2011 SER B OG  1 
ATOM   854  N N   . GLY B 1 12  ? 9.325   22.586  -5.741  1.00 23.48  ? 2012 GLY B N   1 
ATOM   855  C CA  . GLY B 1 12  ? 8.378   23.522  -6.314  1.00 19.35  ? 2012 GLY B CA  1 
ATOM   856  C C   . GLY B 1 12  ? 7.020   22.883  -6.549  1.00 25.66  ? 2012 GLY B C   1 
ATOM   857  O O   . GLY B 1 12  ? 6.244   23.361  -7.376  1.00 23.81  ? 2012 GLY B O   1 
ATOM   858  N N   . LEU B 1 13  ? 6.779   21.809  -5.811  1.00 32.94  ? 2013 LEU B N   1 
ATOM   859  C CA  . LEU B 1 13  ? 5.625   20.941  -5.928  1.00 27.59  ? 2013 LEU B CA  1 
ATOM   860  C C   . LEU B 1 13  ? 4.381   21.489  -5.240  1.00 31.25  ? 2013 LEU B C   1 
ATOM   861  O O   . LEU B 1 13  ? 4.444   22.356  -4.373  1.00 40.27  ? 2013 LEU B O   1 
ATOM   862  C CB  . LEU B 1 13  ? 5.963   19.563  -5.336  1.00 20.00  ? 2013 LEU B CB  1 
ATOM   863  C CG  . LEU B 1 13  ? 7.296   18.965  -5.774  1.00 23.21  ? 2013 LEU B CG  1 
ATOM   864  C CD1 . LEU B 1 13  ? 7.527   17.624  -5.091  1.00 29.92  ? 2013 LEU B CD1 1 
ATOM   865  C CD2 . LEU B 1 13  ? 7.352   18.829  -7.297  1.00 29.00  ? 2013 LEU B CD2 1 
ATOM   866  N N   . SER B 1 14  ? 3.246   20.936  -5.647  1.00 38.57  ? 2014 SER B N   1 
ATOM   867  C CA  . SER B 1 14  ? 1.928   21.241  -5.114  1.00 43.14  ? 2014 SER B CA  1 
ATOM   868  C C   . SER B 1 14  ? 1.137   19.959  -4.845  1.00 46.98  ? 2014 SER B C   1 
ATOM   869  O O   . SER B 1 14  ? 1.728   18.888  -4.670  1.00 34.99  ? 2014 SER B O   1 
ATOM   870  C CB  . SER B 1 14  ? 1.174   22.148  -6.089  1.00 43.23  ? 2014 SER B CB  1 
ATOM   871  O OG  . SER B 1 14  ? 2.057   22.688  -7.062  1.00 35.43  ? 2014 SER B OG  1 
ATOM   872  N N   . ASP B 1 15  ? -0.186  20.047  -4.815  1.00 48.83  ? 2015 ASP B N   1 
ATOM   873  C CA  . ASP B 1 15  ? -1.044  18.898  -4.568  1.00 48.58  ? 2015 ASP B CA  1 
ATOM   874  C C   . ASP B 1 15  ? -1.618  18.299  -5.853  1.00 46.27  ? 2015 ASP B C   1 
ATOM   875  O O   . ASP B 1 15  ? -2.490  18.892  -6.493  1.00 37.36  ? 2015 ASP B O   1 
ATOM   876  C CB  . ASP B 1 15  ? -2.207  19.296  -3.641  1.00 53.01  ? 2015 ASP B CB  1 
ATOM   877  C CG  . ASP B 1 15  ? -3.055  18.099  -3.246  1.00 55.07  ? 2015 ASP B CG  1 
ATOM   878  O OD1 . ASP B 1 15  ? -2.643  17.377  -2.314  1.00 48.29  ? 2015 ASP B OD1 1 
ATOM   879  O OD2 . ASP B 1 15  ? -4.133  17.887  -3.872  1.00 66.19  ? 2015 ASP B OD2 1 
ATOM   880  N N   . GLY B 1 16  ? -1.135  17.119  -6.219  1.00 47.16  ? 2016 GLY B N   1 
ATOM   881  C CA  . GLY B 1 16  ? -1.571  16.402  -7.403  1.00 45.42  ? 2016 GLY B CA  1 
ATOM   882  C C   . GLY B 1 16  ? -0.536  16.433  -8.515  1.00 42.10  ? 2016 GLY B C   1 
ATOM   883  O O   . GLY B 1 16  ? -0.889  16.137  -9.656  1.00 20.07  ? 2016 GLY B O   1 
ATOM   884  N N   . THR B 1 17  ? 0.691   16.775  -8.144  1.00 42.05  ? 2017 THR B N   1 
ATOM   885  C CA  . THR B 1 17  ? 1.838   16.916  -9.014  1.00 40.30  ? 2017 THR B CA  1 
ATOM   886  C C   . THR B 1 17  ? 2.371   15.563  -9.482  1.00 43.55  ? 2017 THR B C   1 
ATOM   887  O O   . THR B 1 17  ? 2.679   14.693  -8.672  1.00 45.63  ? 2017 THR B O   1 
ATOM   888  C CB  . THR B 1 17  ? 2.999   17.661  -8.328  1.00 35.19  ? 2017 THR B CB  1 
ATOM   889  O OG1 . THR B 1 17  ? 2.550   18.917  -7.808  1.00 45.44  ? 2017 THR B OG1 1 
ATOM   890  C CG2 . THR B 1 17  ? 4.097   17.967  -9.341  1.00 17.28  ? 2017 THR B CG2 1 
ATOM   891  N N   . VAL B 1 18  ? 2.488   15.397  -10.797 1.00 38.96  ? 2018 VAL B N   1 
ATOM   892  C CA  . VAL B 1 18  ? 3.033   14.165  -11.351 1.00 26.66  ? 2018 VAL B CA  1 
ATOM   893  C C   . VAL B 1 18  ? 4.549   14.256  -11.495 1.00 23.83  ? 2018 VAL B C   1 
ATOM   894  O O   . VAL B 1 18  ? 5.050   15.110  -12.222 1.00 37.94  ? 2018 VAL B O   1 
ATOM   895  C CB  . VAL B 1 18  ? 2.444   13.825  -12.734 1.00 21.69  ? 2018 VAL B CB  1 
ATOM   896  C CG1 . VAL B 1 18  ? 2.967   12.461  -13.155 1.00 25.05  ? 2018 VAL B CG1 1 
ATOM   897  C CG2 . VAL B 1 18  ? 0.917   13.861  -12.715 1.00 6.06   ? 2018 VAL B CG2 1 
ATOM   898  N N   . VAL B 1 19  ? 5.261   13.376  -10.804 1.00 22.74  ? 2019 VAL B N   1 
ATOM   899  C CA  . VAL B 1 19  ? 6.711   13.379  -10.841 1.00 31.18  ? 2019 VAL B CA  1 
ATOM   900  C C   . VAL B 1 19  ? 7.279   12.173  -11.585 1.00 41.77  ? 2019 VAL B C   1 
ATOM   901  O O   . VAL B 1 19  ? 6.592   11.182  -11.806 1.00 51.00  ? 2019 VAL B O   1 
ATOM   902  C CB  . VAL B 1 19  ? 7.312   13.409  -9.413  1.00 35.18  ? 2019 VAL B CB  1 
ATOM   903  C CG1 . VAL B 1 19  ? 6.746   14.568  -8.626  1.00 38.84  ? 2019 VAL B CG1 1 
ATOM   904  C CG2 . VAL B 1 19  ? 7.046   12.082  -8.713  1.00 46.16  ? 2019 VAL B CG2 1 
ATOM   905  N N   . LYS B 1 20  ? 8.551   12.290  -11.962 1.00 45.22  ? 2020 LYS B N   1 
ATOM   906  C CA  . LYS B 1 20  ? 9.289   11.287  -12.703 1.00 45.05  ? 2020 LYS B CA  1 
ATOM   907  C C   . LYS B 1 20  ? 10.374  10.638  -11.847 1.00 42.85  ? 2020 LYS B C   1 
ATOM   908  O O   . LYS B 1 20  ? 11.507  11.116  -11.771 1.00 39.76  ? 2020 LYS B O   1 
ATOM   909  C CB  . LYS B 1 20  ? 9.945   11.909  -13.942 1.00 50.76  ? 2020 LYS B CB  1 
ATOM   910  C CG  . LYS B 1 20  ? 9.870   11.030  -15.184 1.00 56.57  ? 2020 LYS B CG  1 
ATOM   911  C CD  . LYS B 1 20  ? 11.258  10.677  -15.691 1.00 58.19  ? 2020 LYS B CD  1 
ATOM   912  C CE  . LYS B 1 20  ? 12.264  10.575  -14.544 1.00 61.74  ? 2020 LYS B CE  1 
ATOM   913  N NZ  . LYS B 1 20  ? 13.545  11.250  -14.869 1.00 84.40  ? 2020 LYS B NZ  1 
ATOM   914  N N   . VAL B 1 21  ? 10.013  9.530   -11.211 1.00 39.91  ? 2021 VAL B N   1 
ATOM   915  C CA  . VAL B 1 21  ? 10.987  8.790   -10.415 1.00 36.28  ? 2021 VAL B CA  1 
ATOM   916  C C   . VAL B 1 21  ? 11.760  7.817   -11.293 1.00 33.58  ? 2021 VAL B C   1 
ATOM   917  O O   . VAL B 1 21  ? 11.170  7.147   -12.145 1.00 25.05  ? 2021 VAL B O   1 
ATOM   918  C CB  . VAL B 1 21  ? 10.299  8.023   -9.272  1.00 34.66  ? 2021 VAL B CB  1 
ATOM   919  C CG1 . VAL B 1 21  ? 10.982  8.315   -7.948  1.00 42.78  ? 2021 VAL B CG1 1 
ATOM   920  C CG2 . VAL B 1 21  ? 8.817   8.376   -9.225  1.00 16.19  ? 2021 VAL B CG2 1 
ATOM   921  N N   . ALA B 1 22  ? 13.072  7.742   -11.080 1.00 27.69  ? 2022 ALA B N   1 
ATOM   922  C CA  . ALA B 1 22  ? 13.917  6.836   -11.846 1.00 26.20  ? 2022 ALA B CA  1 
ATOM   923  C C   . ALA B 1 22  ? 14.900  6.111   -10.935 1.00 30.51  ? 2022 ALA B C   1 
ATOM   924  O O   . ALA B 1 22  ? 15.437  6.704   -9.997  1.00 47.26  ? 2022 ALA B O   1 
ATOM   925  C CB  . ALA B 1 22  ? 14.661  7.585   -12.941 1.00 28.03  ? 2022 ALA B CB  1 
ATOM   926  N N   . GLY B 1 23  ? 15.120  4.824   -11.196 1.00 28.48  ? 2023 GLY B N   1 
ATOM   927  C CA  . GLY B 1 23  ? 16.015  4.020   -10.380 1.00 21.09  ? 2023 GLY B CA  1 
ATOM   928  C C   . GLY B 1 23  ? 17.305  3.689   -11.108 1.00 19.00  ? 2023 GLY B C   1 
ATOM   929  O O   . GLY B 1 23  ? 17.513  4.130   -12.237 1.00 22.94  ? 2023 GLY B O   1 
ATOM   930  N N   . ALA B 1 24  ? 18.174  2.920   -10.459 1.00 19.53  ? 2024 ALA B N   1 
ATOM   931  C CA  . ALA B 1 24  ? 19.440  2.536   -11.077 1.00 26.88  ? 2024 ALA B CA  1 
ATOM   932  C C   . ALA B 1 24  ? 20.299  1.704   -10.134 1.00 31.41  ? 2024 ALA B C   1 
ATOM   933  O O   . ALA B 1 24  ? 20.393  1.971   -8.934  1.00 46.24  ? 2024 ALA B O   1 
ATOM   934  C CB  . ALA B 1 24  ? 20.199  3.773   -11.535 1.00 47.15  ? 2024 ALA B CB  1 
ATOM   935  N N   . GLY B 1 25  ? 20.940  0.673   -10.682 1.00 27.71  ? 2025 GLY B N   1 
ATOM   936  C CA  . GLY B 1 25  ? 21.743  -0.207  -9.840  1.00 18.73  ? 2025 GLY B CA  1 
ATOM   937  C C   . GLY B 1 25  ? 20.832  -1.093  -9.000  1.00 20.52  ? 2025 GLY B C   1 
ATOM   938  O O   . GLY B 1 25  ? 21.290  -1.704  -8.036  1.00 44.63  ? 2025 GLY B O   1 
ATOM   939  N N   . LEU B 1 26  ? 19.561  -1.135  -9.378  1.00 20.87  ? 2026 LEU B N   1 
ATOM   940  C CA  . LEU B 1 26  ? 18.566  -2.010  -8.781  1.00 22.24  ? 2026 LEU B CA  1 
ATOM   941  C C   . LEU B 1 26  ? 18.837  -3.466  -9.155  1.00 19.80  ? 2026 LEU B C   1 
ATOM   942  O O   . LEU B 1 26  ? 19.634  -3.743  -10.049 1.00 31.30  ? 2026 LEU B O   1 
ATOM   943  C CB  . LEU B 1 26  ? 17.158  -1.630  -9.241  1.00 28.57  ? 2026 LEU B CB  1 
ATOM   944  C CG  . LEU B 1 26  ? 16.687  -0.194  -9.041  1.00 31.47  ? 2026 LEU B CG  1 
ATOM   945  C CD1 . LEU B 1 26  ? 15.253  -0.007  -9.525  1.00 8.09   ? 2026 LEU B CD1 1 
ATOM   946  C CD2 . LEU B 1 26  ? 16.817  0.204   -7.567  1.00 41.26  ? 2026 LEU B CD2 1 
ATOM   947  N N   . GLN B 1 27  ? 18.178  -4.408  -8.488  1.00 21.23  ? 2027 GLN B N   1 
ATOM   948  C CA  . GLN B 1 27  ? 18.269  -5.799  -8.931  1.00 24.18  ? 2027 GLN B CA  1 
ATOM   949  C C   . GLN B 1 27  ? 17.206  -6.039  -10.004 1.00 23.14  ? 2027 GLN B C   1 
ATOM   950  O O   . GLN B 1 27  ? 16.017  -5.838  -9.775  1.00 20.89  ? 2027 GLN B O   1 
ATOM   951  C CB  . GLN B 1 27  ? 18.115  -6.785  -7.778  1.00 30.09  ? 2027 GLN B CB  1 
ATOM   952  C CG  . GLN B 1 27  ? 18.900  -8.078  -7.948  1.00 37.64  ? 2027 GLN B CG  1 
ATOM   953  C CD  . GLN B 1 27  ? 20.250  -8.076  -7.259  1.00 42.20  ? 2027 GLN B CD  1 
ATOM   954  O OE1 . GLN B 1 27  ? 20.382  -8.558  -6.133  1.00 57.79  ? 2027 GLN B OE1 1 
ATOM   955  N NE2 . GLN B 1 27  ? 21.278  -7.540  -7.916  1.00 20.94  ? 2027 GLN B NE2 1 
ATOM   956  N N   . ALA B 1 28  ? 17.672  -6.461  -11.179 1.00 25.29  ? 2028 ALA B N   1 
ATOM   957  C CA  . ALA B 1 28  ? 16.793  -6.739  -12.308 1.00 21.81  ? 2028 ALA B CA  1 
ATOM   958  C C   . ALA B 1 28  ? 15.743  -7.763  -11.901 1.00 27.68  ? 2028 ALA B C   1 
ATOM   959  O O   . ALA B 1 28  ? 16.022  -8.716  -11.170 1.00 32.53  ? 2028 ALA B O   1 
ATOM   960  C CB  . ALA B 1 28  ? 17.577  -7.233  -13.504 1.00 17.77  ? 2028 ALA B CB  1 
ATOM   961  N N   . GLY B 1 29  ? 14.516  -7.559  -12.364 1.00 28.79  ? 2029 GLY B N   1 
ATOM   962  C CA  . GLY B 1 29  ? 13.447  -8.456  -11.952 1.00 33.14  ? 2029 GLY B CA  1 
ATOM   963  C C   . GLY B 1 29  ? 13.004  -8.162  -10.529 1.00 34.58  ? 2029 GLY B C   1 
ATOM   964  O O   . GLY B 1 29  ? 12.113  -8.832  -9.999  1.00 39.63  ? 2029 GLY B O   1 
ATOM   965  N N   . THR B 1 30  ? 13.606  -7.163  -9.884  1.00 34.65  ? 2030 THR B N   1 
ATOM   966  C CA  . THR B 1 30  ? 13.190  -6.841  -8.518  1.00 32.17  ? 2030 THR B CA  1 
ATOM   967  C C   . THR B 1 30  ? 12.176  -5.698  -8.518  1.00 25.81  ? 2030 THR B C   1 
ATOM   968  O O   . THR B 1 30  ? 12.394  -4.678  -9.162  1.00 40.65  ? 2030 THR B O   1 
ATOM   969  C CB  . THR B 1 30  ? 14.369  -6.485  -7.600  1.00 33.88  ? 2030 THR B CB  1 
ATOM   970  O OG1 . THR B 1 30  ? 15.329  -7.552  -7.616  1.00 42.91  ? 2030 THR B OG1 1 
ATOM   971  C CG2 . THR B 1 30  ? 13.878  -6.342  -6.167  1.00 29.73  ? 2030 THR B CG2 1 
ATOM   972  N N   . ALA B 1 31  ? 11.096  -5.926  -7.790  1.00 22.49  ? 2031 ALA B N   1 
ATOM   973  C CA  . ALA B 1 31  ? 9.957   -5.045  -7.640  1.00 24.57  ? 2031 ALA B CA  1 
ATOM   974  C C   . ALA B 1 31  ? 10.172  -4.014  -6.537  1.00 25.42  ? 2031 ALA B C   1 
ATOM   975  O O   . ALA B 1 31  ? 10.485  -4.326  -5.389  1.00 19.33  ? 2031 ALA B O   1 
ATOM   976  C CB  . ALA B 1 31  ? 8.701   -5.855  -7.341  1.00 36.46  ? 2031 ALA B CB  1 
ATOM   977  N N   . TYR B 1 32  ? 9.999   -2.754  -6.918  1.00 29.80  ? 2032 TYR B N   1 
ATOM   978  C CA  . TYR B 1 32  ? 10.197  -1.645  -5.994  1.00 23.87  ? 2032 TYR B CA  1 
ATOM   979  C C   . TYR B 1 32  ? 8.921   -0.831  -5.863  1.00 15.46  ? 2032 TYR B C   1 
ATOM   980  O O   . TYR B 1 32  ? 8.468   -0.173  -6.792  1.00 16.92  ? 2032 TYR B O   1 
ATOM   981  C CB  . TYR B 1 32  ? 11.366  -0.764  -6.459  1.00 25.35  ? 2032 TYR B CB  1 
ATOM   982  C CG  . TYR B 1 32  ? 12.656  -1.559  -6.514  1.00 27.61  ? 2032 TYR B CG  1 
ATOM   983  C CD1 . TYR B 1 32  ? 12.961  -2.334  -7.628  1.00 30.98  ? 2032 TYR B CD1 1 
ATOM   984  C CD2 . TYR B 1 32  ? 13.553  -1.542  -5.456  1.00 26.40  ? 2032 TYR B CD2 1 
ATOM   985  C CE1 . TYR B 1 32  ? 14.131  -3.069  -7.692  1.00 29.17  ? 2032 TYR B CE1 1 
ATOM   986  C CE2 . TYR B 1 32  ? 14.727  -2.272  -5.511  1.00 30.20  ? 2032 TYR B CE2 1 
ATOM   987  C CZ  . TYR B 1 32  ? 15.007  -3.031  -6.630  1.00 34.72  ? 2032 TYR B CZ  1 
ATOM   988  O OH  . TYR B 1 32  ? 16.175  -3.760  -6.692  1.00 38.81  ? 2032 TYR B OH  1 
ATOM   989  N N   . TRP B 1 33  ? 8.324   -0.888  -4.676  1.00 14.69  ? 2033 TRP B N   1 
ATOM   990  C CA  . TRP B 1 33  ? 7.170   -0.027  -4.442  1.00 18.12  ? 2033 TRP B CA  1 
ATOM   991  C C   . TRP B 1 33  ? 7.608   1.424   -4.663  1.00 27.55  ? 2033 TRP B C   1 
ATOM   992  O O   . TRP B 1 33  ? 8.792   1.743   -4.500  1.00 20.31  ? 2033 TRP B O   1 
ATOM   993  C CB  . TRP B 1 33  ? 6.635   -0.208  -3.043  1.00 17.67  ? 2033 TRP B CB  1 
ATOM   994  C CG  . TRP B 1 33  ? 6.010   -1.486  -2.605  1.00 16.32  ? 2033 TRP B CG  1 
ATOM   995  C CD1 . TRP B 1 33  ? 6.555   -2.454  -1.808  1.00 13.37  ? 2033 TRP B CD1 1 
ATOM   996  C CD2 . TRP B 1 33  ? 4.695   -1.953  -2.936  1.00 13.52  ? 2033 TRP B CD2 1 
ATOM   997  N NE1 . TRP B 1 33  ? 5.669   -3.488  -1.620  1.00 8.17   ? 2033 TRP B NE1 1 
ATOM   998  C CE2 . TRP B 1 33  ? 4.519   -3.197  -2.308  1.00 10.86  ? 2033 TRP B CE2 1 
ATOM   999  C CE3 . TRP B 1 33  ? 3.658   -1.422  -3.707  1.00 15.55  ? 2033 TRP B CE3 1 
ATOM   1000 C CZ2 . TRP B 1 33  ? 3.334   -3.917  -2.433  1.00 14.74  ? 2033 TRP B CZ2 1 
ATOM   1001 C CZ3 . TRP B 1 33  ? 2.485   -2.138  -3.830  1.00 10.61  ? 2033 TRP B CZ3 1 
ATOM   1002 C CH2 . TRP B 1 33  ? 2.340   -3.371  -3.195  1.00 11.68  ? 2033 TRP B CH2 1 
ATOM   1003 N N   . VAL B 1 34  ? 6.669   2.290   -5.026  1.00 26.04  ? 2034 VAL B N   1 
ATOM   1004 C CA  . VAL B 1 34  ? 6.993   3.700   -5.236  1.00 24.84  ? 2034 VAL B CA  1 
ATOM   1005 C C   . VAL B 1 34  ? 6.028   4.567   -4.440  1.00 24.19  ? 2034 VAL B C   1 
ATOM   1006 O O   . VAL B 1 34  ? 4.853   4.694   -4.769  1.00 23.70  ? 2034 VAL B O   1 
ATOM   1007 C CB  . VAL B 1 34  ? 6.951   4.077   -6.727  1.00 26.58  ? 2034 VAL B CB  1 
ATOM   1008 C CG1 . VAL B 1 34  ? 6.927   5.586   -6.907  1.00 23.94  ? 2034 VAL B CG1 1 
ATOM   1009 C CG2 . VAL B 1 34  ? 8.139   3.469   -7.460  1.00 19.46  ? 2034 VAL B CG2 1 
ATOM   1010 N N   . ALA B 1 35  ? 6.535   5.165   -3.358  1.00 24.43  ? 2035 ALA B N   1 
ATOM   1011 C CA  . ALA B 1 35  ? 5.631   5.896   -2.482  1.00 19.09  ? 2035 ALA B CA  1 
ATOM   1012 C C   . ALA B 1 35  ? 6.209   7.214   -1.963  1.00 20.47  ? 2035 ALA B C   1 
ATOM   1013 O O   . ALA B 1 35  ? 7.411   7.363   -1.782  1.00 4.61   ? 2035 ALA B O   1 
ATOM   1014 C CB  . ALA B 1 35  ? 5.238   5.018   -1.299  1.00 0.00   ? 2035 ALA B CB  1 
ATOM   1015 N N   . GLN B 1 36  ? 5.276   8.121   -1.737  1.00 22.53  ? 2036 GLN B N   1 
ATOM   1016 C CA  . GLN B 1 36  ? 5.420   9.395   -1.067  1.00 22.35  ? 2036 GLN B CA  1 
ATOM   1017 C C   . GLN B 1 36  ? 5.401   9.186   0.448   1.00 20.66  ? 2036 GLN B C   1 
ATOM   1018 O O   . GLN B 1 36  ? 4.409   8.676   0.981   1.00 28.96  ? 2036 GLN B O   1 
ATOM   1019 C CB  . GLN B 1 36  ? 4.286   10.328  -1.488  1.00 25.44  ? 2036 GLN B CB  1 
ATOM   1020 C CG  . GLN B 1 36  ? 4.407   11.733  -0.911  1.00 34.28  ? 2036 GLN B CG  1 
ATOM   1021 C CD  . GLN B 1 36  ? 3.173   12.570  -1.198  1.00 31.35  ? 2036 GLN B CD  1 
ATOM   1022 O OE1 . GLN B 1 36  ? 2.231   12.092  -1.826  1.00 20.04  ? 2036 GLN B OE1 1 
ATOM   1023 N NE2 . GLN B 1 36  ? 3.195   13.812  -0.732  1.00 26.75  ? 2036 GLN B NE2 1 
ATOM   1024 N N   . SER B 1 37  ? 6.474   9.545   1.144   1.00 18.34  ? 2037 SER B N   1 
ATOM   1025 C CA  . SER B 1 37  ? 6.521   9.300   2.585   1.00 20.68  ? 2037 SER B CA  1 
ATOM   1026 C C   . SER B 1 37  ? 7.252   10.395  3.346   1.00 31.75  ? 2037 SER B C   1 
ATOM   1027 O O   . SER B 1 37  ? 8.043   11.141  2.760   1.00 29.49  ? 2037 SER B O   1 
ATOM   1028 C CB  . SER B 1 37  ? 7.202   7.942   2.792   1.00 22.73  ? 2037 SER B CB  1 
ATOM   1029 O OG  . SER B 1 37  ? 7.602   7.451   1.514   1.00 34.04  ? 2037 SER B OG  1 
ATOM   1030 N N   . ALA B 1 38  ? 7.008   10.487  4.646   1.00 39.03  ? 2038 ALA B N   1 
ATOM   1031 C CA  . ALA B 1 38  ? 7.611   11.493  5.513   1.00 37.16  ? 2038 ALA B CA  1 
ATOM   1032 C C   . ALA B 1 38  ? 8.299   10.864  6.713   1.00 41.11  ? 2038 ALA B C   1 
ATOM   1033 O O   . ALA B 1 38  ? 7.679   10.075  7.432   1.00 48.49  ? 2038 ALA B O   1 
ATOM   1034 C CB  . ALA B 1 38  ? 6.550   12.478  5.994   1.00 11.09  ? 2038 ALA B CB  1 
ATOM   1035 N N   . TRP B 1 39  ? 9.566   11.192  6.963   1.00 48.82  ? 2039 TRP B N   1 
ATOM   1036 C CA  . TRP B 1 39  ? 10.226  10.627  8.143   1.00 59.63  ? 2039 TRP B CA  1 
ATOM   1037 C C   . TRP B 1 39  ? 9.569   11.167  9.411   1.00 50.33  ? 2039 TRP B C   1 
ATOM   1038 O O   . TRP B 1 39  ? 10.005  12.168  9.979   1.00 57.59  ? 2039 TRP B O   1 
ATOM   1039 C CB  . TRP B 1 39  ? 11.714  10.936  8.163   1.00 74.39  ? 2039 TRP B CB  1 
ATOM   1040 C CG  . TRP B 1 39  ? 12.639  9.763   8.221   1.00 86.74  ? 2039 TRP B CG  1 
ATOM   1041 C CD1 . TRP B 1 39  ? 12.437  8.493   7.766   1.00 91.26  ? 2039 TRP B CD1 1 
ATOM   1042 C CD2 . TRP B 1 39  ? 13.959  9.774   8.795   1.00 94.30  ? 2039 TRP B CD2 1 
ATOM   1043 N NE1 . TRP B 1 39  ? 13.543  7.714   8.016   1.00 95.36  ? 2039 TRP B NE1 1 
ATOM   1044 C CE2 . TRP B 1 39  ? 14.494  8.478   8.650   1.00 97.70  ? 2039 TRP B CE2 1 
ATOM   1045 C CE3 . TRP B 1 39  ? 14.729  10.766  9.417   1.00 97.82  ? 2039 TRP B CE3 1 
ATOM   1046 C CZ2 . TRP B 1 39  ? 15.774  8.158   9.110   1.00 101.46 ? 2039 TRP B CZ2 1 
ATOM   1047 C CZ3 . TRP B 1 39  ? 15.998  10.442  9.870   1.00 100.44 ? 2039 TRP B CZ3 1 
ATOM   1048 C CH2 . TRP B 1 39  ? 16.508  9.147   9.714   1.00 102.35 ? 2039 TRP B CH2 1 
ATOM   1049 N N   . VAL B 1 40  ? 8.511   10.495  9.857   1.00 37.00  ? 2040 VAL B N   1 
ATOM   1050 C CA  . VAL B 1 40  ? 7.766   10.946  11.028  1.00 25.97  ? 2040 VAL B CA  1 
ATOM   1051 C C   . VAL B 1 40  ? 8.561   10.714  12.308  1.00 18.58  ? 2040 VAL B C   1 
ATOM   1052 O O   . VAL B 1 40  ? 8.165   11.147  13.385  1.00 36.25  ? 2040 VAL B O   1 
ATOM   1053 C CB  . VAL B 1 40  ? 6.410   10.221  11.141  1.00 21.34  ? 2040 VAL B CB  1 
ATOM   1054 C CG1 . VAL B 1 40  ? 5.346   10.927  10.313  1.00 12.68  ? 2040 VAL B CG1 1 
ATOM   1055 C CG2 . VAL B 1 40  ? 6.563   8.771   10.704  1.00 27.51  ? 2040 VAL B CG2 1 
ATOM   1056 N N   . ASP B 1 41  ? 9.676   10.024  12.177  1.00 20.76  ? 2041 ASP B N   1 
ATOM   1057 C CA  . ASP B 1 41  ? 10.570  9.663   13.265  1.00 26.95  ? 2041 ASP B CA  1 
ATOM   1058 C C   . ASP B 1 41  ? 11.956  9.410   12.687  1.00 30.44  ? 2041 ASP B C   1 
ATOM   1059 O O   . ASP B 1 41  ? 12.073  9.277   11.463  1.00 38.60  ? 2041 ASP B O   1 
ATOM   1060 C CB  . ASP B 1 41  ? 10.056  8.429   13.993  1.00 35.24  ? 2041 ASP B CB  1 
ATOM   1061 C CG  . ASP B 1 41  ? 10.775  8.098   15.282  1.00 37.47  ? 2041 ASP B CG  1 
ATOM   1062 O OD1 . ASP B 1 41  ? 10.105  8.102   16.337  1.00 50.65  ? 2041 ASP B OD1 1 
ATOM   1063 O OD2 . ASP B 1 41  ? 12.004  7.828   15.258  1.00 32.90  ? 2041 ASP B OD2 1 
ATOM   1064 N N   . THR B 1 42  ? 12.979  9.340   13.530  1.00 38.49  ? 2042 THR B N   1 
ATOM   1065 C CA  . THR B 1 42  ? 14.310  9.022   13.025  1.00 49.14  ? 2042 THR B CA  1 
ATOM   1066 C C   . THR B 1 42  ? 14.366  7.551   12.614  1.00 58.81  ? 2042 THR B C   1 
ATOM   1067 O O   . THR B 1 42  ? 14.682  6.701   13.448  1.00 77.72  ? 2042 THR B O   1 
ATOM   1068 C CB  . THR B 1 42  ? 15.409  9.305   14.058  1.00 53.14  ? 2042 THR B CB  1 
ATOM   1069 O OG1 . THR B 1 42  ? 14.851  9.988   15.188  1.00 56.37  ? 2042 THR B OG1 1 
ATOM   1070 C CG2 . THR B 1 42  ? 16.473  10.218  13.458  1.00 47.87  ? 2042 THR B CG2 1 
ATOM   1071 N N   . GLY B 1 43  ? 14.059  7.273   11.354  1.00 55.33  ? 2043 GLY B N   1 
ATOM   1072 C CA  . GLY B 1 43  ? 14.020  5.928   10.804  1.00 51.97  ? 2043 GLY B CA  1 
ATOM   1073 C C   . GLY B 1 43  ? 12.681  5.611   10.162  1.00 49.04  ? 2043 GLY B C   1 
ATOM   1074 O O   . GLY B 1 43  ? 12.598  5.119   9.032   1.00 43.17  ? 2043 GLY B O   1 
ATOM   1075 N N   . VAL B 1 44  ? 11.613  5.903   10.899  1.00 43.07  ? 2044 VAL B N   1 
ATOM   1076 C CA  . VAL B 1 44  ? 10.257  5.600   10.487  1.00 30.54  ? 2044 VAL B CA  1 
ATOM   1077 C C   . VAL B 1 44  ? 9.778   6.494   9.347   1.00 27.16  ? 2044 VAL B C   1 
ATOM   1078 O O   . VAL B 1 44  ? 10.202  7.640   9.225   1.00 30.77  ? 2044 VAL B O   1 
ATOM   1079 C CB  . VAL B 1 44  ? 9.280   5.776   11.669  1.00 29.52  ? 2044 VAL B CB  1 
ATOM   1080 C CG1 . VAL B 1 44  ? 7.912   5.242   11.291  1.00 30.59  ? 2044 VAL B CG1 1 
ATOM   1081 C CG2 . VAL B 1 44  ? 9.823   5.085   12.912  1.00 41.02  ? 2044 VAL B CG2 1 
ATOM   1082 N N   . TYR B 1 45  ? 8.888   5.925   8.543   1.00 24.04  ? 2045 TYR B N   1 
ATOM   1083 C CA  . TYR B 1 45  ? 8.200   6.598   7.456   1.00 11.76  ? 2045 TYR B CA  1 
ATOM   1084 C C   . TYR B 1 45  ? 6.687   6.387   7.615   1.00 8.00   ? 2045 TYR B C   1 
ATOM   1085 O O   . TYR B 1 45  ? 6.262   5.416   8.243   1.00 18.29  ? 2045 TYR B O   1 
ATOM   1086 C CB  . TYR B 1 45  ? 8.653   6.098   6.100   1.00 16.78  ? 2045 TYR B CB  1 
ATOM   1087 C CG  . TYR B 1 45  ? 9.946   6.592   5.521   1.00 17.67  ? 2045 TYR B CG  1 
ATOM   1088 C CD1 . TYR B 1 45  ? 10.142  7.928   5.202   1.00 24.08  ? 2045 TYR B CD1 1 
ATOM   1089 C CD2 . TYR B 1 45  ? 10.998  5.717   5.266   1.00 21.47  ? 2045 TYR B CD2 1 
ATOM   1090 C CE1 . TYR B 1 45  ? 11.328  8.385   4.665   1.00 23.05  ? 2045 TYR B CE1 1 
ATOM   1091 C CE2 . TYR B 1 45  ? 12.191  6.164   4.728   1.00 20.61  ? 2045 TYR B CE2 1 
ATOM   1092 C CZ  . TYR B 1 45  ? 12.354  7.500   4.431   1.00 21.28  ? 2045 TYR B CZ  1 
ATOM   1093 O OH  . TYR B 1 45  ? 13.537  7.954   3.896   1.00 27.90  ? 2045 TYR B OH  1 
ATOM   1094 N N   . ALA B 1 46  ? 5.920   7.292   7.049   1.00 5.25   ? 2046 ALA B N   1 
ATOM   1095 C CA  . ALA B 1 46  ? 4.478   7.361   6.999   1.00 10.93  ? 2046 ALA B CA  1 
ATOM   1096 C C   . ALA B 1 46  ? 4.053   7.646   5.559   1.00 24.33  ? 2046 ALA B C   1 
ATOM   1097 O O   . ALA B 1 46  ? 4.171   8.776   5.084   1.00 33.41  ? 2046 ALA B O   1 
ATOM   1098 C CB  . ALA B 1 46  ? 3.929   8.432   7.923   1.00 30.04  ? 2046 ALA B CB  1 
ATOM   1099 N N   . SER B 1 47  ? 3.585   6.606   4.874   1.00 30.51  ? 2047 SER B N   1 
ATOM   1100 C CA  . SER B 1 47  ? 3.385   6.704   3.431   1.00 20.83  ? 2047 SER B CA  1 
ATOM   1101 C C   . SER B 1 47  ? 1.950   6.924   2.993   1.00 9.25   ? 2047 SER B C   1 
ATOM   1102 O O   . SER B 1 47  ? 0.934   6.615   3.614   1.00 2.01   ? 2047 SER B O   1 
ATOM   1103 C CB  . SER B 1 47  ? 3.953   5.425   2.780   1.00 23.01  ? 2047 SER B CB  1 
ATOM   1104 O OG  . SER B 1 47  ? 5.366   5.466   2.762   1.00 14.20  ? 2047 SER B OG  1 
ATOM   1105 N N   . ASN B 1 48  ? 1.837   7.518   1.797   1.00 10.99  ? 2048 ASN B N   1 
ATOM   1106 C CA  . ASN B 1 48  ? 0.521   7.627   1.173   1.00 10.16  ? 2048 ASN B CA  1 
ATOM   1107 C C   . ASN B 1 48  ? 0.302   6.375   0.321   1.00 23.05  ? 2048 ASN B C   1 
ATOM   1108 O O   . ASN B 1 48  ? 0.905   6.254   -0.751  1.00 20.20  ? 2048 ASN B O   1 
ATOM   1109 C CB  . ASN B 1 48  ? 0.436   8.902   0.346   1.00 3.98   ? 2048 ASN B CB  1 
ATOM   1110 C CG  . ASN B 1 48  ? -0.894  9.103   -0.349  1.00 10.78  ? 2048 ASN B CG  1 
ATOM   1111 O OD1 . ASN B 1 48  ? -1.955  8.815   0.210   1.00 26.63  ? 2048 ASN B OD1 1 
ATOM   1112 N ND2 . ASN B 1 48  ? -0.842  9.607   -1.576  1.00 10.60  ? 2048 ASN B ND2 1 
ATOM   1113 N N   . PRO B 1 49  ? -0.525  5.457   0.800   1.00 25.32  ? 2049 PRO B N   1 
ATOM   1114 C CA  . PRO B 1 49  ? -0.797  4.217   0.065   1.00 33.16  ? 2049 PRO B CA  1 
ATOM   1115 C C   . PRO B 1 49  ? -1.776  4.478   -1.075  1.00 40.36  ? 2049 PRO B C   1 
ATOM   1116 O O   . PRO B 1 49  ? -2.104  3.586   -1.858  1.00 54.95  ? 2049 PRO B O   1 
ATOM   1117 C CB  . PRO B 1 49  ? -1.458  3.330   1.127   1.00 27.93  ? 2049 PRO B CB  1 
ATOM   1118 C CG  . PRO B 1 49  ? -2.228  4.333   1.927   1.00 21.14  ? 2049 PRO B CG  1 
ATOM   1119 C CD  . PRO B 1 49  ? -1.278  5.500   2.065   1.00 25.56  ? 2049 PRO B CD  1 
ATOM   1120 N N   . ALA B 1 50  ? -2.236  5.728   -1.132  1.00 39.86  ? 2050 ALA B N   1 
ATOM   1121 C CA  . ALA B 1 50  ? -3.213  6.139   -2.129  1.00 43.44  ? 2050 ALA B CA  1 
ATOM   1122 C C   . ALA B 1 50  ? -2.619  6.151   -3.529  1.00 45.90  ? 2050 ALA B C   1 
ATOM   1123 O O   . ALA B 1 50  ? -3.049  5.411   -4.415  1.00 35.74  ? 2050 ALA B O   1 
ATOM   1124 C CB  . ALA B 1 50  ? -3.757  7.519   -1.786  1.00 57.47  ? 2050 ALA B CB  1 
ATOM   1125 N N   . ASP B 1 51  ? -1.617  7.013   -3.725  1.00 40.42  ? 2051 ASP B N   1 
ATOM   1126 C CA  . ASP B 1 51  ? -1.085  7.198   -5.073  1.00 38.50  ? 2051 ASP B CA  1 
ATOM   1127 C C   . ASP B 1 51  ? 0.163   6.374   -5.322  1.00 36.65  ? 2051 ASP B C   1 
ATOM   1128 O O   . ASP B 1 51  ? 0.975   6.697   -6.191  1.00 41.48  ? 2051 ASP B O   1 
ATOM   1129 C CB  . ASP B 1 51  ? -0.829  8.692   -5.285  1.00 42.78  ? 2051 ASP B CB  1 
ATOM   1130 C CG  . ASP B 1 51  ? -1.922  9.526   -4.626  1.00 44.67  ? 2051 ASP B CG  1 
ATOM   1131 O OD1 . ASP B 1 51  ? -3.115  9.305   -4.923  1.00 37.83  ? 2051 ASP B OD1 1 
ATOM   1132 O OD2 . ASP B 1 51  ? -1.596  10.410  -3.804  1.00 44.74  ? 2051 ASP B OD2 1 
ATOM   1133 N N   . ILE B 1 52  ? 0.325   5.290   -4.567  1.00 33.67  ? 2052 ILE B N   1 
ATOM   1134 C CA  . ILE B 1 52  ? 1.491   4.427   -4.698  1.00 32.71  ? 2052 ILE B CA  1 
ATOM   1135 C C   . ILE B 1 52  ? 1.766   3.992   -6.136  1.00 34.45  ? 2052 ILE B C   1 
ATOM   1136 O O   . ILE B 1 52  ? 0.920   3.937   -7.018  1.00 23.34  ? 2052 ILE B O   1 
ATOM   1137 C CB  . ILE B 1 52  ? 1.344   3.154   -3.839  1.00 28.34  ? 2052 ILE B CB  1 
ATOM   1138 C CG1 . ILE B 1 52  ? 2.594   2.785   -3.043  1.00 21.89  ? 2052 ILE B CG1 1 
ATOM   1139 C CG2 . ILE B 1 52  ? 0.901   1.981   -4.705  1.00 25.55  ? 2052 ILE B CG2 1 
ATOM   1140 C CD1 . ILE B 1 52  ? 2.503   1.449   -2.341  1.00 21.57  ? 2052 ILE B CD1 1 
ATOM   1141 N N   . SER B 1 53  ? 3.031   3.653   -6.379  1.00 33.48  ? 2053 SER B N   1 
ATOM   1142 C CA  . SER B 1 53  ? 3.403   3.059   -7.655  1.00 31.43  ? 2053 SER B CA  1 
ATOM   1143 C C   . SER B 1 53  ? 4.389   1.924   -7.392  1.00 30.73  ? 2053 SER B C   1 
ATOM   1144 O O   . SER B 1 53  ? 4.615   1.562   -6.241  1.00 28.52  ? 2053 SER B O   1 
ATOM   1145 C CB  . SER B 1 53  ? 4.004   4.077   -8.620  1.00 33.95  ? 2053 SER B CB  1 
ATOM   1146 O OG  . SER B 1 53  ? 3.871   3.643   -9.963  1.00 29.07  ? 2053 SER B OG  1 
ATOM   1147 N N   . SER B 1 54  ? 4.954   1.390   -8.468  1.00 32.35  ? 2054 SER B N   1 
ATOM   1148 C CA  . SER B 1 54  ? 5.917   0.297   -8.355  1.00 30.48  ? 2054 SER B CA  1 
ATOM   1149 C C   . SER B 1 54  ? 6.757   0.223   -9.615  1.00 29.56  ? 2054 SER B C   1 
ATOM   1150 O O   . SER B 1 54  ? 6.373   0.715   -10.678 1.00 40.15  ? 2054 SER B O   1 
ATOM   1151 C CB  . SER B 1 54  ? 5.191   -1.018  -8.086  1.00 34.96  ? 2054 SER B CB  1 
ATOM   1152 O OG  . SER B 1 54  ? 5.776   -2.103  -8.776  1.00 29.69  ? 2054 SER B OG  1 
ATOM   1153 N N   . VAL B 1 55  ? 7.937   -0.386  -9.522  1.00 27.59  ? 2055 VAL B N   1 
ATOM   1154 C CA  . VAL B 1 55  ? 8.768   -0.441  -10.727 1.00 27.87  ? 2055 VAL B CA  1 
ATOM   1155 C C   . VAL B 1 55  ? 9.605   -1.714  -10.728 1.00 33.22  ? 2055 VAL B C   1 
ATOM   1156 O O   . VAL B 1 55  ? 10.306  -2.026  -9.767  1.00 40.80  ? 2055 VAL B O   1 
ATOM   1157 C CB  . VAL B 1 55  ? 9.662   0.803   -10.860 1.00 22.08  ? 2055 VAL B CB  1 
ATOM   1158 C CG1 . VAL B 1 55  ? 11.132  0.473   -10.702 1.00 9.40   ? 2055 VAL B CG1 1 
ATOM   1159 C CG2 . VAL B 1 55  ? 9.408   1.467   -12.213 1.00 21.81  ? 2055 VAL B CG2 1 
ATOM   1160 N N   . THR B 1 56  ? 9.501   -2.447  -11.837 1.00 29.64  ? 2056 THR B N   1 
ATOM   1161 C CA  . THR B 1 56  ? 10.260  -3.684  -11.984 1.00 22.45  ? 2056 THR B CA  1 
ATOM   1162 C C   . THR B 1 56  ? 11.553  -3.404  -12.736 1.00 16.18  ? 2056 THR B C   1 
ATOM   1163 O O   . THR B 1 56  ? 11.560  -3.005  -13.897 1.00 25.76  ? 2056 THR B O   1 
ATOM   1164 C CB  . THR B 1 56  ? 9.431   -4.768  -12.691 1.00 22.97  ? 2056 THR B CB  1 
ATOM   1165 O OG1 . THR B 1 56  ? 8.238   -5.000  -11.927 1.00 31.28  ? 2056 THR B OG1 1 
ATOM   1166 C CG2 . THR B 1 56  ? 10.186  -6.083  -12.726 1.00 21.85  ? 2056 THR B CG2 1 
ATOM   1167 N N   . ALA B 1 57  ? 12.669  -3.608  -12.039 1.00 15.13  ? 2057 ALA B N   1 
ATOM   1168 C CA  . ALA B 1 57  ? 13.956  -3.268  -12.630 1.00 19.90  ? 2057 ALA B CA  1 
ATOM   1169 C C   . ALA B 1 57  ? 14.157  -4.032  -13.933 1.00 29.52  ? 2057 ALA B C   1 
ATOM   1170 O O   . ALA B 1 57  ? 14.045  -5.256  -13.947 1.00 39.60  ? 2057 ALA B O   1 
ATOM   1171 C CB  . ALA B 1 57  ? 15.082  -3.546  -11.645 1.00 16.30  ? 2057 ALA B CB  1 
ATOM   1172 N N   . ASP B 1 58  ? 14.449  -3.310  -15.003 1.00 33.27  ? 2058 ASP B N   1 
ATOM   1173 C CA  . ASP B 1 58  ? 14.764  -3.880  -16.300 1.00 26.22  ? 2058 ASP B CA  1 
ATOM   1174 C C   . ASP B 1 58  ? 15.960  -4.821  -16.202 1.00 21.55  ? 2058 ASP B C   1 
ATOM   1175 O O   . ASP B 1 58  ? 16.262  -5.403  -15.167 1.00 43.28  ? 2058 ASP B O   1 
ATOM   1176 C CB  . ASP B 1 58  ? 15.038  -2.790  -17.331 1.00 24.01  ? 2058 ASP B CB  1 
ATOM   1177 C CG  . ASP B 1 58  ? 16.293  -1.977  -17.171 1.00 25.45  ? 2058 ASP B CG  1 
ATOM   1178 O OD1 . ASP B 1 58  ? 17.343  -2.441  -16.674 1.00 21.02  ? 2058 ASP B OD1 1 
ATOM   1179 O OD2 . ASP B 1 58  ? 16.268  -0.792  -17.596 1.00 49.52  ? 2058 ASP B OD2 1 
ATOM   1180 N N   . ALA B 1 59  ? 16.677  -4.955  -17.320 1.00 18.62  ? 2059 ALA B N   1 
ATOM   1181 C CA  . ALA B 1 59  ? 17.827  -5.848  -17.351 1.00 19.96  ? 2059 ALA B CA  1 
ATOM   1182 C C   . ALA B 1 59  ? 19.026  -5.260  -16.627 1.00 23.52  ? 2059 ALA B C   1 
ATOM   1183 O O   . ALA B 1 59  ? 19.718  -5.970  -15.890 1.00 30.86  ? 2059 ALA B O   1 
ATOM   1184 C CB  . ALA B 1 59  ? 18.167  -6.177  -18.802 1.00 39.89  ? 2059 ALA B CB  1 
ATOM   1185 N N   . ASN B 1 60  ? 19.319  -3.958  -16.803 1.00 24.60  ? 2060 ASN B N   1 
ATOM   1186 C CA  . ASN B 1 60  ? 20.486  -3.448  -16.088 1.00 33.94  ? 2060 ASN B CA  1 
ATOM   1187 C C   . ASN B 1 60  ? 20.116  -2.639  -14.855 1.00 38.17  ? 2060 ASN B C   1 
ATOM   1188 O O   . ASN B 1 60  ? 20.643  -1.545  -14.631 1.00 54.88  ? 2060 ASN B O   1 
ATOM   1189 C CB  . ASN B 1 60  ? 21.349  -2.607  -17.032 1.00 39.50  ? 2060 ASN B CB  1 
ATOM   1190 C CG  . ASN B 1 60  ? 20.796  -2.571  -18.445 1.00 41.13  ? 2060 ASN B CG  1 
ATOM   1191 O OD1 . ASN B 1 60  ? 21.327  -3.226  -19.347 1.00 49.64  ? 2060 ASN B OD1 1 
ATOM   1192 N ND2 . ASN B 1 60  ? 19.733  -1.794  -18.614 1.00 44.48  ? 2060 ASN B ND2 1 
ATOM   1193 N N   . GLY B 1 61  ? 19.214  -3.177  -14.040 1.00 34.35  ? 2061 GLY B N   1 
ATOM   1194 C CA  . GLY B 1 61  ? 18.815  -2.576  -12.791 1.00 28.45  ? 2061 GLY B CA  1 
ATOM   1195 C C   . GLY B 1 61  ? 18.277  -1.163  -12.905 1.00 31.28  ? 2061 GLY B C   1 
ATOM   1196 O O   . GLY B 1 61  ? 18.541  -0.336  -12.026 1.00 47.59  ? 2061 GLY B O   1 
ATOM   1197 N N   . SER B 1 62  ? 17.531  -0.851  -13.954 1.00 26.72  ? 2062 SER B N   1 
ATOM   1198 C CA  . SER B 1 62  ? 16.871  0.448   -14.072 1.00 28.62  ? 2062 SER B CA  1 
ATOM   1199 C C   . SER B 1 62  ? 15.396  0.241   -14.426 1.00 36.76  ? 2062 SER B C   1 
ATOM   1200 O O   . SER B 1 62  ? 15.004  -0.900  -14.659 1.00 41.92  ? 2062 SER B O   1 
ATOM   1201 C CB  . SER B 1 62  ? 17.534  1.345   -15.112 1.00 29.76  ? 2062 SER B CB  1 
ATOM   1202 O OG  . SER B 1 62  ? 18.930  1.122   -15.224 1.00 34.45  ? 2062 SER B OG  1 
ATOM   1203 N N   . ALA B 1 63  ? 14.619  1.309   -14.456 1.00 38.44  ? 2063 ALA B N   1 
ATOM   1204 C CA  . ALA B 1 63  ? 13.203  1.358   -14.781 1.00 36.73  ? 2063 ALA B CA  1 
ATOM   1205 C C   . ALA B 1 63  ? 12.591  2.632   -14.207 1.00 37.98  ? 2063 ALA B C   1 
ATOM   1206 O O   . ALA B 1 63  ? 13.198  3.287   -13.358 1.00 46.81  ? 2063 ALA B O   1 
ATOM   1207 C CB  . ALA B 1 63  ? 12.440  0.143   -14.276 1.00 18.45  ? 2063 ALA B CB  1 
ATOM   1208 N N   . SER B 1 64  ? 11.390  2.995   -14.651 1.00 35.33  ? 2064 SER B N   1 
ATOM   1209 C CA  . SER B 1 64  ? 10.806  4.251   -14.182 1.00 32.82  ? 2064 SER B CA  1 
ATOM   1210 C C   . SER B 1 64  ? 9.289   4.225   -14.248 1.00 29.41  ? 2064 SER B C   1 
ATOM   1211 O O   . SER B 1 64  ? 8.699   3.338   -14.869 1.00 40.55  ? 2064 SER B O   1 
ATOM   1212 C CB  . SER B 1 64  ? 11.349  5.415   -15.013 1.00 35.74  ? 2064 SER B CB  1 
ATOM   1213 O OG  . SER B 1 64  ? 10.884  5.391   -16.348 1.00 25.21  ? 2064 SER B OG  1 
ATOM   1214 N N   . THR B 1 65  ? 8.625   5.194   -13.618 1.00 23.42  ? 2065 THR B N   1 
ATOM   1215 C CA  . THR B 1 65  ? 7.165   5.233   -13.710 1.00 22.33  ? 2065 THR B CA  1 
ATOM   1216 C C   . THR B 1 65  ? 6.650   6.589   -13.235 1.00 28.80  ? 2065 THR B C   1 
ATOM   1217 O O   . THR B 1 65  ? 7.437   7.434   -12.804 1.00 44.60  ? 2065 THR B O   1 
ATOM   1218 C CB  . THR B 1 65  ? 6.491   4.106   -12.908 1.00 29.14  ? 2065 THR B CB  1 
ATOM   1219 O OG1 . THR B 1 65  ? 5.136   3.924   -13.355 1.00 38.85  ? 2065 THR B OG1 1 
ATOM   1220 C CG2 . THR B 1 65  ? 6.416   4.453   -11.430 1.00 35.60  ? 2065 THR B CG2 1 
ATOM   1221 N N   . SER B 1 66  ? 5.336   6.770   -13.329 1.00 28.02  ? 2066 SER B N   1 
ATOM   1222 C CA  . SER B 1 66  ? 4.687   8.014   -12.955 1.00 36.90  ? 2066 SER B CA  1 
ATOM   1223 C C   . SER B 1 66  ? 4.139   7.992   -11.531 1.00 44.98  ? 2066 SER B C   1 
ATOM   1224 O O   . SER B 1 66  ? 3.428   7.085   -11.106 1.00 45.23  ? 2066 SER B O   1 
ATOM   1225 C CB  . SER B 1 66  ? 3.547   8.323   -13.931 1.00 43.73  ? 2066 SER B CB  1 
ATOM   1226 O OG  . SER B 1 66  ? 2.370   8.767   -13.221 1.00 69.51  ? 2066 SER B OG  1 
ATOM   1227 N N   . LEU B 1 67  ? 4.483   9.042   -10.788 1.00 44.48  ? 2067 LEU B N   1 
ATOM   1228 C CA  . LEU B 1 67  ? 3.960   9.236   -9.443  1.00 33.98  ? 2067 LEU B CA  1 
ATOM   1229 C C   . LEU B 1 67  ? 3.240   10.576  -9.360  1.00 30.99  ? 2067 LEU B C   1 
ATOM   1230 O O   . LEU B 1 67  ? 3.687   11.556  -9.955  1.00 36.58  ? 2067 LEU B O   1 
ATOM   1231 C CB  . LEU B 1 67  ? 5.086   9.166   -8.415  1.00 27.87  ? 2067 LEU B CB  1 
ATOM   1232 C CG  . LEU B 1 67  ? 4.647   9.195   -6.951  1.00 29.28  ? 2067 LEU B CG  1 
ATOM   1233 C CD1 . LEU B 1 67  ? 3.287   8.543   -6.768  1.00 19.31  ? 2067 LEU B CD1 1 
ATOM   1234 C CD2 . LEU B 1 67  ? 5.689   8.529   -6.067  1.00 33.65  ? 2067 LEU B CD2 1 
ATOM   1235 N N   . THR B 1 68  ? 2.138   10.596  -8.622  1.00 33.42  ? 2068 THR B N   1 
ATOM   1236 C CA  . THR B 1 68  ? 1.353   11.813  -8.434  1.00 35.49  ? 2068 THR B CA  1 
ATOM   1237 C C   . THR B 1 68  ? 1.370   12.233  -6.966  1.00 40.37  ? 2068 THR B C   1 
ATOM   1238 O O   . THR B 1 68  ? 0.728   11.598  -6.128  1.00 55.14  ? 2068 THR B O   1 
ATOM   1239 C CB  . THR B 1 68  ? -0.091  11.621  -8.926  1.00 31.45  ? 2068 THR B CB  1 
ATOM   1240 O OG1 . THR B 1 68  ? -0.189  12.114  -10.271 1.00 43.05  ? 2068 THR B OG1 1 
ATOM   1241 C CG2 . THR B 1 68  ? -1.078  12.431  -8.096  1.00 13.03  ? 2068 THR B CG2 1 
ATOM   1242 N N   . VAL B 1 69  ? 2.116   13.293  -6.660  1.00 34.32  ? 2069 VAL B N   1 
ATOM   1243 C CA  . VAL B 1 69  ? 2.284   13.731  -5.278  1.00 30.84  ? 2069 VAL B CA  1 
ATOM   1244 C C   . VAL B 1 69  ? 1.131   14.617  -4.803  1.00 30.01  ? 2069 VAL B C   1 
ATOM   1245 O O   . VAL B 1 69  ? 0.367   15.151  -5.599  1.00 34.86  ? 2069 VAL B O   1 
ATOM   1246 C CB  . VAL B 1 69  ? 3.600   14.502  -5.061  1.00 20.91  ? 2069 VAL B CB  1 
ATOM   1247 C CG1 . VAL B 1 69  ? 4.742   13.545  -4.748  1.00 12.53  ? 2069 VAL B CG1 1 
ATOM   1248 C CG2 . VAL B 1 69  ? 3.938   15.345  -6.276  1.00 18.35  ? 2069 VAL B CG2 1 
ATOM   1249 N N   . ARG B 1 70  ? 1.045   14.743  -3.490  1.00 32.24  ? 2070 ARG B N   1 
ATOM   1250 C CA  . ARG B 1 70  ? 0.079   15.574  -2.791  1.00 38.46  ? 2070 ARG B CA  1 
ATOM   1251 C C   . ARG B 1 70  ? 0.747   16.295  -1.630  1.00 41.27  ? 2070 ARG B C   1 
ATOM   1252 O O   . ARG B 1 70  ? 1.603   15.721  -0.957  1.00 22.51  ? 2070 ARG B O   1 
ATOM   1253 C CB  . ARG B 1 70  ? -1.091  14.730  -2.282  1.00 46.19  ? 2070 ARG B CB  1 
ATOM   1254 C CG  . ARG B 1 70  ? -1.563  13.641  -3.231  1.00 52.32  ? 2070 ARG B CG  1 
ATOM   1255 C CD  . ARG B 1 70  ? -2.946  13.970  -3.821  1.00 54.96  ? 2070 ARG B CD  1 
ATOM   1256 N NE  . ARG B 1 70  ? -3.454  12.847  -4.619  1.00 52.25  ? 2070 ARG B NE  1 
ATOM   1257 C CZ  . ARG B 1 70  ? -3.545  12.851  -5.946  1.00 49.39  ? 2070 ARG B CZ  1 
ATOM   1258 N NH1 . ARG B 1 70  ? -3.185  13.931  -6.649  1.00 43.77  ? 2070 ARG B NH1 1 
ATOM   1259 N NH2 . ARG B 1 70  ? -4.025  11.784  -6.569  1.00 41.69  ? 2070 ARG B NH2 1 
ATOM   1260 N N   . ARG B 1 71  ? 0.371   17.547  -1.362  1.00 49.25  ? 2071 ARG B N   1 
ATOM   1261 C CA  . ARG B 1 71  ? 1.011   18.247  -0.244  1.00 51.92  ? 2071 ARG B CA  1 
ATOM   1262 C C   . ARG B 1 71  ? 0.796   17.488  1.060   1.00 48.82  ? 2071 ARG B C   1 
ATOM   1263 O O   . ARG B 1 71  ? 1.755   17.084  1.732   1.00 51.65  ? 2071 ARG B O   1 
ATOM   1264 C CB  . ARG B 1 71  ? 0.485   19.675  -0.124  1.00 56.47  ? 2071 ARG B CB  1 
ATOM   1265 C CG  . ARG B 1 71  ? 1.498   20.663  0.443   1.00 55.22  ? 2071 ARG B CG  1 
ATOM   1266 C CD  . ARG B 1 71  ? 1.143   22.083  0.044   1.00 56.50  ? 2071 ARG B CD  1 
ATOM   1267 N NE  . ARG B 1 71  ? 1.936   22.565  -1.085  1.00 60.55  ? 2071 ARG B NE  1 
ATOM   1268 C CZ  . ARG B 1 71  ? 1.421   23.094  -2.188  1.00 60.91  ? 2071 ARG B CZ  1 
ATOM   1269 N NH1 . ARG B 1 71  ? 2.221   23.510  -3.168  1.00 70.77  ? 2071 ARG B NH1 1 
ATOM   1270 N NH2 . ARG B 1 71  ? 0.109   23.223  -2.320  1.00 39.16  ? 2071 ARG B NH2 1 
ATOM   1271 N N   . SER B 1 72  ? -0.471  17.294  1.429   1.00 48.49  ? 2072 SER B N   1 
ATOM   1272 C CA  . SER B 1 72  ? -0.767  16.570  2.664   1.00 51.61  ? 2072 SER B CA  1 
ATOM   1273 C C   . SER B 1 72  ? -1.577  15.306  2.379   1.00 46.91  ? 2072 SER B C   1 
ATOM   1274 O O   . SER B 1 72  ? -2.189  15.169  1.321   1.00 30.15  ? 2072 SER B O   1 
ATOM   1275 C CB  . SER B 1 72  ? -1.502  17.475  3.649   1.00 52.95  ? 2072 SER B CB  1 
ATOM   1276 O OG  . SER B 1 72  ? -0.636  18.499  4.129   1.00 58.58  ? 2072 SER B OG  1 
ATOM   1277 N N   . PHE B 1 73  ? -1.577  14.373  3.333   1.00 44.81  ? 2073 PHE B N   1 
ATOM   1278 C CA  . PHE B 1 73  ? -2.253  13.095  3.139   1.00 37.07  ? 2073 PHE B CA  1 
ATOM   1279 C C   . PHE B 1 73  ? -2.362  12.273  4.413   1.00 37.60  ? 2073 PHE B C   1 
ATOM   1280 O O   . PHE B 1 73  ? -1.479  12.230  5.272   1.00 31.77  ? 2073 PHE B O   1 
ATOM   1281 C CB  . PHE B 1 73  ? -1.507  12.299  2.065   1.00 26.96  ? 2073 PHE B CB  1 
ATOM   1282 C CG  . PHE B 1 73  ? -0.059  11.967  2.385   1.00 18.17  ? 2073 PHE B CG  1 
ATOM   1283 C CD1 . PHE B 1 73  ? 0.269   10.811  3.076   1.00 18.71  ? 2073 PHE B CD1 1 
ATOM   1284 C CD2 . PHE B 1 73  ? 0.973   12.806  1.997   1.00 23.95  ? 2073 PHE B CD2 1 
ATOM   1285 C CE1 . PHE B 1 73  ? 1.584   10.501  3.372   1.00 24.97  ? 2073 PHE B CE1 1 
ATOM   1286 C CE2 . PHE B 1 73  ? 2.287   12.504  2.294   1.00 27.67  ? 2073 PHE B CE2 1 
ATOM   1287 C CZ  . PHE B 1 73  ? 2.603   11.349  2.987   1.00 25.39  ? 2073 PHE B CZ  1 
ATOM   1288 N N   . GLU B 1 74  ? -3.480  11.560  4.556   1.00 40.64  ? 2074 GLU B N   1 
ATOM   1289 C CA  . GLU B 1 74  ? -3.544  10.581  5.642   1.00 43.62  ? 2074 GLU B CA  1 
ATOM   1290 C C   . GLU B 1 74  ? -2.437  9.549   5.450   1.00 36.31  ? 2074 GLU B C   1 
ATOM   1291 O O   . GLU B 1 74  ? -2.281  8.926   4.395   1.00 37.17  ? 2074 GLU B O   1 
ATOM   1292 C CB  . GLU B 1 74  ? -4.913  9.925   5.694   1.00 54.98  ? 2074 GLU B CB  1 
ATOM   1293 C CG  . GLU B 1 74  ? -5.317  9.224   4.397   1.00 67.60  ? 2074 GLU B CG  1 
ATOM   1294 C CD  . GLU B 1 74  ? -6.332  8.107   4.634   1.00 75.63  ? 2074 GLU B CD  1 
ATOM   1295 O OE1 . GLU B 1 74  ? -6.472  7.670   5.805   1.00 90.30  ? 2074 GLU B OE1 1 
ATOM   1296 O OE2 . GLU B 1 74  ? -6.949  7.656   3.646   1.00 72.16  ? 2074 GLU B OE2 1 
ATOM   1297 N N   . GLY B 1 75  ? -1.613  9.351   6.476   1.00 29.47  ? 2075 GLY B N   1 
ATOM   1298 C CA  . GLY B 1 75  ? -0.489  8.450   6.336   1.00 18.24  ? 2075 GLY B CA  1 
ATOM   1299 C C   . GLY B 1 75  ? -0.696  7.108   7.012   1.00 20.44  ? 2075 GLY B C   1 
ATOM   1300 O O   . GLY B 1 75  ? -1.631  6.912   7.788   1.00 21.57  ? 2075 GLY B O   1 
ATOM   1301 N N   . PHE B 1 76  ? 0.216   6.203   6.681   1.00 19.90  ? 2076 PHE B N   1 
ATOM   1302 C CA  . PHE B 1 76  ? 0.336   4.859   7.194   1.00 14.85  ? 2076 PHE B CA  1 
ATOM   1303 C C   . PHE B 1 76  ? 1.784   4.515   7.502   1.00 9.29   ? 2076 PHE B C   1 
ATOM   1304 O O   . PHE B 1 76  ? 2.679   4.844   6.719   1.00 17.66  ? 2076 PHE B O   1 
ATOM   1305 C CB  . PHE B 1 76  ? -0.189  3.833   6.171   1.00 17.25  ? 2076 PHE B CB  1 
ATOM   1306 C CG  . PHE B 1 76  ? -1.699  3.928   6.021   1.00 9.47   ? 2076 PHE B CG  1 
ATOM   1307 C CD1 . PHE B 1 76  ? -2.520  3.082   6.741   1.00 10.20  ? 2076 PHE B CD1 1 
ATOM   1308 C CD2 . PHE B 1 76  ? -2.257  4.864   5.178   1.00 10.14  ? 2076 PHE B CD2 1 
ATOM   1309 C CE1 . PHE B 1 76  ? -3.892  3.176   6.612   1.00 13.00  ? 2076 PHE B CE1 1 
ATOM   1310 C CE2 . PHE B 1 76  ? -3.629  4.967   5.037   1.00 6.35   ? 2076 PHE B CE2 1 
ATOM   1311 C CZ  . PHE B 1 76  ? -4.440  4.117   5.764   1.00 12.09  ? 2076 PHE B CZ  1 
ATOM   1312 N N   . LEU B 1 77  ? 2.033   3.842   8.621   1.00 9.27   ? 2077 LEU B N   1 
ATOM   1313 C CA  . LEU B 1 77  ? 3.388   3.346   8.848   1.00 9.71   ? 2077 LEU B CA  1 
ATOM   1314 C C   . LEU B 1 77  ? 3.591   2.069   8.048   1.00 18.49  ? 2077 LEU B C   1 
ATOM   1315 O O   . LEU B 1 77  ? 2.620   1.440   7.617   1.00 23.71  ? 2077 LEU B O   1 
ATOM   1316 C CB  . LEU B 1 77  ? 3.635   3.072   10.332  1.00 12.79  ? 2077 LEU B CB  1 
ATOM   1317 C CG  . LEU B 1 77  ? 3.476   4.290   11.242  1.00 18.06  ? 2077 LEU B CG  1 
ATOM   1318 C CD1 . LEU B 1 77  ? 3.627   3.892   12.701  1.00 36.23  ? 2077 LEU B CD1 1 
ATOM   1319 C CD2 . LEU B 1 77  ? 4.484   5.365   10.859  1.00 11.99  ? 2077 LEU B CD2 1 
ATOM   1320 N N   . TRP B 1 78  ? 4.833   1.642   7.868   1.00 18.05  ? 2078 TRP B N   1 
ATOM   1321 C CA  . TRP B 1 78  ? 5.104   0.431   7.094   1.00 25.25  ? 2078 TRP B CA  1 
ATOM   1322 C C   . TRP B 1 78  ? 4.773   -0.847  7.850   1.00 28.77  ? 2078 TRP B C   1 
ATOM   1323 O O   . TRP B 1 78  ? 5.176   -1.950  7.470   1.00 31.59  ? 2078 TRP B O   1 
ATOM   1324 C CB  . TRP B 1 78  ? 6.573   0.466   6.642   1.00 20.63  ? 2078 TRP B CB  1 
ATOM   1325 C CG  . TRP B 1 78  ? 6.842   1.587   5.677   1.00 8.56   ? 2078 TRP B CG  1 
ATOM   1326 C CD1 . TRP B 1 78  ? 5.941   2.509   5.224   1.00 0.00   ? 2078 TRP B CD1 1 
ATOM   1327 C CD2 . TRP B 1 78  ? 8.095   1.907   5.054   1.00 4.91   ? 2078 TRP B CD2 1 
ATOM   1328 N NE1 . TRP B 1 78  ? 6.557   3.380   4.352   1.00 6.06   ? 2078 TRP B NE1 1 
ATOM   1329 C CE2 . TRP B 1 78  ? 7.879   3.029   4.234   1.00 5.69   ? 2078 TRP B CE2 1 
ATOM   1330 C CE3 . TRP B 1 78  ? 9.376   1.345   5.112   1.00 7.56   ? 2078 TRP B CE3 1 
ATOM   1331 C CZ2 . TRP B 1 78  ? 8.895   3.607   3.472   1.00 6.29   ? 2078 TRP B CZ2 1 
ATOM   1332 C CZ3 . TRP B 1 78  ? 10.383  1.916   4.361   1.00 2.90   ? 2078 TRP B CZ3 1 
ATOM   1333 C CH2 . TRP B 1 78  ? 10.132  3.034   3.556   1.00 9.24   ? 2078 TRP B CH2 1 
ATOM   1334 N N   . ASP B 1 79  ? 4.014   -0.753  8.937   1.00 20.17  ? 2079 ASP B N   1 
ATOM   1335 C CA  . ASP B 1 79  ? 3.567   -1.913  9.692   1.00 19.61  ? 2079 ASP B CA  1 
ATOM   1336 C C   . ASP B 1 79  ? 2.043   -1.975  9.669   1.00 10.28  ? 2079 ASP B C   1 
ATOM   1337 O O   . ASP B 1 79  ? 1.423   -2.849  10.269  1.00 23.86  ? 2079 ASP B O   1 
ATOM   1338 C CB  . ASP B 1 79  ? 4.090   -1.866  11.126  1.00 27.49  ? 2079 ASP B CB  1 
ATOM   1339 C CG  . ASP B 1 79  ? 3.467   -0.781  11.981  1.00 26.73  ? 2079 ASP B CG  1 
ATOM   1340 O OD1 . ASP B 1 79  ? 2.914   0.201   11.446  1.00 16.71  ? 2079 ASP B OD1 1 
ATOM   1341 O OD2 . ASP B 1 79  ? 3.524   -0.925  13.222  1.00 30.44  ? 2079 ASP B OD2 1 
ATOM   1342 N N   . GLY B 1 80  ? 1.455   -1.020  8.958   1.00 9.75   ? 2080 GLY B N   1 
ATOM   1343 C CA  . GLY B 1 80  ? 0.017   -0.934  8.829   1.00 9.01   ? 2080 GLY B CA  1 
ATOM   1344 C C   . GLY B 1 80  ? -0.602  0.139   9.694   1.00 17.61  ? 2080 GLY B C   1 
ATOM   1345 O O   . GLY B 1 80  ? -1.785  0.460   9.547   1.00 22.17  ? 2080 GLY B O   1 
ATOM   1346 N N   . THR B 1 81  ? 0.164   0.713   10.613  1.00 25.04  ? 2081 THR B N   1 
ATOM   1347 C CA  . THR B 1 81  ? -0.354  1.725   11.527  1.00 14.86  ? 2081 THR B CA  1 
ATOM   1348 C C   . THR B 1 81  ? -0.866  2.961   10.802  1.00 5.61   ? 2081 THR B C   1 
ATOM   1349 O O   . THR B 1 81  ? -0.137  3.611   10.056  1.00 14.37  ? 2081 THR B O   1 
ATOM   1350 C CB  . THR B 1 81  ? 0.739   2.163   12.531  1.00 22.76  ? 2081 THR B CB  1 
ATOM   1351 O OG1 . THR B 1 81  ? 1.018   1.085   13.438  1.00 20.94  ? 2081 THR B OG1 1 
ATOM   1352 C CG2 . THR B 1 81  ? 0.258   3.337   13.361  1.00 22.19  ? 2081 THR B CG2 1 
ATOM   1353 N N   . ARG B 1 82  ? -2.133  3.300   11.024  1.00 10.14  ? 2082 ARG B N   1 
ATOM   1354 C CA  . ARG B 1 82  ? -2.695  4.543   10.514  1.00 19.48  ? 2082 ARG B CA  1 
ATOM   1355 C C   . ARG B 1 82  ? -2.085  5.732   11.256  1.00 28.94  ? 2082 ARG B C   1 
ATOM   1356 O O   . ARG B 1 82  ? -2.578  6.086   12.327  1.00 21.77  ? 2082 ARG B O   1 
ATOM   1357 C CB  . ARG B 1 82  ? -4.213  4.576   10.673  1.00 17.17  ? 2082 ARG B CB  1 
ATOM   1358 C CG  . ARG B 1 82  ? -4.836  5.881   10.194  1.00 25.05  ? 2082 ARG B CG  1 
ATOM   1359 C CD  . ARG B 1 82  ? -6.345  5.887   10.322  1.00 33.71  ? 2082 ARG B CD  1 
ATOM   1360 N NE  . ARG B 1 82  ? -6.936  4.596   10.656  1.00 40.56  ? 2082 ARG B NE  1 
ATOM   1361 C CZ  . ARG B 1 82  ? -7.824  3.949   9.913   1.00 43.30  ? 2082 ARG B CZ  1 
ATOM   1362 N NH1 . ARG B 1 82  ? -8.252  4.466   8.769   1.00 51.60  ? 2082 ARG B NH1 1 
ATOM   1363 N NH2 . ARG B 1 82  ? -8.300  2.775   10.300  1.00 39.34  ? 2082 ARG B NH2 1 
ATOM   1364 N N   . TRP B 1 83  ? -1.028  6.325   10.707  1.00 34.45  ? 2083 TRP B N   1 
ATOM   1365 C CA  . TRP B 1 83  ? -0.326  7.406   11.390  1.00 39.58  ? 2083 TRP B CA  1 
ATOM   1366 C C   . TRP B 1 83  ? -1.236  8.610   11.636  1.00 43.40  ? 2083 TRP B C   1 
ATOM   1367 O O   . TRP B 1 83  ? -1.258  9.140   12.750  1.00 49.88  ? 2083 TRP B O   1 
ATOM   1368 C CB  . TRP B 1 83  ? 0.902   7.842   10.585  1.00 40.12  ? 2083 TRP B CB  1 
ATOM   1369 C CG  . TRP B 1 83  ? 1.667   8.986   11.176  1.00 40.16  ? 2083 TRP B CG  1 
ATOM   1370 C CD1 . TRP B 1 83  ? 1.835   10.227  10.631  1.00 46.23  ? 2083 TRP B CD1 1 
ATOM   1371 C CD2 . TRP B 1 83  ? 2.368   9.012   12.421  1.00 36.75  ? 2083 TRP B CD2 1 
ATOM   1372 N NE1 . TRP B 1 83  ? 2.600   11.022  11.455  1.00 41.16  ? 2083 TRP B NE1 1 
ATOM   1373 C CE2 . TRP B 1 83  ? 2.939   10.295  12.561  1.00 33.11  ? 2083 TRP B CE2 1 
ATOM   1374 C CE3 . TRP B 1 83  ? 2.567   8.069   13.432  1.00 40.36  ? 2083 TRP B CE3 1 
ATOM   1375 C CZ2 . TRP B 1 83  ? 3.697   10.660  13.667  1.00 27.50  ? 2083 TRP B CZ2 1 
ATOM   1376 C CZ3 . TRP B 1 83  ? 3.325   8.434   14.530  1.00 34.11  ? 2083 TRP B CZ3 1 
ATOM   1377 C CH2 . TRP B 1 83  ? 3.873   9.716   14.638  1.00 29.08  ? 2083 TRP B CH2 1 
ATOM   1378 N N   . GLY B 1 84  ? -1.960  9.009   10.599  1.00 46.92  ? 2084 GLY B N   1 
ATOM   1379 C CA  . GLY B 1 84  ? -2.796  10.199  10.592  1.00 41.73  ? 2084 GLY B CA  1 
ATOM   1380 C C   . GLY B 1 84  ? -2.250  11.222  9.602   1.00 35.41  ? 2084 GLY B C   1 
ATOM   1381 O O   . GLY B 1 84  ? -1.254  10.925  8.937   1.00 38.20  ? 2084 GLY B O   1 
ATOM   1382 N N   . THR B 1 85  ? -2.875  12.385  9.499   1.00 24.63  ? 2085 THR B N   1 
ATOM   1383 C CA  . THR B 1 85  ? -2.482  13.402  8.534   1.00 21.49  ? 2085 THR B CA  1 
ATOM   1384 C C   . THR B 1 85  ? -0.984  13.686  8.572   1.00 29.28  ? 2085 THR B C   1 
ATOM   1385 O O   . THR B 1 85  ? -0.354  13.652  9.632   1.00 38.23  ? 2085 THR B O   1 
ATOM   1386 C CB  . THR B 1 85  ? -3.225  14.727  8.771   1.00 29.45  ? 2085 THR B CB  1 
ATOM   1387 O OG1 . THR B 1 85  ? -4.118  14.972  7.676   1.00 46.86  ? 2085 THR B OG1 1 
ATOM   1388 C CG2 . THR B 1 85  ? -2.223  15.869  8.829   1.00 40.85  ? 2085 THR B CG2 1 
ATOM   1389 N N   . VAL B 1 86  ? -0.420  13.963  7.397   1.00 33.90  ? 2086 VAL B N   1 
ATOM   1390 C CA  . VAL B 1 86  ? 1.019   14.201  7.334   1.00 38.89  ? 2086 VAL B CA  1 
ATOM   1391 C C   . VAL B 1 86  ? 1.343   15.494  6.596   1.00 44.64  ? 2086 VAL B C   1 
ATOM   1392 O O   . VAL B 1 86  ? 0.692   15.840  5.604   1.00 44.61  ? 2086 VAL B O   1 
ATOM   1393 C CB  . VAL B 1 86  ? 1.770   13.044  6.646   1.00 36.34  ? 2086 VAL B CB  1 
ATOM   1394 C CG1 . VAL B 1 86  ? 2.879   13.599  5.749   1.00 33.44  ? 2086 VAL B CG1 1 
ATOM   1395 C CG2 . VAL B 1 86  ? 2.354   12.088  7.675   1.00 26.79  ? 2086 VAL B CG2 1 
ATOM   1396 N N   . ASP B 1 87  ? 2.357   16.193  7.086   1.00 47.19  ? 2087 ASP B N   1 
ATOM   1397 C CA  . ASP B 1 87  ? 2.850   17.445  6.550   1.00 43.25  ? 2087 ASP B CA  1 
ATOM   1398 C C   . ASP B 1 87  ? 1.737   18.412  6.162   1.00 38.17  ? 2087 ASP B C   1 
ATOM   1399 O O   . ASP B 1 87  ? 0.548   18.143  6.220   1.00 29.93  ? 2087 ASP B O   1 
ATOM   1400 C CB  . ASP B 1 87  ? 3.699   17.235  5.284   1.00 43.99  ? 2087 ASP B CB  1 
ATOM   1401 C CG  . ASP B 1 87  ? 5.014   17.992  5.354   1.00 38.77  ? 2087 ASP B CG  1 
ATOM   1402 O OD1 . ASP B 1 87  ? 5.661   17.848  6.413   1.00 19.56  ? 2087 ASP B OD1 1 
ATOM   1403 O OD2 . ASP B 1 87  ? 5.394   18.695  4.393   1.00 29.86  ? 2087 ASP B OD2 1 
ATOM   1404 N N   . CYS B 1 88  ? 2.211   19.577  5.762   1.00 43.16  ? 2088 CYS B N   1 
ATOM   1405 C CA  . CYS B 1 88  ? 1.402   20.643  5.192   1.00 51.73  ? 2088 CYS B CA  1 
ATOM   1406 C C   . CYS B 1 88  ? 2.372   21.656  4.578   1.00 53.00  ? 2088 CYS B C   1 
ATOM   1407 O O   . CYS B 1 88  ? 1.960   22.643  3.966   1.00 44.28  ? 2088 CYS B O   1 
ATOM   1408 C CB  . CYS B 1 88  ? 0.474   21.269  6.218   1.00 55.15  ? 2088 CYS B CB  1 
ATOM   1409 S SG  . CYS B 1 88  ? -1.201  20.569  6.231   1.00 68.50  ? 2088 CYS B SG  1 
ATOM   1410 N N   . THR B 1 89  ? 3.646   21.338  4.758   1.00 54.96  ? 2089 THR B N   1 
ATOM   1411 C CA  . THR B 1 89  ? 4.860   21.931  4.258   1.00 56.48  ? 2089 THR B CA  1 
ATOM   1412 C C   . THR B 1 89  ? 5.887   22.162  5.363   1.00 52.06  ? 2089 THR B C   1 
ATOM   1413 O O   . THR B 1 89  ? 6.701   23.086  5.252   1.00 68.58  ? 2089 THR B O   1 
ATOM   1414 C CB  . THR B 1 89  ? 4.643   23.294  3.553   1.00 63.93  ? 2089 THR B CB  1 
ATOM   1415 O OG1 . THR B 1 89  ? 3.711   24.085  4.318   1.00 86.46  ? 2089 THR B OG1 1 
ATOM   1416 C CG2 . THR B 1 89  ? 4.066   23.105  2.163   1.00 57.23  ? 2089 THR B CG2 1 
ATOM   1417 N N   . THR B 1 90  ? 5.899   21.350  6.424   1.00 45.40  ? 2090 THR B N   1 
ATOM   1418 C CA  . THR B 1 90  ? 6.892   21.511  7.487   1.00 41.35  ? 2090 THR B CA  1 
ATOM   1419 C C   . THR B 1 90  ? 7.936   20.402  7.449   1.00 42.64  ? 2090 THR B C   1 
ATOM   1420 O O   . THR B 1 90  ? 9.131   20.671  7.330   1.00 63.50  ? 2090 THR B O   1 
ATOM   1421 C CB  . THR B 1 90  ? 6.240   21.515  8.880   1.00 38.21  ? 2090 THR B CB  1 
ATOM   1422 O OG1 . THR B 1 90  ? 5.702   20.209  9.132   1.00 28.06  ? 2090 THR B OG1 1 
ATOM   1423 C CG2 . THR B 1 90  ? 5.073   22.502  8.949   1.00 46.56  ? 2090 THR B CG2 1 
ATOM   1424 N N   . ALA B 1 91  ? 7.462   19.168  7.537   1.00 42.91  ? 2091 ALA B N   1 
ATOM   1425 C CA  . ALA B 1 91  ? 8.279   17.966  7.422   1.00 41.98  ? 2091 ALA B CA  1 
ATOM   1426 C C   . ALA B 1 91  ? 8.587   17.635  5.967   1.00 32.63  ? 2091 ALA B C   1 
ATOM   1427 O O   . ALA B 1 91  ? 7.797   17.951  5.080   1.00 35.67  ? 2091 ALA B O   1 
ATOM   1428 C CB  . ALA B 1 91  ? 7.616   16.765  8.089   1.00 52.16  ? 2091 ALA B CB  1 
ATOM   1429 N N   . ALA B 1 92  ? 9.726   16.999  5.763   1.00 33.45  ? 2092 ALA B N   1 
ATOM   1430 C CA  . ALA B 1 92  ? 10.267  16.708  4.451   1.00 45.39  ? 2092 ALA B CA  1 
ATOM   1431 C C   . ALA B 1 92  ? 9.867   15.333  3.937   1.00 47.64  ? 2092 ALA B C   1 
ATOM   1432 O O   . ALA B 1 92  ? 10.591  14.344  4.031   1.00 31.35  ? 2092 ALA B O   1 
ATOM   1433 C CB  . ALA B 1 92  ? 11.791  16.815  4.468   1.00 57.51  ? 2092 ALA B CB  1 
ATOM   1434 N N   . CYS B 1 93  ? 8.662   15.275  3.364   1.00 47.07  ? 2093 CYS B N   1 
ATOM   1435 C CA  . CYS B 1 93  ? 8.296   14.040  2.680   1.00 45.01  ? 2093 CYS B CA  1 
ATOM   1436 C C   . CYS B 1 93  ? 9.343   13.738  1.616   1.00 42.14  ? 2093 CYS B C   1 
ATOM   1437 O O   . CYS B 1 93  ? 10.145  14.588  1.218   1.00 25.94  ? 2093 CYS B O   1 
ATOM   1438 C CB  . CYS B 1 93  ? 6.914   14.156  2.042   1.00 43.08  ? 2093 CYS B CB  1 
ATOM   1439 S SG  . CYS B 1 93  ? 5.657   14.891  3.116   1.00 26.63  ? 2093 CYS B SG  1 
ATOM   1440 N N   . HIS B 1 94  ? 9.357   12.504  1.126   1.00 41.98  ? 2094 HIS B N   1 
ATOM   1441 C CA  . HIS B 1 94  ? 10.168  12.249  -0.063  1.00 45.54  ? 2094 HIS B CA  1 
ATOM   1442 C C   . HIS B 1 94  ? 9.644   10.999  -0.761  1.00 46.52  ? 2094 HIS B C   1 
ATOM   1443 O O   . HIS B 1 94  ? 8.801   10.278  -0.230  1.00 52.51  ? 2094 HIS B O   1 
ATOM   1444 C CB  . HIS B 1 94  ? 11.647  12.139  0.264   1.00 47.49  ? 2094 HIS B CB  1 
ATOM   1445 C CG  . HIS B 1 94  ? 12.032  11.214  1.364   1.00 48.16  ? 2094 HIS B CG  1 
ATOM   1446 N ND1 . HIS B 1 94  ? 13.182  11.396  2.109   1.00 48.07  ? 2094 HIS B ND1 1 
ATOM   1447 C CD2 . HIS B 1 94  ? 11.453  10.085  1.842   1.00 48.28  ? 2094 HIS B CD2 1 
ATOM   1448 C CE1 . HIS B 1 94  ? 13.274  10.436  3.012   1.00 49.03  ? 2094 HIS B CE1 1 
ATOM   1449 N NE2 . HIS B 1 94  ? 12.234  9.620   2.872   1.00 42.97  ? 2094 HIS B NE2 1 
ATOM   1450 N N   . VAL B 1 95  ? 10.155  10.773  -1.967  1.00 42.98  ? 2095 VAL B N   1 
ATOM   1451 C CA  . VAL B 1 95  ? 9.723   9.599   -2.711  1.00 31.87  ? 2095 VAL B CA  1 
ATOM   1452 C C   . VAL B 1 95  ? 10.568  8.397   -2.318  1.00 26.34  ? 2095 VAL B C   1 
ATOM   1453 O O   . VAL B 1 95  ? 11.787  8.391   -2.471  1.00 31.54  ? 2095 VAL B O   1 
ATOM   1454 C CB  . VAL B 1 95  ? 9.806   9.825   -4.229  1.00 35.86  ? 2095 VAL B CB  1 
ATOM   1455 C CG1 . VAL B 1 95  ? 8.670   9.077   -4.919  1.00 58.54  ? 2095 VAL B CG1 1 
ATOM   1456 C CG2 . VAL B 1 95  ? 9.759   11.299  -4.568  1.00 11.93  ? 2095 VAL B CG2 1 
ATOM   1457 N N   . THR B 1 96  ? 9.909   7.364   -1.800  1.00 28.11  ? 2096 THR B N   1 
ATOM   1458 C CA  . THR B 1 96  ? 10.653  6.155   -1.461  1.00 31.47  ? 2096 THR B CA  1 
ATOM   1459 C C   . THR B 1 96  ? 10.499  5.113   -2.574  1.00 25.65  ? 2096 THR B C   1 
ATOM   1460 O O   . THR B 1 96  ? 9.481   5.046   -3.260  1.00 12.54  ? 2096 THR B O   1 
ATOM   1461 C CB  . THR B 1 96  ? 10.206  5.564   -0.113  1.00 36.48  ? 2096 THR B CB  1 
ATOM   1462 O OG1 . THR B 1 96  ? 8.991   6.195   0.313   1.00 37.90  ? 2096 THR B OG1 1 
ATOM   1463 C CG2 . THR B 1 96  ? 11.246  5.847   0.970   1.00 34.51  ? 2096 THR B CG2 1 
ATOM   1464 N N   . LEU B 1 97  ? 11.542  4.314   -2.722  1.00 26.10  ? 2097 LEU B N   1 
ATOM   1465 C CA  . LEU B 1 97  ? 11.629  3.217   -3.661  1.00 35.54  ? 2097 LEU B CA  1 
ATOM   1466 C C   . LEU B 1 97  ? 12.228  1.995   -2.969  1.00 41.12  ? 2097 LEU B C   1 
ATOM   1467 O O   . LEU B 1 97  ? 13.449  1.882   -2.854  1.00 40.55  ? 2097 LEU B O   1 
ATOM   1468 C CB  . LEU B 1 97  ? 12.483  3.616   -4.865  1.00 39.85  ? 2097 LEU B CB  1 
ATOM   1469 C CG  . LEU B 1 97  ? 11.844  3.381   -6.233  1.00 41.43  ? 2097 LEU B CG  1 
ATOM   1470 C CD1 . LEU B 1 97  ? 11.133  4.636   -6.710  1.00 45.19  ? 2097 LEU B CD1 1 
ATOM   1471 C CD2 . LEU B 1 97  ? 12.899  2.925   -7.239  1.00 37.96  ? 2097 LEU B CD2 1 
ATOM   1472 N N   . ARG B 1 98  ? 11.358  1.101   -2.501  1.00 42.92  ? 2098 ARG B N   1 
ATOM   1473 C CA  . ARG B 1 98  ? 11.809  -0.072  -1.766  1.00 40.63  ? 2098 ARG B CA  1 
ATOM   1474 C C   . ARG B 1 98  ? 11.148  -1.351  -2.280  1.00 34.59  ? 2098 ARG B C   1 
ATOM   1475 O O   . ARG B 1 98  ? 10.012  -1.343  -2.745  1.00 25.53  ? 2098 ARG B O   1 
ATOM   1476 C CB  . ARG B 1 98  ? 11.525  0.055   -0.270  1.00 46.27  ? 2098 ARG B CB  1 
ATOM   1477 C CG  . ARG B 1 98  ? 11.084  1.430   0.203   1.00 48.92  ? 2098 ARG B CG  1 
ATOM   1478 C CD  . ARG B 1 98  ? 12.275  2.289   0.600   1.00 49.02  ? 2098 ARG B CD  1 
ATOM   1479 N NE  . ARG B 1 98  ? 13.263  1.532   1.367   1.00 46.67  ? 2098 ARG B NE  1 
ATOM   1480 C CZ  . ARG B 1 98  ? 14.411  2.046   1.792   1.00 48.78  ? 2098 ARG B CZ  1 
ATOM   1481 N NH1 . ARG B 1 98  ? 14.709  3.312   1.517   1.00 55.20  ? 2098 ARG B NH1 1 
ATOM   1482 N NH2 . ARG B 1 98  ? 15.264  1.303   2.485   1.00 43.90  ? 2098 ARG B NH2 1 
ATOM   1483 N N   . ASP B 1 99  ? 11.903  -2.434  -2.167  1.00 35.92  ? 2099 ASP B N   1 
ATOM   1484 C CA  . ASP B 1 99  ? 11.406  -3.769  -2.473  1.00 38.90  ? 2099 ASP B CA  1 
ATOM   1485 C C   . ASP B 1 99  ? 10.933  -4.419  -1.174  1.00 35.08  ? 2099 ASP B C   1 
ATOM   1486 O O   . ASP B 1 99  ? 11.143  -3.834  -0.106  1.00 31.87  ? 2099 ASP B O   1 
ATOM   1487 C CB  . ASP B 1 99  ? 12.474  -4.611  -3.159  1.00 41.43  ? 2099 ASP B CB  1 
ATOM   1488 C CG  . ASP B 1 99  ? 13.632  -5.006  -2.266  1.00 44.51  ? 2099 ASP B CG  1 
ATOM   1489 O OD1 . ASP B 1 99  ? 13.649  -4.665  -1.065  1.00 38.01  ? 2099 ASP B OD1 1 
ATOM   1490 O OD2 . ASP B 1 99  ? 14.551  -5.697  -2.787  1.00 56.49  ? 2099 ASP B OD2 1 
ATOM   1491 N N   . ALA B 1 100 ? 10.341  -5.591  -1.264  1.00 28.28  ? 2100 ALA B N   1 
ATOM   1492 C CA  . ALA B 1 100 ? 9.788   -6.369  -0.175  1.00 23.42  ? 2100 ALA B CA  1 
ATOM   1493 C C   . ALA B 1 100 ? 10.771  -6.679  0.947   1.00 24.10  ? 2100 ALA B C   1 
ATOM   1494 O O   . ALA B 1 100 ? 10.353  -7.228  1.979   1.00 22.51  ? 2100 ALA B O   1 
ATOM   1495 C CB  . ALA B 1 100 ? 9.220   -7.678  -0.735  1.00 24.89  ? 2100 ALA B CB  1 
ATOM   1496 N N   . LEU B 1 101 ? 12.058  -6.358  0.808   1.00 22.26  ? 2101 LEU B N   1 
ATOM   1497 C CA  . LEU B 1 101 ? 12.995  -6.539  1.907   1.00 30.10  ? 2101 LEU B CA  1 
ATOM   1498 C C   . LEU B 1 101 ? 13.498  -5.193  2.430   1.00 31.64  ? 2101 LEU B C   1 
ATOM   1499 O O   . LEU B 1 101 ? 14.492  -5.176  3.156   1.00 31.53  ? 2101 LEU B O   1 
ATOM   1500 C CB  . LEU B 1 101 ? 14.208  -7.374  1.507   1.00 33.11  ? 2101 LEU B CB  1 
ATOM   1501 C CG  . LEU B 1 101 ? 13.961  -8.694  0.769   1.00 37.30  ? 2101 LEU B CG  1 
ATOM   1502 C CD1 . LEU B 1 101 ? 14.213  -8.516  -0.723  1.00 60.63  ? 2101 LEU B CD1 1 
ATOM   1503 C CD2 . LEU B 1 101 ? 14.827  -9.810  1.348   1.00 26.86  ? 2101 LEU B CD2 1 
ATOM   1504 N N   . SER B 1 102 ? 12.836  -4.113  2.053   1.00 34.80  ? 2102 SER B N   1 
ATOM   1505 C CA  . SER B 1 102 ? 13.158  -2.759  2.481   1.00 39.60  ? 2102 SER B CA  1 
ATOM   1506 C C   . SER B 1 102 ? 14.350  -2.183  1.721   1.00 43.60  ? 2102 SER B C   1 
ATOM   1507 O O   . SER B 1 102 ? 14.581  -0.976  1.744   1.00 43.75  ? 2102 SER B O   1 
ATOM   1508 C CB  . SER B 1 102 ? 13.451  -2.714  3.983   1.00 41.88  ? 2102 SER B CB  1 
ATOM   1509 O OG  . SER B 1 102 ? 12.717  -1.669  4.609   1.00 58.98  ? 2102 SER B OG  1 
ATOM   1510 N N   . ASN B 1 103 ? 15.092  -3.064  1.064   1.00 42.59  ? 2103 ASN B N   1 
ATOM   1511 C CA  . ASN B 1 103 ? 16.283  -2.698  0.299   1.00 32.11  ? 2103 ASN B CA  1 
ATOM   1512 C C   . ASN B 1 103 ? 15.906  -1.663  -0.751  1.00 22.52  ? 2103 ASN B C   1 
ATOM   1513 O O   . ASN B 1 103 ? 14.725  -1.460  -1.048  1.00 29.82  ? 2103 ASN B O   1 
ATOM   1514 C CB  . ASN B 1 103 ? 16.924  -3.947  -0.303  1.00 27.38  ? 2103 ASN B CB  1 
ATOM   1515 C CG  . ASN B 1 103 ? 16.875  -5.174  0.581   1.00 24.70  ? 2103 ASN B CG  1 
ATOM   1516 O OD1 . ASN B 1 103 ? 16.161  -5.259  1.581   1.00 35.06  ? 2103 ASN B OD1 1 
ATOM   1517 N ND2 . ASN B 1 103 ? 17.659  -6.196  0.247   1.00 20.56  ? 2103 ASN B ND2 1 
ATOM   1518 N N   . GLY B 1 104 ? 16.881  -0.976  -1.328  1.00 24.68  ? 2104 GLY B N   1 
ATOM   1519 C CA  . GLY B 1 104 ? 16.596  0.106   -2.266  1.00 26.40  ? 2104 GLY B CA  1 
ATOM   1520 C C   . GLY B 1 104 ? 17.568  1.255   -2.047  1.00 27.51  ? 2104 GLY B C   1 
ATOM   1521 O O   . GLY B 1 104 ? 18.324  1.211   -1.071  1.00 38.12  ? 2104 GLY B O   1 
ATOM   1522 N N   . PRO B 1 105 ? 17.571  2.255   -2.915  1.00 28.59  ? 2105 PRO B N   1 
ATOM   1523 C CA  . PRO B 1 105 ? 18.487  3.395   -2.767  1.00 34.87  ? 2105 PRO B CA  1 
ATOM   1524 C C   . PRO B 1 105 ? 17.913  4.469   -1.850  1.00 35.05  ? 2105 PRO B C   1 
ATOM   1525 O O   . PRO B 1 105 ? 16.781  4.355   -1.379  1.00 26.49  ? 2105 PRO B O   1 
ATOM   1526 C CB  . PRO B 1 105 ? 18.624  3.908   -4.199  1.00 35.29  ? 2105 PRO B CB  1 
ATOM   1527 C CG  . PRO B 1 105 ? 17.419  3.453   -4.925  1.00 33.56  ? 2105 PRO B CG  1 
ATOM   1528 C CD  . PRO B 1 105 ? 16.721  2.408   -4.104  1.00 30.55  ? 2105 PRO B CD  1 
ATOM   1529 N N   . GLU B 1 106 ? 18.685  5.519   -1.581  1.00 35.79  ? 2106 GLU B N   1 
ATOM   1530 C CA  . GLU B 1 106 ? 18.277  6.521   -0.595  1.00 28.83  ? 2106 GLU B CA  1 
ATOM   1531 C C   . GLU B 1 106 ? 17.190  7.448   -1.127  1.00 21.15  ? 2106 GLU B C   1 
ATOM   1532 O O   . GLU B 1 106 ? 17.255  7.978   -2.231  1.00 21.13  ? 2106 GLU B O   1 
ATOM   1533 C CB  . GLU B 1 106 ? 19.496  7.313   -0.126  1.00 27.47  ? 2106 GLU B CB  1 
ATOM   1534 C CG  . GLU B 1 106 ? 19.174  8.675   0.462   1.00 35.23  ? 2106 GLU B CG  1 
ATOM   1535 C CD  . GLU B 1 106 ? 20.112  9.743   -0.093  1.00 37.61  ? 2106 GLU B CD  1 
ATOM   1536 O OE1 . GLU B 1 106 ? 21.340  9.535   -0.027  1.00 36.13  ? 2106 GLU B OE1 1 
ATOM   1537 O OE2 . GLU B 1 106 ? 19.600  10.768  -0.594  1.00 47.43  ? 2106 GLU B OE2 1 
ATOM   1538 N N   . GLY B 1 107 ? 16.162  7.629   -0.297  1.00 17.31  ? 2107 GLY B N   1 
ATOM   1539 C CA  . GLY B 1 107 ? 15.007  8.437   -0.629  1.00 19.14  ? 2107 GLY B CA  1 
ATOM   1540 C C   . GLY B 1 107 ? 15.420  9.832   -1.043  1.00 32.66  ? 2107 GLY B C   1 
ATOM   1541 O O   . GLY B 1 107 ? 16.265  10.458  -0.398  1.00 58.13  ? 2107 GLY B O   1 
ATOM   1542 N N   . VAL B 1 108 ? 14.839  10.338  -2.130  1.00 36.41  ? 2108 VAL B N   1 
ATOM   1543 C CA  . VAL B 1 108 ? 15.252  11.670  -2.570  1.00 38.28  ? 2108 VAL B CA  1 
ATOM   1544 C C   . VAL B 1 108 ? 14.251  12.713  -2.070  1.00 39.52  ? 2108 VAL B C   1 
ATOM   1545 O O   . VAL B 1 108 ? 13.046  12.476  -2.143  1.00 26.27  ? 2108 VAL B O   1 
ATOM   1546 C CB  . VAL B 1 108 ? 15.399  11.790  -4.092  1.00 42.47  ? 2108 VAL B CB  1 
ATOM   1547 C CG1 . VAL B 1 108 ? 15.683  13.235  -4.483  1.00 37.85  ? 2108 VAL B CG1 1 
ATOM   1548 C CG2 . VAL B 1 108 ? 16.504  10.862  -4.592  1.00 47.90  ? 2108 VAL B CG2 1 
ATOM   1549 N N   . ALA B 1 109 ? 14.843  13.794  -1.591  1.00 40.17  ? 2109 ALA B N   1 
ATOM   1550 C CA  . ALA B 1 109 ? 14.212  14.931  -0.963  1.00 32.84  ? 2109 ALA B CA  1 
ATOM   1551 C C   . ALA B 1 109 ? 13.298  15.691  -1.917  1.00 26.38  ? 2109 ALA B C   1 
ATOM   1552 O O   . ALA B 1 109 ? 13.733  16.073  -3.002  1.00 39.55  ? 2109 ALA B O   1 
ATOM   1553 C CB  . ALA B 1 109 ? 15.292  15.871  -0.417  1.00 53.55  ? 2109 ALA B CB  1 
ATOM   1554 N N   . ILE B 1 110 ? 12.057  15.903  -1.490  1.00 21.55  ? 2110 ILE B N   1 
ATOM   1555 C CA  . ILE B 1 110 ? 11.091  16.654  -2.288  1.00 34.83  ? 2110 ILE B CA  1 
ATOM   1556 C C   . ILE B 1 110 ? 10.496  17.812  -1.504  1.00 39.75  ? 2110 ILE B C   1 
ATOM   1557 O O   . ILE B 1 110 ? 10.747  17.981  -0.307  1.00 41.75  ? 2110 ILE B O   1 
ATOM   1558 C CB  . ILE B 1 110 ? 9.963   15.741  -2.800  1.00 41.08  ? 2110 ILE B CB  1 
ATOM   1559 C CG1 . ILE B 1 110 ? 8.652   15.847  -2.004  1.00 44.32  ? 2110 ILE B CG1 1 
ATOM   1560 C CG2 . ILE B 1 110 ? 10.445  14.294  -2.855  1.00 45.64  ? 2110 ILE B CG2 1 
ATOM   1561 C CD1 . ILE B 1 110 ? 7.673   14.717  -2.292  1.00 49.81  ? 2110 ILE B CD1 1 
ATOM   1562 N N   . SER B 1 111 ? 9.691   18.653  -2.160  1.00 41.00  ? 2111 SER B N   1 
ATOM   1563 C CA  . SER B 1 111 ? 9.142   19.792  -1.429  1.00 40.91  ? 2111 SER B CA  1 
ATOM   1564 C C   . SER B 1 111 ? 8.129   20.577  -2.251  1.00 35.08  ? 2111 SER B C   1 
ATOM   1565 O O   . SER B 1 111 ? 8.298   20.745  -3.458  1.00 37.78  ? 2111 SER B O   1 
ATOM   1566 C CB  . SER B 1 111 ? 10.273  20.724  -0.981  1.00 47.75  ? 2111 SER B CB  1 
ATOM   1567 O OG  . SER B 1 111 ? 10.935  20.191  0.162   1.00 57.89  ? 2111 SER B OG  1 
ATOM   1568 N N   . PHE B 1 112 ? 7.104   21.048  -1.565  1.00 32.44  ? 2112 PHE B N   1 
ATOM   1569 C CA  . PHE B 1 112 ? 6.004   21.804  -2.140  1.00 37.62  ? 2112 PHE B CA  1 
ATOM   1570 C C   . PHE B 1 112 ? 6.113   23.288  -1.783  1.00 39.45  ? 2112 PHE B C   1 
ATOM   1571 O O   . PHE B 1 112 ? 5.361   24.124  -2.291  1.00 34.27  ? 2112 PHE B O   1 
ATOM   1572 C CB  . PHE B 1 112 ? 4.657   21.242  -1.645  1.00 43.41  ? 2112 PHE B CB  1 
ATOM   1573 C CG  . PHE B 1 112 ? 4.547   19.728  -1.764  1.00 50.31  ? 2112 PHE B CG  1 
ATOM   1574 C CD1 . PHE B 1 112 ? 5.397   18.862  -1.044  1.00 53.02  ? 2112 PHE B CD1 1 
ATOM   1575 C CD2 . PHE B 1 112 ? 3.573   19.190  -2.615  1.00 54.94  ? 2112 PHE B CD2 1 
ATOM   1576 C CE1 . PHE B 1 112 ? 5.284   17.493  -1.177  1.00 57.89  ? 2112 PHE B CE1 1 
ATOM   1577 C CE2 . PHE B 1 112 ? 3.448   17.826  -2.748  1.00 57.69  ? 2112 PHE B CE2 1 
ATOM   1578 C CZ  . PHE B 1 112 ? 4.314   16.971  -2.036  1.00 60.00  ? 2112 PHE B CZ  1 
HETATM 1579 C C1  . TH2 C 2 .   ? 1.207   -3.941  0.288   1.00 11.59  ? 1120 TH2 A C1  1 
HETATM 1580 C C2  . TH2 C 2 .   ? 0.153   -3.156  -0.553  1.00 9.31   ? 1120 TH2 A C2  1 
HETATM 1581 C C3  . TH2 C 2 .   ? -1.036  -3.979  -0.928  1.00 5.55   ? 1120 TH2 A C3  1 
HETATM 1582 O O3  . TH2 C 2 .   ? -1.537  -4.010  -2.010  1.00 7.65   ? 1120 TH2 A O3  1 
HETATM 1583 C C4  . TH2 C 2 .   ? -1.614  -4.733  0.170   1.00 7.17   ? 1120 TH2 A C4  1 
HETATM 1584 C C5  . TH2 C 2 .   ? -0.926  -5.023  1.311   1.00 14.15  ? 1120 TH2 A C5  1 
HETATM 1585 C C6  . TH2 C 2 .   ? -1.593  -5.788  2.427   1.00 16.72  ? 1120 TH2 A C6  1 
HETATM 1586 C C7  . TH2 C 2 .   ? -0.805  -7.048  2.782   1.00 14.85  ? 1120 TH2 A C7  1 
HETATM 1587 C C8  . TH2 C 2 .   ? 0.638   -6.628  3.209   1.00 17.50  ? 1120 TH2 A C8  1 
HETATM 1588 C C9  . TH2 C 2 .   ? 1.356   -5.884  2.023   1.00 18.30  ? 1120 TH2 A C9  1 
HETATM 1589 C C10 . TH2 C 2 .   ? 0.569   -4.567  1.580   1.00 14.86  ? 1120 TH2 A C10 1 
HETATM 1590 C C11 . TH2 C 2 .   ? 2.831   -5.450  2.372   1.00 19.95  ? 1120 TH2 A C11 1 
HETATM 1591 C C12 . TH2 C 2 .   ? 3.604   -6.738  2.773   1.00 22.73  ? 1120 TH2 A C12 1 
HETATM 1592 C C13 . TH2 C 2 .   ? 2.958   -7.445  4.004   1.00 23.16  ? 1120 TH2 A C13 1 
HETATM 1593 C C14 . TH2 C 2 .   ? 1.508   -7.862  3.573   1.00 18.33  ? 1120 TH2 A C14 1 
HETATM 1594 C C15 . TH2 C 2 .   ? 0.995   -8.765  4.683   1.00 19.41  ? 1120 TH2 A C15 1 
HETATM 1595 C C16 . TH2 C 2 .   ? 2.270   -9.482  5.152   1.00 22.98  ? 1120 TH2 A C16 1 
HETATM 1596 C C17 . TH2 C 2 .   ? 3.500   -8.858  4.400   1.00 26.71  ? 1120 TH2 A C17 1 
HETATM 1597 O O17 . TH2 C 2 .   ? 4.846   -9.070  4.799   1.00 32.99  ? 1120 TH2 A O17 1 
HETATM 1598 C C18 . TH2 C 2 .   ? 3.033   -6.542  5.277   1.00 12.75  ? 1120 TH2 A C18 1 
HETATM 1599 C C20 . TH2 C 2 .   ? 5.609   -10.068 4.515   1.00 35.10  ? 1120 TH2 A C20 1 
HETATM 1600 O O20 . TH2 C 2 .   ? 5.436   -11.082 3.766   1.00 41.18  ? 1120 TH2 A O20 1 
HETATM 1601 C C21 . TH2 C 2 .   ? 6.664   -9.917  6.766   1.00 41.09  ? 1120 TH2 A C21 1 
HETATM 1602 C C22 . TH2 C 2 .   ? 6.916   -10.058 5.256   1.00 39.90  ? 1120 TH2 A C22 1 
HETATM 1603 C C23 . TH2 C 2 .   ? 7.257   -11.114 7.532   1.00 43.79  ? 1120 TH2 A C23 1 
HETATM 1604 O O23 . TH2 C 2 .   ? 8.516   -11.219 7.555   1.00 58.82  ? 1120 TH2 A O23 1 
HETATM 1605 O O24 . TH2 C 2 .   ? 6.428   -11.930 8.095   1.00 62.60  ? 1120 TH2 A O24 1 
HETATM 1606 C C19 . TH2 C 2 .   ? 0.552   -3.529  2.749   1.00 8.17   ? 1120 TH2 A C19 1 
HETATM 1607 C C1  . TH2 D 2 .   ? 2.594   -0.133  2.723   1.00 4.19   ? 2120 TH2 B C1  1 
HETATM 1608 C C2  . TH2 D 2 .   ? 1.633   0.909   2.095   1.00 4.04   ? 2120 TH2 B C2  1 
HETATM 1609 C C3  . TH2 D 2 .   ? 2.248   2.264   1.924   1.00 5.45   ? 2120 TH2 B C3  1 
HETATM 1610 O O3  . TH2 D 2 .   ? 1.723   3.300   2.216   1.00 18.49  ? 2120 TH2 B O3  1 
HETATM 1611 C C4  . TH2 D 2 .   ? 3.568   2.247   1.305   1.00 3.05   ? 2120 TH2 B C4  1 
HETATM 1612 C C5  . TH2 D 2 .   ? 4.353   1.124   1.279   1.00 9.92   ? 2120 TH2 B C5  1 
HETATM 1613 C C6  . TH2 D 2 .   ? 5.700   1.146   0.592   1.00 13.68  ? 2120 TH2 B C6  1 
HETATM 1614 C C7  . TH2 D 2 .   ? 6.817   0.732   1.537   1.00 15.40  ? 2120 TH2 B C7  1 
HETATM 1615 C C8  . TH2 D 2 .   ? 6.515   -0.703  2.061   1.00 10.30  ? 2120 TH2 B C8  1 
HETATM 1616 C C9  . TH2 D 2 .   ? 5.140   -0.721  2.840   1.00 8.81   ? 2120 TH2 B C9  1 
HETATM 1617 C C10 . TH2 D 2 .   ? 3.924   -0.275  1.905   1.00 8.54   ? 2120 TH2 B C10 1 
HETATM 1618 C C11 . TH2 D 2 .   ? 4.785   -2.137  3.430   1.00 11.73  ? 2120 TH2 B C11 1 
HETATM 1619 C C12 . TH2 D 2 .   ? 5.967   -2.552  4.355   1.00 6.13   ? 2120 TH2 B C12 1 
HETATM 1620 C C13 . TH2 D 2 .   ? 7.319   -2.641  3.580   1.00 7.12   ? 2120 TH2 B C13 1 
HETATM 1621 C C14 . TH2 D 2 .   ? 7.619   -1.185  3.044   1.00 5.67   ? 2120 TH2 B C14 1 
HETATM 1622 C C15 . TH2 D 2 .   ? 9.048   -1.232  2.511   1.00 7.86   ? 2120 TH2 B C15 1 
HETATM 1623 C C16 . TH2 D 2 .   ? 9.726   -2.232  3.459   1.00 13.01  ? 2120 TH2 B C16 1 
HETATM 1624 C C17 . TH2 D 2 .   ? 8.621   -2.835  4.406   1.00 11.71  ? 2120 TH2 B C17 1 
HETATM 1625 O O17 . TH2 D 2 .   ? 8.835   -3.957  5.214   1.00 16.74  ? 2120 TH2 B O17 1 
HETATM 1626 C C18 . TH2 D 2 .   ? 7.269   -3.768  2.495   1.00 3.15   ? 2120 TH2 B C18 1 
HETATM 1627 C C20 . TH2 D 2 .   ? 8.977   -5.150  4.823   1.00 17.55  ? 2120 TH2 B C20 1 
HETATM 1628 O O20 . TH2 D 2 .   ? 8.263   -5.889  4.089   1.00 37.89  ? 2120 TH2 B O20 1 
HETATM 1629 C C21 . TH2 D 2 .   ? 9.850   -6.478  6.715   1.00 18.92  ? 2120 TH2 B C21 1 
HETATM 1630 C C22 . TH2 D 2 .   ? 10.189  -5.811  5.367   1.00 16.95  ? 2120 TH2 B C22 1 
HETATM 1631 C C23 . TH2 D 2 .   ? 11.020  -6.293  7.670   1.00 20.63  ? 2120 TH2 B C23 1 
HETATM 1632 O O23 . TH2 D 2 .   ? 12.021  -5.680  7.215   1.00 32.37  ? 2120 TH2 B O23 1 
HETATM 1633 O O24 . TH2 D 2 .   ? 10.907  -6.756  8.855   1.00 27.87  ? 2120 TH2 B O24 1 
HETATM 1634 C C19 . TH2 D 2 .   ? 3.741   -1.309  0.745   1.00 18.18  ? 2120 TH2 B C19 1 
HETATM 1635 O O   . HOH E 3 .   ? -12.164 -15.460 18.760  1.00 50.00  ? 2001 HOH A O   1 
HETATM 1636 O O   . HOH E 3 .   ? -15.153 -15.438 8.779   1.00 50.00  ? 2002 HOH A O   1 
HETATM 1637 O O   . HOH E 3 .   ? -19.383 -12.803 0.370   1.00 50.00  ? 2003 HOH A O   1 
HETATM 1638 O O   . HOH E 3 .   ? 1.354   -13.539 16.921  1.00 50.00  ? 2004 HOH A O   1 
HETATM 1639 O O   . HOH E 3 .   ? -2.821  -13.821 17.814  1.00 50.00  ? 2005 HOH A O   1 
HETATM 1640 O O   . HOH E 3 .   ? -3.350  -12.778 14.525  1.00 50.00  ? 2006 HOH A O   1 
HETATM 1641 O O   . HOH E 3 .   ? -4.012  0.220   -7.401  1.00 50.00  ? 2007 HOH A O   1 
HETATM 1642 O O   . HOH E 3 .   ? -10.643 2.426   1.125   1.00 50.00  ? 2008 HOH A O   1 
HETATM 1643 O O   . HOH E 3 .   ? -6.567  4.206   1.285   1.00 50.00  ? 2009 HOH A O   1 
HETATM 1644 O O   . HOH E 3 .   ? -8.802  -6.438  27.588  1.00 50.00  ? 2010 HOH A O   1 
HETATM 1645 O O   . HOH E 3 .   ? -9.710  1.514   13.059  1.00 50.00  ? 2011 HOH A O   1 
HETATM 1646 O O   . HOH E 3 .   ? -23.983 -6.559  -10.958 1.00 50.00  ? 2012 HOH A O   1 
HETATM 1647 O O   . HOH E 3 .   ? 6.727   -12.081 -6.794  1.00 50.00  ? 2013 HOH A O   1 
HETATM 1648 O O   . HOH E 3 .   ? 10.621  -7.116  -3.997  1.00 50.00  ? 2014 HOH A O   1 
HETATM 1649 O O   . HOH E 3 .   ? 2.702   -5.111  12.759  1.00 50.00  ? 2015 HOH A O   1 
HETATM 1650 O O   . HOH E 3 .   ? -14.463 -17.159 4.255   1.00 50.00  ? 2016 HOH A O   1 
HETATM 1651 O O   . HOH F 3 .   ? 2.449   3.131   16.509  1.00 50.00  ? 5001 HOH B O   1 
HETATM 1652 O O   . HOH F 3 .   ? 7.932   15.285  -15.024 1.00 50.00  ? 5002 HOH B O   1 
HETATM 1653 O O   . HOH F 3 .   ? 20.677  -3.226  -5.606  1.00 50.00  ? 5003 HOH B O   1 
HETATM 1654 O O   . HOH F 3 .   ? 10.929  -9.351  -7.522  1.00 50.00  ? 5004 HOH B O   1 
HETATM 1655 O O   . HOH F 3 .   ? 8.861   3.122   8.430   1.00 50.00  ? 5005 HOH B O   1 
HETATM 1656 O O   . HOH F 3 .   ? 0.595   7.857   -8.494  1.00 50.00  ? 5006 HOH B O   1 
HETATM 1657 O O   . HOH F 3 .   ? 14.225  3.280   -17.615 1.00 50.00  ? 5007 HOH B O   1 
HETATM 1658 O O   . HOH F 3 .   ? -5.366  16.643  2.253   1.00 50.00  ? 5008 HOH B O   1 
HETATM 1659 O O   . HOH F 3 .   ? 8.162   -4.077  9.092   1.00 50.00  ? 5009 HOH B O   1 
HETATM 1660 O O   . HOH F 3 .   ? 4.734   1.787   15.138  1.00 50.00  ? 5010 HOH B O   1 
HETATM 1661 O O   . HOH F 3 .   ? 7.692   20.342  2.201   1.00 50.00  ? 5011 HOH B O   1 
HETATM 1662 O O   . HOH F 3 .   ? 5.587   26.567  6.590   1.00 50.00  ? 5012 HOH B O   1 
HETATM 1663 O O   . HOH F 3 .   ? 20.041  -7.377  2.280   1.00 50.00  ? 5013 HOH B O   1 
HETATM 1664 O O   . HOH F 3 .   ? 19.404  11.339  -3.441  1.00 50.00  ? 5014 HOH B O   1 
# 
loop_
_pdbx_poly_seq_scheme.asym_id 
_pdbx_poly_seq_scheme.entity_id 
_pdbx_poly_seq_scheme.seq_id 
_pdbx_poly_seq_scheme.mon_id 
_pdbx_poly_seq_scheme.ndb_seq_num 
_pdbx_poly_seq_scheme.pdb_seq_num 
_pdbx_poly_seq_scheme.auth_seq_num 
_pdbx_poly_seq_scheme.pdb_mon_id 
_pdbx_poly_seq_scheme.auth_mon_id 
_pdbx_poly_seq_scheme.pdb_strand_id 
_pdbx_poly_seq_scheme.pdb_ins_code 
_pdbx_poly_seq_scheme.hetero 
A 1 1   ALA 1   1001 ?    ?   ?   A . n 
A 1 2   ALA 2   1002 1002 ALA ALA A . n 
A 1 3   PRO 3   1003 1003 PRO PRO A . n 
A 1 4   THR 4   1004 1004 THR THR A . n 
A 1 5   ALA 5   1005 1005 ALA ALA A . n 
A 1 6   THR 6   1006 1006 THR THR A . n 
A 1 7   VAL 7   1007 1007 VAL VAL A . n 
A 1 8   THR 8   1008 1008 THR THR A . n 
A 1 9   PRO 9   1009 1009 PRO PRO A . n 
A 1 10  SER 10  1010 1010 SER SER A . n 
A 1 11  SER 11  1011 1011 SER SER A . n 
A 1 12  GLY 12  1012 1012 GLY GLY A . n 
A 1 13  LEU 13  1013 1013 LEU LEU A . n 
A 1 14  SER 14  1014 1014 SER SER A . n 
A 1 15  ASP 15  1015 1015 ASP ASP A . n 
A 1 16  GLY 16  1016 1016 GLY GLY A . n 
A 1 17  THR 17  1017 1017 THR THR A . n 
A 1 18  VAL 18  1018 1018 VAL VAL A . n 
A 1 19  VAL 19  1019 1019 VAL VAL A . n 
A 1 20  LYS 20  1020 1020 LYS LYS A . n 
A 1 21  VAL 21  1021 1021 VAL VAL A . n 
A 1 22  ALA 22  1022 1022 ALA ALA A . n 
A 1 23  GLY 23  1023 1023 GLY GLY A . n 
A 1 24  ALA 24  1024 1024 ALA ALA A . n 
A 1 25  GLY 25  1025 1025 GLY GLY A . n 
A 1 26  LEU 26  1026 1026 LEU LEU A . n 
A 1 27  GLN 27  1027 1027 GLN GLN A . n 
A 1 28  ALA 28  1028 1028 ALA ALA A . n 
A 1 29  GLY 29  1029 1029 GLY GLY A . n 
A 1 30  THR 30  1030 1030 THR THR A . n 
A 1 31  ALA 31  1031 1031 ALA ALA A . n 
A 1 32  TYR 32  1032 1032 TYR TYR A . n 
A 1 33  TRP 33  1033 1033 TRP TRP A . n 
A 1 34  VAL 34  1034 1034 VAL VAL A . n 
A 1 35  ALA 35  1035 1035 ALA ALA A . n 
A 1 36  GLN 36  1036 1036 GLN GLN A . n 
A 1 37  SER 37  1037 1037 SER SER A . n 
A 1 38  ALA 38  1038 1038 ALA ALA A . n 
A 1 39  TRP 39  1039 1039 TRP TRP A . n 
A 1 40  VAL 40  1040 1040 VAL VAL A . n 
A 1 41  ASP 41  1041 1041 ASP ASP A . n 
A 1 42  THR 42  1042 1042 THR THR A . n 
A 1 43  GLY 43  1043 1043 GLY GLY A . n 
A 1 44  VAL 44  1044 1044 VAL VAL A . n 
A 1 45  TYR 45  1045 1045 TYR TYR A . n 
A 1 46  ALA 46  1046 1046 ALA ALA A . n 
A 1 47  SER 47  1047 1047 SER SER A . n 
A 1 48  ASN 48  1048 1048 ASN ASN A . n 
A 1 49  PRO 49  1049 1049 PRO PRO A . n 
A 1 50  ALA 50  1050 1050 ALA ALA A . n 
A 1 51  ASP 51  1051 1051 ASP ASP A . n 
A 1 52  ILE 52  1052 1052 ILE ILE A . n 
A 1 53  SER 53  1053 1053 SER SER A . n 
A 1 54  SER 54  1054 1054 SER SER A . n 
A 1 55  VAL 55  1055 1055 VAL VAL A . n 
A 1 56  THR 56  1056 1056 THR THR A . n 
A 1 57  ALA 57  1057 1057 ALA ALA A . n 
A 1 58  ASP 58  1058 1058 ASP ASP A . n 
A 1 59  ALA 59  1059 1059 ALA ALA A . n 
A 1 60  ASN 60  1060 1060 ASN ASN A . n 
A 1 61  GLY 61  1061 1061 GLY GLY A . n 
A 1 62  SER 62  1062 1062 SER SER A . n 
A 1 63  ALA 63  1063 1063 ALA ALA A . n 
A 1 64  SER 64  1064 1064 SER SER A . n 
A 1 65  THR 65  1065 1065 THR THR A . n 
A 1 66  SER 66  1066 1066 SER SER A . n 
A 1 67  LEU 67  1067 1067 LEU LEU A . n 
A 1 68  THR 68  1068 1068 THR THR A . n 
A 1 69  VAL 69  1069 1069 VAL VAL A . n 
A 1 70  ARG 70  1070 1070 ARG ARG A . n 
A 1 71  ARG 71  1071 1071 ARG ARG A . n 
A 1 72  SER 72  1072 1072 SER SER A . n 
A 1 73  PHE 73  1073 1073 PHE PHE A . n 
A 1 74  GLU 74  1074 1074 GLU GLU A . n 
A 1 75  GLY 75  1075 1075 GLY GLY A . n 
A 1 76  PHE 76  1076 1076 PHE PHE A . n 
A 1 77  LEU 77  1077 1077 LEU LEU A . n 
A 1 78  TRP 78  1078 1078 TRP TRP A . n 
A 1 79  ASP 79  1079 1079 ASP ASP A . n 
A 1 80  GLY 80  1080 1080 GLY GLY A . n 
A 1 81  THR 81  1081 1081 THR THR A . n 
A 1 82  ARG 82  1082 1082 ARG ARG A . n 
A 1 83  TRP 83  1083 1083 TRP TRP A . n 
A 1 84  GLY 84  1084 1084 GLY GLY A . n 
A 1 85  THR 85  1085 1085 THR THR A . n 
A 1 86  VAL 86  1086 1086 VAL VAL A . n 
A 1 87  ASP 87  1087 1087 ASP ASP A . n 
A 1 88  CYS 88  1088 1088 CYS CYS A . n 
A 1 89  THR 89  1089 1089 THR THR A . n 
A 1 90  THR 90  1090 1090 THR THR A . n 
A 1 91  ALA 91  1091 1091 ALA ALA A . n 
A 1 92  ALA 92  1092 1092 ALA ALA A . n 
A 1 93  CYS 93  1093 1093 CYS CYS A . n 
A 1 94  HIS 94  1094 1094 HIS HIS A . n 
A 1 95  VAL 95  1095 1095 VAL VAL A . n 
A 1 96  THR 96  1096 1096 THR THR A . n 
A 1 97  LEU 97  1097 1097 LEU LEU A . n 
A 1 98  ARG 98  1098 1098 ARG ARG A . n 
A 1 99  ASP 99  1099 1099 ASP ASP A . n 
A 1 100 ALA 100 1100 1100 ALA ALA A . n 
A 1 101 LEU 101 1101 1101 LEU LEU A . n 
A 1 102 SER 102 1102 1102 SER SER A . n 
A 1 103 ASN 103 1103 1103 ASN ASN A . n 
A 1 104 GLY 104 1104 1104 GLY GLY A . n 
A 1 105 PRO 105 1105 1105 PRO PRO A . n 
A 1 106 GLU 106 1106 1106 GLU GLU A . n 
A 1 107 GLY 107 1107 1107 GLY GLY A . n 
A 1 108 VAL 108 1108 1108 VAL VAL A . n 
A 1 109 ALA 109 1109 1109 ALA ALA A . n 
A 1 110 ILE 110 1110 1110 ILE ILE A . n 
A 1 111 SER 111 1111 1111 SER SER A . n 
A 1 112 PHE 112 1112 1112 PHE PHE A . n 
B 1 1   ALA 1   2001 ?    ?   ?   B . n 
B 1 2   ALA 2   2002 2002 ALA ALA B . n 
B 1 3   PRO 3   2003 2003 PRO PRO B . n 
B 1 4   THR 4   2004 2004 THR THR B . n 
B 1 5   ALA 5   2005 2005 ALA ALA B . n 
B 1 6   THR 6   2006 2006 THR THR B . n 
B 1 7   VAL 7   2007 2007 VAL VAL B . n 
B 1 8   THR 8   2008 2008 THR THR B . n 
B 1 9   PRO 9   2009 2009 PRO PRO B . n 
B 1 10  SER 10  2010 2010 SER SER B . n 
B 1 11  SER 11  2011 2011 SER SER B . n 
B 1 12  GLY 12  2012 2012 GLY GLY B . n 
B 1 13  LEU 13  2013 2013 LEU LEU B . n 
B 1 14  SER 14  2014 2014 SER SER B . n 
B 1 15  ASP 15  2015 2015 ASP ASP B . n 
B 1 16  GLY 16  2016 2016 GLY GLY B . n 
B 1 17  THR 17  2017 2017 THR THR B . n 
B 1 18  VAL 18  2018 2018 VAL VAL B . n 
B 1 19  VAL 19  2019 2019 VAL VAL B . n 
B 1 20  LYS 20  2020 2020 LYS LYS B . n 
B 1 21  VAL 21  2021 2021 VAL VAL B . n 
B 1 22  ALA 22  2022 2022 ALA ALA B . n 
B 1 23  GLY 23  2023 2023 GLY GLY B . n 
B 1 24  ALA 24  2024 2024 ALA ALA B . n 
B 1 25  GLY 25  2025 2025 GLY GLY B . n 
B 1 26  LEU 26  2026 2026 LEU LEU B . n 
B 1 27  GLN 27  2027 2027 GLN GLN B . n 
B 1 28  ALA 28  2028 2028 ALA ALA B . n 
B 1 29  GLY 29  2029 2029 GLY GLY B . n 
B 1 30  THR 30  2030 2030 THR THR B . n 
B 1 31  ALA 31  2031 2031 ALA ALA B . n 
B 1 32  TYR 32  2032 2032 TYR TYR B . n 
B 1 33  TRP 33  2033 2033 TRP TRP B . n 
B 1 34  VAL 34  2034 2034 VAL VAL B . n 
B 1 35  ALA 35  2035 2035 ALA ALA B . n 
B 1 36  GLN 36  2036 2036 GLN GLN B . n 
B 1 37  SER 37  2037 2037 SER SER B . n 
B 1 38  ALA 38  2038 2038 ALA ALA B . n 
B 1 39  TRP 39  2039 2039 TRP TRP B . n 
B 1 40  VAL 40  2040 2040 VAL VAL B . n 
B 1 41  ASP 41  2041 2041 ASP ASP B . n 
B 1 42  THR 42  2042 2042 THR THR B . n 
B 1 43  GLY 43  2043 2043 GLY GLY B . n 
B 1 44  VAL 44  2044 2044 VAL VAL B . n 
B 1 45  TYR 45  2045 2045 TYR TYR B . n 
B 1 46  ALA 46  2046 2046 ALA ALA B . n 
B 1 47  SER 47  2047 2047 SER SER B . n 
B 1 48  ASN 48  2048 2048 ASN ASN B . n 
B 1 49  PRO 49  2049 2049 PRO PRO B . n 
B 1 50  ALA 50  2050 2050 ALA ALA B . n 
B 1 51  ASP 51  2051 2051 ASP ASP B . n 
B 1 52  ILE 52  2052 2052 ILE ILE B . n 
B 1 53  SER 53  2053 2053 SER SER B . n 
B 1 54  SER 54  2054 2054 SER SER B . n 
B 1 55  VAL 55  2055 2055 VAL VAL B . n 
B 1 56  THR 56  2056 2056 THR THR B . n 
B 1 57  ALA 57  2057 2057 ALA ALA B . n 
B 1 58  ASP 58  2058 2058 ASP ASP B . n 
B 1 59  ALA 59  2059 2059 ALA ALA B . n 
B 1 60  ASN 60  2060 2060 ASN ASN B . n 
B 1 61  GLY 61  2061 2061 GLY GLY B . n 
B 1 62  SER 62  2062 2062 SER SER B . n 
B 1 63  ALA 63  2063 2063 ALA ALA B . n 
B 1 64  SER 64  2064 2064 SER SER B . n 
B 1 65  THR 65  2065 2065 THR THR B . n 
B 1 66  SER 66  2066 2066 SER SER B . n 
B 1 67  LEU 67  2067 2067 LEU LEU B . n 
B 1 68  THR 68  2068 2068 THR THR B . n 
B 1 69  VAL 69  2069 2069 VAL VAL B . n 
B 1 70  ARG 70  2070 2070 ARG ARG B . n 
B 1 71  ARG 71  2071 2071 ARG ARG B . n 
B 1 72  SER 72  2072 2072 SER SER B . n 
B 1 73  PHE 73  2073 2073 PHE PHE B . n 
B 1 74  GLU 74  2074 2074 GLU GLU B . n 
B 1 75  GLY 75  2075 2075 GLY GLY B . n 
B 1 76  PHE 76  2076 2076 PHE PHE B . n 
B 1 77  LEU 77  2077 2077 LEU LEU B . n 
B 1 78  TRP 78  2078 2078 TRP TRP B . n 
B 1 79  ASP 79  2079 2079 ASP ASP B . n 
B 1 80  GLY 80  2080 2080 GLY GLY B . n 
B 1 81  THR 81  2081 2081 THR THR B . n 
B 1 82  ARG 82  2082 2082 ARG ARG B . n 
B 1 83  TRP 83  2083 2083 TRP TRP B . n 
B 1 84  GLY 84  2084 2084 GLY GLY B . n 
B 1 85  THR 85  2085 2085 THR THR B . n 
B 1 86  VAL 86  2086 2086 VAL VAL B . n 
B 1 87  ASP 87  2087 2087 ASP ASP B . n 
B 1 88  CYS 88  2088 2088 CYS CYS B . n 
B 1 89  THR 89  2089 2089 THR THR B . n 
B 1 90  THR 90  2090 2090 THR THR B . n 
B 1 91  ALA 91  2091 2091 ALA ALA B . n 
B 1 92  ALA 92  2092 2092 ALA ALA B . n 
B 1 93  CYS 93  2093 2093 CYS CYS B . n 
B 1 94  HIS 94  2094 2094 HIS HIS B . n 
B 1 95  VAL 95  2095 2095 VAL VAL B . n 
B 1 96  THR 96  2096 2096 THR THR B . n 
B 1 97  LEU 97  2097 2097 LEU LEU B . n 
B 1 98  ARG 98  2098 2098 ARG ARG B . n 
B 1 99  ASP 99  2099 2099 ASP ASP B . n 
B 1 100 ALA 100 2100 2100 ALA ALA B . n 
B 1 101 LEU 101 2101 2101 LEU LEU B . n 
B 1 102 SER 102 2102 2102 SER SER B . n 
B 1 103 ASN 103 2103 2103 ASN ASN B . n 
B 1 104 GLY 104 2104 2104 GLY GLY B . n 
B 1 105 PRO 105 2105 2105 PRO PRO B . n 
B 1 106 GLU 106 2106 2106 GLU GLU B . n 
B 1 107 GLY 107 2107 2107 GLY GLY B . n 
B 1 108 VAL 108 2108 2108 VAL VAL B . n 
B 1 109 ALA 109 2109 2109 ALA ALA B . n 
B 1 110 ILE 110 2110 2110 ILE ILE B . n 
B 1 111 SER 111 2111 2111 SER SER B . n 
B 1 112 PHE 112 2112 2112 PHE PHE B . n 
# 
loop_
_pdbx_nonpoly_scheme.asym_id 
_pdbx_nonpoly_scheme.entity_id 
_pdbx_nonpoly_scheme.mon_id 
_pdbx_nonpoly_scheme.ndb_seq_num 
_pdbx_nonpoly_scheme.pdb_seq_num 
_pdbx_nonpoly_scheme.auth_seq_num 
_pdbx_nonpoly_scheme.pdb_mon_id 
_pdbx_nonpoly_scheme.auth_mon_id 
_pdbx_nonpoly_scheme.pdb_strand_id 
_pdbx_nonpoly_scheme.pdb_ins_code 
C 2 TH2 1  1120 1120 TH2 TH2 A . 
D 2 TH2 1  2120 2120 TH2 TH2 B . 
E 3 HOH 1  2001 2001 HOH HOH A . 
E 3 HOH 2  2002 2002 HOH HOH A . 
E 3 HOH 3  2003 2003 HOH HOH A . 
E 3 HOH 4  2004 2004 HOH HOH A . 
E 3 HOH 5  2005 2005 HOH HOH A . 
E 3 HOH 6  2006 2006 HOH HOH A . 
E 3 HOH 7  2007 2007 HOH HOH A . 
E 3 HOH 8  2008 2008 HOH HOH A . 
E 3 HOH 9  2009 2009 HOH HOH A . 
E 3 HOH 10 2010 2010 HOH HOH A . 
E 3 HOH 11 2011 2011 HOH HOH A . 
E 3 HOH 12 2012 2012 HOH HOH A . 
E 3 HOH 13 2013 2013 HOH HOH A . 
E 3 HOH 14 2014 2014 HOH HOH A . 
E 3 HOH 15 2015 2015 HOH HOH A . 
E 3 HOH 16 2016 2016 HOH HOH A . 
F 3 HOH 1  5001 5001 HOH HOH B . 
F 3 HOH 2  5002 5002 HOH HOH B . 
F 3 HOH 3  5003 5003 HOH HOH B . 
F 3 HOH 4  5004 5004 HOH HOH B . 
F 3 HOH 5  5005 5005 HOH HOH B . 
F 3 HOH 6  5006 5006 HOH HOH B . 
F 3 HOH 7  5007 5007 HOH HOH B . 
F 3 HOH 8  5008 5008 HOH HOH B . 
F 3 HOH 9  5009 5009 HOH HOH B . 
F 3 HOH 10 5010 5010 HOH HOH B . 
F 3 HOH 11 5011 5011 HOH HOH B . 
F 3 HOH 12 5012 5012 HOH HOH B . 
F 3 HOH 13 5013 5013 HOH HOH B . 
F 3 HOH 14 5014 5014 HOH HOH B . 
# 
_pdbx_struct_assembly.id                   1 
_pdbx_struct_assembly.details              author_and_software_defined_assembly 
_pdbx_struct_assembly.method_details       PQS 
_pdbx_struct_assembly.oligomeric_details   dimeric 
_pdbx_struct_assembly.oligomeric_count     2 
# 
_pdbx_struct_assembly_gen.assembly_id       1 
_pdbx_struct_assembly_gen.oper_expression   1 
_pdbx_struct_assembly_gen.asym_id_list      A,B,C,D,E,F 
# 
_pdbx_struct_oper_list.id                   1 
_pdbx_struct_oper_list.type                 'identity operation' 
_pdbx_struct_oper_list.name                 1_555 
_pdbx_struct_oper_list.symmetry_operation   x,y,z 
_pdbx_struct_oper_list.matrix[1][1]         1.0000000000 
_pdbx_struct_oper_list.matrix[1][2]         0.0000000000 
_pdbx_struct_oper_list.matrix[1][3]         0.0000000000 
_pdbx_struct_oper_list.vector[1]            0.0000000000 
_pdbx_struct_oper_list.matrix[2][1]         0.0000000000 
_pdbx_struct_oper_list.matrix[2][2]         1.0000000000 
_pdbx_struct_oper_list.matrix[2][3]         0.0000000000 
_pdbx_struct_oper_list.vector[2]            0.0000000000 
_pdbx_struct_oper_list.matrix[3][1]         0.0000000000 
_pdbx_struct_oper_list.matrix[3][2]         0.0000000000 
_pdbx_struct_oper_list.matrix[3][3]         1.0000000000 
_pdbx_struct_oper_list.vector[3]            0.0000000000 
# 
loop_
_pdbx_audit_revision_history.ordinal 
_pdbx_audit_revision_history.data_content_type 
_pdbx_audit_revision_history.major_revision 
_pdbx_audit_revision_history.minor_revision 
_pdbx_audit_revision_history.revision_date 
1 'Structure model' 1 0 2006-03-22 
2 'Structure model' 1 1 2011-05-08 
3 'Structure model' 1 2 2011-07-13 
4 'Structure model' 1 3 2023-12-13 
# 
_pdbx_audit_revision_details.ordinal             1 
_pdbx_audit_revision_details.revision_ordinal    1 
_pdbx_audit_revision_details.data_content_type   'Structure model' 
_pdbx_audit_revision_details.provider            repository 
_pdbx_audit_revision_details.type                'Initial release' 
_pdbx_audit_revision_details.description         ? 
_pdbx_audit_revision_details.details             ? 
# 
loop_
_pdbx_audit_revision_group.ordinal 
_pdbx_audit_revision_group.revision_ordinal 
_pdbx_audit_revision_group.data_content_type 
_pdbx_audit_revision_group.group 
1 2 'Structure model' 'Version format compliance' 
2 3 'Structure model' 'Version format compliance' 
3 4 'Structure model' 'Data collection'           
4 4 'Structure model' 'Database references'       
5 4 'Structure model' Other                       
6 4 'Structure model' 'Refinement description'    
# 
loop_
_pdbx_audit_revision_category.ordinal 
_pdbx_audit_revision_category.revision_ordinal 
_pdbx_audit_revision_category.data_content_type 
_pdbx_audit_revision_category.category 
1 4 'Structure model' chem_comp_atom                
2 4 'Structure model' chem_comp_bond                
3 4 'Structure model' database_2                    
4 4 'Structure model' pdbx_database_status          
5 4 'Structure model' pdbx_initial_refinement_model 
# 
loop_
_pdbx_audit_revision_item.ordinal 
_pdbx_audit_revision_item.revision_ordinal 
_pdbx_audit_revision_item.data_content_type 
_pdbx_audit_revision_item.item 
1 4 'Structure model' '_database_2.pdbx_DOI'                 
2 4 'Structure model' '_database_2.pdbx_database_accession'  
3 4 'Structure model' '_pdbx_database_status.status_code_sf' 
# 
loop_
_software.name 
_software.classification 
_software.version 
_software.citation_id 
_software.pdbx_ordinal 
SHELXL-97 refinement       . ? 1 
DENZO     'data reduction' . ? 2 
SCALEPACK 'data scaling'   . ? 3 
AMoRE     phasing          . ? 4 
# 
_pdbx_database_remark.id     700 
_pdbx_database_remark.text   
;
SHEET
THE SHEET STRUCTURE OF THIS MOLECULE IS BIFURCATED. IN
ORDER TO REPRESENT THIS FEATURE IN THE SHEET RECORDS BELOW,
TWO SHEETS ARE DEFINED.
;
# 
_pdbx_entry_details.entry_id                 2CBT 
_pdbx_entry_details.compound_details         
;ENGINEERED RESIDUE IN CHAIN A, ASP 67 TO TRP
ENGINEERED RESIDUE IN CHAIN A, GLY 69 TO ALA
ENGINEERED RESIDUE IN CHAIN A, CYS 71 TO SER
ENGINEERED RESIDUE IN CHAIN A, LEU 79 TO TYR
ENGINEERED RESIDUE IN CHAIN A, CYS 81 TO SER
ENGINEERED RESIDUE IN CHAIN A, PHE 86 TO ILE
ENGINEERED RESIDUE IN CHAIN A, PHE 112 TO TRP
ENGINEERED RESIDUE IN CHAIN A, GLN 128 TO HIS
ENGINEERED RESIDUE IN CHAIN A, GLY 130 TO THR
ENGINEERED RESIDUE IN CHAIN A, SER 132 TO ARG
ENGINEERED RESIDUE IN CHAIN A, ALA 135 TO LEU
ENGINEERED RESIDUE IN CHAIN A, GLY 136 TO SER
ENGINEERED RESIDUE IN CHAIN B, ASP 67 TO TRP
ENGINEERED RESIDUE IN CHAIN B, GLY 69 TO ALA
ENGINEERED RESIDUE IN CHAIN B, CYS 71 TO SER
ENGINEERED RESIDUE IN CHAIN B, LEU 79 TO TYR
ENGINEERED RESIDUE IN CHAIN B, CYS 81 TO SER
ENGINEERED RESIDUE IN CHAIN B, PHE 86 TO ILE
ENGINEERED RESIDUE IN CHAIN B, PHE 112 TO TRP
ENGINEERED RESIDUE IN CHAIN B, GLN 128 TO HIS
ENGINEERED RESIDUE IN CHAIN B, GLY 130 TO THR
ENGINEERED RESIDUE IN CHAIN B, SER 132 TO ARG
ENGINEERED RESIDUE IN CHAIN B, ALA 135 TO LEU
ENGINEERED RESIDUE IN CHAIN B, GLY 136 TO SER
;
_pdbx_entry_details.source_details           ? 
_pdbx_entry_details.nonpolymer_details       ? 
_pdbx_entry_details.sequence_details         ? 
_pdbx_entry_details.has_ligand_of_interest   ? 
# 
loop_
_pdbx_validate_close_contact.id 
_pdbx_validate_close_contact.PDB_model_num 
_pdbx_validate_close_contact.auth_atom_id_1 
_pdbx_validate_close_contact.auth_asym_id_1 
_pdbx_validate_close_contact.auth_comp_id_1 
_pdbx_validate_close_contact.auth_seq_id_1 
_pdbx_validate_close_contact.PDB_ins_code_1 
_pdbx_validate_close_contact.label_alt_id_1 
_pdbx_validate_close_contact.auth_atom_id_2 
_pdbx_validate_close_contact.auth_asym_id_2 
_pdbx_validate_close_contact.auth_comp_id_2 
_pdbx_validate_close_contact.auth_seq_id_2 
_pdbx_validate_close_contact.PDB_ins_code_2 
_pdbx_validate_close_contact.label_alt_id_2 
_pdbx_validate_close_contact.dist 
1 1 OH A TYR 1045 ? ? NE2 A HIS 1094 ? ? 1.73 
2 1 OH A TYR 1045 ? ? CE1 A HIS 1094 ? ? 1.90 
# 
loop_
_pdbx_validate_torsion.id 
_pdbx_validate_torsion.PDB_model_num 
_pdbx_validate_torsion.auth_comp_id 
_pdbx_validate_torsion.auth_asym_id 
_pdbx_validate_torsion.auth_seq_id 
_pdbx_validate_torsion.PDB_ins_code 
_pdbx_validate_torsion.label_alt_id 
_pdbx_validate_torsion.phi 
_pdbx_validate_torsion.psi 
1  1 SER A 1014 ? ? -161.04 -164.75 
2  1 ALA A 1028 ? ? -38.12  126.38  
3  1 TRP A 1039 ? ? -47.48  84.65   
4  1 ILE A 1052 ? ? -59.83  170.38  
5  1 ASP A 1058 ? ? -71.24  -163.86 
6  1 ASN A 1060 ? ? -97.01  41.52   
7  1 ALA A 1063 ? ? -164.35 -166.42 
8  1 THR A 1085 ? ? -33.97  132.37  
9  1 ASP A 1087 ? ? 50.71   163.78  
10 1 CYS A 1088 ? ? -154.51 4.02    
11 1 THR A 1089 ? ? 138.89  -7.52   
12 1 THR A 1090 ? ? -66.58  -97.01  
13 1 SER A 1102 ? ? 77.85   -16.34  
14 1 PRO A 1105 ? ? -79.74  -162.77 
15 1 THR B 2008 ? ? -166.63 116.95  
16 1 SER B 2014 ? ? -134.12 -156.81 
17 1 ALA B 2024 ? ? 177.69  139.29  
18 1 TRP B 2039 ? ? -66.32  87.06   
19 1 ASP B 2058 ? ? -57.91  -152.94 
20 1 ASN B 2060 ? ? -102.69 47.46   
21 1 ALA B 2063 ? ? 158.96  165.32  
22 1 ARG B 2082 ? ? -69.52  94.18   
23 1 ASP B 2087 ? ? 43.12   175.75  
24 1 CYS B 2088 ? ? -167.13 -2.11   
25 1 THR B 2089 ? ? 131.37  29.46   
26 1 ALA B 2100 ? ? -55.82  -6.82   
27 1 SER B 2102 ? ? 78.38   -15.86  
28 1 SER B 2111 ? ? -173.83 142.95  
# 
loop_
_pdbx_unobs_or_zero_occ_residues.id 
_pdbx_unobs_or_zero_occ_residues.PDB_model_num 
_pdbx_unobs_or_zero_occ_residues.polymer_flag 
_pdbx_unobs_or_zero_occ_residues.occupancy_flag 
_pdbx_unobs_or_zero_occ_residues.auth_asym_id 
_pdbx_unobs_or_zero_occ_residues.auth_comp_id 
_pdbx_unobs_or_zero_occ_residues.auth_seq_id 
_pdbx_unobs_or_zero_occ_residues.PDB_ins_code 
_pdbx_unobs_or_zero_occ_residues.label_asym_id 
_pdbx_unobs_or_zero_occ_residues.label_comp_id 
_pdbx_unobs_or_zero_occ_residues.label_seq_id 
1 1 Y 1 A ALA 1001 ? A ALA 1 
2 1 Y 1 B ALA 2001 ? B ALA 1 
# 
loop_
_chem_comp_atom.comp_id 
_chem_comp_atom.atom_id 
_chem_comp_atom.type_symbol 
_chem_comp_atom.pdbx_aromatic_flag 
_chem_comp_atom.pdbx_stereo_config 
_chem_comp_atom.pdbx_ordinal 
ALA N    N N N 1   
ALA CA   C N S 2   
ALA C    C N N 3   
ALA O    O N N 4   
ALA CB   C N N 5   
ALA OXT  O N N 6   
ALA H    H N N 7   
ALA H2   H N N 8   
ALA HA   H N N 9   
ALA HB1  H N N 10  
ALA HB2  H N N 11  
ALA HB3  H N N 12  
ALA HXT  H N N 13  
ARG N    N N N 14  
ARG CA   C N S 15  
ARG C    C N N 16  
ARG O    O N N 17  
ARG CB   C N N 18  
ARG CG   C N N 19  
ARG CD   C N N 20  
ARG NE   N N N 21  
ARG CZ   C N N 22  
ARG NH1  N N N 23  
ARG NH2  N N N 24  
ARG OXT  O N N 25  
ARG H    H N N 26  
ARG H2   H N N 27  
ARG HA   H N N 28  
ARG HB2  H N N 29  
ARG HB3  H N N 30  
ARG HG2  H N N 31  
ARG HG3  H N N 32  
ARG HD2  H N N 33  
ARG HD3  H N N 34  
ARG HE   H N N 35  
ARG HH11 H N N 36  
ARG HH12 H N N 37  
ARG HH21 H N N 38  
ARG HH22 H N N 39  
ARG HXT  H N N 40  
ASN N    N N N 41  
ASN CA   C N S 42  
ASN C    C N N 43  
ASN O    O N N 44  
ASN CB   C N N 45  
ASN CG   C N N 46  
ASN OD1  O N N 47  
ASN ND2  N N N 48  
ASN OXT  O N N 49  
ASN H    H N N 50  
ASN H2   H N N 51  
ASN HA   H N N 52  
ASN HB2  H N N 53  
ASN HB3  H N N 54  
ASN HD21 H N N 55  
ASN HD22 H N N 56  
ASN HXT  H N N 57  
ASP N    N N N 58  
ASP CA   C N S 59  
ASP C    C N N 60  
ASP O    O N N 61  
ASP CB   C N N 62  
ASP CG   C N N 63  
ASP OD1  O N N 64  
ASP OD2  O N N 65  
ASP OXT  O N N 66  
ASP H    H N N 67  
ASP H2   H N N 68  
ASP HA   H N N 69  
ASP HB2  H N N 70  
ASP HB3  H N N 71  
ASP HD2  H N N 72  
ASP HXT  H N N 73  
CYS N    N N N 74  
CYS CA   C N R 75  
CYS C    C N N 76  
CYS O    O N N 77  
CYS CB   C N N 78  
CYS SG   S N N 79  
CYS OXT  O N N 80  
CYS H    H N N 81  
CYS H2   H N N 82  
CYS HA   H N N 83  
CYS HB2  H N N 84  
CYS HB3  H N N 85  
CYS HG   H N N 86  
CYS HXT  H N N 87  
GLN N    N N N 88  
GLN CA   C N S 89  
GLN C    C N N 90  
GLN O    O N N 91  
GLN CB   C N N 92  
GLN CG   C N N 93  
GLN CD   C N N 94  
GLN OE1  O N N 95  
GLN NE2  N N N 96  
GLN OXT  O N N 97  
GLN H    H N N 98  
GLN H2   H N N 99  
GLN HA   H N N 100 
GLN HB2  H N N 101 
GLN HB3  H N N 102 
GLN HG2  H N N 103 
GLN HG3  H N N 104 
GLN HE21 H N N 105 
GLN HE22 H N N 106 
GLN HXT  H N N 107 
GLU N    N N N 108 
GLU CA   C N S 109 
GLU C    C N N 110 
GLU O    O N N 111 
GLU CB   C N N 112 
GLU CG   C N N 113 
GLU CD   C N N 114 
GLU OE1  O N N 115 
GLU OE2  O N N 116 
GLU OXT  O N N 117 
GLU H    H N N 118 
GLU H2   H N N 119 
GLU HA   H N N 120 
GLU HB2  H N N 121 
GLU HB3  H N N 122 
GLU HG2  H N N 123 
GLU HG3  H N N 124 
GLU HE2  H N N 125 
GLU HXT  H N N 126 
GLY N    N N N 127 
GLY CA   C N N 128 
GLY C    C N N 129 
GLY O    O N N 130 
GLY OXT  O N N 131 
GLY H    H N N 132 
GLY H2   H N N 133 
GLY HA2  H N N 134 
GLY HA3  H N N 135 
GLY HXT  H N N 136 
HIS N    N N N 137 
HIS CA   C N S 138 
HIS C    C N N 139 
HIS O    O N N 140 
HIS CB   C N N 141 
HIS CG   C Y N 142 
HIS ND1  N Y N 143 
HIS CD2  C Y N 144 
HIS CE1  C Y N 145 
HIS NE2  N Y N 146 
HIS OXT  O N N 147 
HIS H    H N N 148 
HIS H2   H N N 149 
HIS HA   H N N 150 
HIS HB2  H N N 151 
HIS HB3  H N N 152 
HIS HD1  H N N 153 
HIS HD2  H N N 154 
HIS HE1  H N N 155 
HIS HE2  H N N 156 
HIS HXT  H N N 157 
HOH O    O N N 158 
HOH H1   H N N 159 
HOH H2   H N N 160 
ILE N    N N N 161 
ILE CA   C N S 162 
ILE C    C N N 163 
ILE O    O N N 164 
ILE CB   C N S 165 
ILE CG1  C N N 166 
ILE CG2  C N N 167 
ILE CD1  C N N 168 
ILE OXT  O N N 169 
ILE H    H N N 170 
ILE H2   H N N 171 
ILE HA   H N N 172 
ILE HB   H N N 173 
ILE HG12 H N N 174 
ILE HG13 H N N 175 
ILE HG21 H N N 176 
ILE HG22 H N N 177 
ILE HG23 H N N 178 
ILE HD11 H N N 179 
ILE HD12 H N N 180 
ILE HD13 H N N 181 
ILE HXT  H N N 182 
LEU N    N N N 183 
LEU CA   C N S 184 
LEU C    C N N 185 
LEU O    O N N 186 
LEU CB   C N N 187 
LEU CG   C N N 188 
LEU CD1  C N N 189 
LEU CD2  C N N 190 
LEU OXT  O N N 191 
LEU H    H N N 192 
LEU H2   H N N 193 
LEU HA   H N N 194 
LEU HB2  H N N 195 
LEU HB3  H N N 196 
LEU HG   H N N 197 
LEU HD11 H N N 198 
LEU HD12 H N N 199 
LEU HD13 H N N 200 
LEU HD21 H N N 201 
LEU HD22 H N N 202 
LEU HD23 H N N 203 
LEU HXT  H N N 204 
LYS N    N N N 205 
LYS CA   C N S 206 
LYS C    C N N 207 
LYS O    O N N 208 
LYS CB   C N N 209 
LYS CG   C N N 210 
LYS CD   C N N 211 
LYS CE   C N N 212 
LYS NZ   N N N 213 
LYS OXT  O N N 214 
LYS H    H N N 215 
LYS H2   H N N 216 
LYS HA   H N N 217 
LYS HB2  H N N 218 
LYS HB3  H N N 219 
LYS HG2  H N N 220 
LYS HG3  H N N 221 
LYS HD2  H N N 222 
LYS HD3  H N N 223 
LYS HE2  H N N 224 
LYS HE3  H N N 225 
LYS HZ1  H N N 226 
LYS HZ2  H N N 227 
LYS HZ3  H N N 228 
LYS HXT  H N N 229 
PHE N    N N N 230 
PHE CA   C N S 231 
PHE C    C N N 232 
PHE O    O N N 233 
PHE CB   C N N 234 
PHE CG   C Y N 235 
PHE CD1  C Y N 236 
PHE CD2  C Y N 237 
PHE CE1  C Y N 238 
PHE CE2  C Y N 239 
PHE CZ   C Y N 240 
PHE OXT  O N N 241 
PHE H    H N N 242 
PHE H2   H N N 243 
PHE HA   H N N 244 
PHE HB2  H N N 245 
PHE HB3  H N N 246 
PHE HD1  H N N 247 
PHE HD2  H N N 248 
PHE HE1  H N N 249 
PHE HE2  H N N 250 
PHE HZ   H N N 251 
PHE HXT  H N N 252 
PRO N    N N N 253 
PRO CA   C N S 254 
PRO C    C N N 255 
PRO O    O N N 256 
PRO CB   C N N 257 
PRO CG   C N N 258 
PRO CD   C N N 259 
PRO OXT  O N N 260 
PRO H    H N N 261 
PRO HA   H N N 262 
PRO HB2  H N N 263 
PRO HB3  H N N 264 
PRO HG2  H N N 265 
PRO HG3  H N N 266 
PRO HD2  H N N 267 
PRO HD3  H N N 268 
PRO HXT  H N N 269 
SER N    N N N 270 
SER CA   C N S 271 
SER C    C N N 272 
SER O    O N N 273 
SER CB   C N N 274 
SER OG   O N N 275 
SER OXT  O N N 276 
SER H    H N N 277 
SER H2   H N N 278 
SER HA   H N N 279 
SER HB2  H N N 280 
SER HB3  H N N 281 
SER HG   H N N 282 
SER HXT  H N N 283 
TH2 C1   C N N 284 
TH2 C2   C N N 285 
TH2 C3   C N N 286 
TH2 O3   O N N 287 
TH2 C4   C N N 288 
TH2 C5   C N N 289 
TH2 C6   C N N 290 
TH2 C7   C N N 291 
TH2 C8   C N R 292 
TH2 C9   C N S 293 
TH2 C10  C N R 294 
TH2 C11  C N N 295 
TH2 C12  C N N 296 
TH2 C13  C N S 297 
TH2 C14  C N S 298 
TH2 C15  C N N 299 
TH2 C16  C N N 300 
TH2 C17  C N S 301 
TH2 O17  O N N 302 
TH2 C18  C N N 303 
TH2 C20  C N N 304 
TH2 O20  O N N 305 
TH2 C21  C N N 306 
TH2 C22  C N N 307 
TH2 C23  C N N 308 
TH2 O23  O N N 309 
TH2 O24  O N N 310 
TH2 C19  C N N 311 
TH2 H1C1 H N N 312 
TH2 H1C2 H N N 313 
TH2 H2C1 H N N 314 
TH2 H2C2 H N N 315 
TH2 H4   H N N 316 
TH2 H6C1 H N N 317 
TH2 H6C2 H N N 318 
TH2 H7C1 H N N 319 
TH2 H7C2 H N N 320 
TH2 H8   H N N 321 
TH2 H9   H N N 322 
TH2 H111 H N N 323 
TH2 H112 H N N 324 
TH2 H121 H N N 325 
TH2 H122 H N N 326 
TH2 H14  H N N 327 
TH2 H151 H N N 328 
TH2 H152 H N N 329 
TH2 H161 H N N 330 
TH2 H162 H N N 331 
TH2 H17  H N N 332 
TH2 H181 H N N 333 
TH2 H182 H N N 334 
TH2 H183 H N N 335 
TH2 H211 H N N 336 
TH2 H212 H N N 337 
TH2 H221 H N N 338 
TH2 H222 H N N 339 
TH2 H24  H N N 340 
TH2 H191 H N N 341 
TH2 H192 H N N 342 
TH2 H193 H N N 343 
THR N    N N N 344 
THR CA   C N S 345 
THR C    C N N 346 
THR O    O N N 347 
THR CB   C N R 348 
THR OG1  O N N 349 
THR CG2  C N N 350 
THR OXT  O N N 351 
THR H    H N N 352 
THR H2   H N N 353 
THR HA   H N N 354 
THR HB   H N N 355 
THR HG1  H N N 356 
THR HG21 H N N 357 
THR HG22 H N N 358 
THR HG23 H N N 359 
THR HXT  H N N 360 
TRP N    N N N 361 
TRP CA   C N S 362 
TRP C    C N N 363 
TRP O    O N N 364 
TRP CB   C N N 365 
TRP CG   C Y N 366 
TRP CD1  C Y N 367 
TRP CD2  C Y N 368 
TRP NE1  N Y N 369 
TRP CE2  C Y N 370 
TRP CE3  C Y N 371 
TRP CZ2  C Y N 372 
TRP CZ3  C Y N 373 
TRP CH2  C Y N 374 
TRP OXT  O N N 375 
TRP H    H N N 376 
TRP H2   H N N 377 
TRP HA   H N N 378 
TRP HB2  H N N 379 
TRP HB3  H N N 380 
TRP HD1  H N N 381 
TRP HE1  H N N 382 
TRP HE3  H N N 383 
TRP HZ2  H N N 384 
TRP HZ3  H N N 385 
TRP HH2  H N N 386 
TRP HXT  H N N 387 
TYR N    N N N 388 
TYR CA   C N S 389 
TYR C    C N N 390 
TYR O    O N N 391 
TYR CB   C N N 392 
TYR CG   C Y N 393 
TYR CD1  C Y N 394 
TYR CD2  C Y N 395 
TYR CE1  C Y N 396 
TYR CE2  C Y N 397 
TYR CZ   C Y N 398 
TYR OH   O N N 399 
TYR OXT  O N N 400 
TYR H    H N N 401 
TYR H2   H N N 402 
TYR HA   H N N 403 
TYR HB2  H N N 404 
TYR HB3  H N N 405 
TYR HD1  H N N 406 
TYR HD2  H N N 407 
TYR HE1  H N N 408 
TYR HE2  H N N 409 
TYR HH   H N N 410 
TYR HXT  H N N 411 
VAL N    N N N 412 
VAL CA   C N S 413 
VAL C    C N N 414 
VAL O    O N N 415 
VAL CB   C N N 416 
VAL CG1  C N N 417 
VAL CG2  C N N 418 
VAL OXT  O N N 419 
VAL H    H N N 420 
VAL H2   H N N 421 
VAL HA   H N N 422 
VAL HB   H N N 423 
VAL HG11 H N N 424 
VAL HG12 H N N 425 
VAL HG13 H N N 426 
VAL HG21 H N N 427 
VAL HG22 H N N 428 
VAL HG23 H N N 429 
VAL HXT  H N N 430 
# 
loop_
_chem_comp_bond.comp_id 
_chem_comp_bond.atom_id_1 
_chem_comp_bond.atom_id_2 
_chem_comp_bond.value_order 
_chem_comp_bond.pdbx_aromatic_flag 
_chem_comp_bond.pdbx_stereo_config 
_chem_comp_bond.pdbx_ordinal 
ALA N   CA   sing N N 1   
ALA N   H    sing N N 2   
ALA N   H2   sing N N 3   
ALA CA  C    sing N N 4   
ALA CA  CB   sing N N 5   
ALA CA  HA   sing N N 6   
ALA C   O    doub N N 7   
ALA C   OXT  sing N N 8   
ALA CB  HB1  sing N N 9   
ALA CB  HB2  sing N N 10  
ALA CB  HB3  sing N N 11  
ALA OXT HXT  sing N N 12  
ARG N   CA   sing N N 13  
ARG N   H    sing N N 14  
ARG N   H2   sing N N 15  
ARG CA  C    sing N N 16  
ARG CA  CB   sing N N 17  
ARG CA  HA   sing N N 18  
ARG C   O    doub N N 19  
ARG C   OXT  sing N N 20  
ARG CB  CG   sing N N 21  
ARG CB  HB2  sing N N 22  
ARG CB  HB3  sing N N 23  
ARG CG  CD   sing N N 24  
ARG CG  HG2  sing N N 25  
ARG CG  HG3  sing N N 26  
ARG CD  NE   sing N N 27  
ARG CD  HD2  sing N N 28  
ARG CD  HD3  sing N N 29  
ARG NE  CZ   sing N N 30  
ARG NE  HE   sing N N 31  
ARG CZ  NH1  sing N N 32  
ARG CZ  NH2  doub N N 33  
ARG NH1 HH11 sing N N 34  
ARG NH1 HH12 sing N N 35  
ARG NH2 HH21 sing N N 36  
ARG NH2 HH22 sing N N 37  
ARG OXT HXT  sing N N 38  
ASN N   CA   sing N N 39  
ASN N   H    sing N N 40  
ASN N   H2   sing N N 41  
ASN CA  C    sing N N 42  
ASN CA  CB   sing N N 43  
ASN CA  HA   sing N N 44  
ASN C   O    doub N N 45  
ASN C   OXT  sing N N 46  
ASN CB  CG   sing N N 47  
ASN CB  HB2  sing N N 48  
ASN CB  HB3  sing N N 49  
ASN CG  OD1  doub N N 50  
ASN CG  ND2  sing N N 51  
ASN ND2 HD21 sing N N 52  
ASN ND2 HD22 sing N N 53  
ASN OXT HXT  sing N N 54  
ASP N   CA   sing N N 55  
ASP N   H    sing N N 56  
ASP N   H2   sing N N 57  
ASP CA  C    sing N N 58  
ASP CA  CB   sing N N 59  
ASP CA  HA   sing N N 60  
ASP C   O    doub N N 61  
ASP C   OXT  sing N N 62  
ASP CB  CG   sing N N 63  
ASP CB  HB2  sing N N 64  
ASP CB  HB3  sing N N 65  
ASP CG  OD1  doub N N 66  
ASP CG  OD2  sing N N 67  
ASP OD2 HD2  sing N N 68  
ASP OXT HXT  sing N N 69  
CYS N   CA   sing N N 70  
CYS N   H    sing N N 71  
CYS N   H2   sing N N 72  
CYS CA  C    sing N N 73  
CYS CA  CB   sing N N 74  
CYS CA  HA   sing N N 75  
CYS C   O    doub N N 76  
CYS C   OXT  sing N N 77  
CYS CB  SG   sing N N 78  
CYS CB  HB2  sing N N 79  
CYS CB  HB3  sing N N 80  
CYS SG  HG   sing N N 81  
CYS OXT HXT  sing N N 82  
GLN N   CA   sing N N 83  
GLN N   H    sing N N 84  
GLN N   H2   sing N N 85  
GLN CA  C    sing N N 86  
GLN CA  CB   sing N N 87  
GLN CA  HA   sing N N 88  
GLN C   O    doub N N 89  
GLN C   OXT  sing N N 90  
GLN CB  CG   sing N N 91  
GLN CB  HB2  sing N N 92  
GLN CB  HB3  sing N N 93  
GLN CG  CD   sing N N 94  
GLN CG  HG2  sing N N 95  
GLN CG  HG3  sing N N 96  
GLN CD  OE1  doub N N 97  
GLN CD  NE2  sing N N 98  
GLN NE2 HE21 sing N N 99  
GLN NE2 HE22 sing N N 100 
GLN OXT HXT  sing N N 101 
GLU N   CA   sing N N 102 
GLU N   H    sing N N 103 
GLU N   H2   sing N N 104 
GLU CA  C    sing N N 105 
GLU CA  CB   sing N N 106 
GLU CA  HA   sing N N 107 
GLU C   O    doub N N 108 
GLU C   OXT  sing N N 109 
GLU CB  CG   sing N N 110 
GLU CB  HB2  sing N N 111 
GLU CB  HB3  sing N N 112 
GLU CG  CD   sing N N 113 
GLU CG  HG2  sing N N 114 
GLU CG  HG3  sing N N 115 
GLU CD  OE1  doub N N 116 
GLU CD  OE2  sing N N 117 
GLU OE2 HE2  sing N N 118 
GLU OXT HXT  sing N N 119 
GLY N   CA   sing N N 120 
GLY N   H    sing N N 121 
GLY N   H2   sing N N 122 
GLY CA  C    sing N N 123 
GLY CA  HA2  sing N N 124 
GLY CA  HA3  sing N N 125 
GLY C   O    doub N N 126 
GLY C   OXT  sing N N 127 
GLY OXT HXT  sing N N 128 
HIS N   CA   sing N N 129 
HIS N   H    sing N N 130 
HIS N   H2   sing N N 131 
HIS CA  C    sing N N 132 
HIS CA  CB   sing N N 133 
HIS CA  HA   sing N N 134 
HIS C   O    doub N N 135 
HIS C   OXT  sing N N 136 
HIS CB  CG   sing N N 137 
HIS CB  HB2  sing N N 138 
HIS CB  HB3  sing N N 139 
HIS CG  ND1  sing Y N 140 
HIS CG  CD2  doub Y N 141 
HIS ND1 CE1  doub Y N 142 
HIS ND1 HD1  sing N N 143 
HIS CD2 NE2  sing Y N 144 
HIS CD2 HD2  sing N N 145 
HIS CE1 NE2  sing Y N 146 
HIS CE1 HE1  sing N N 147 
HIS NE2 HE2  sing N N 148 
HIS OXT HXT  sing N N 149 
HOH O   H1   sing N N 150 
HOH O   H2   sing N N 151 
ILE N   CA   sing N N 152 
ILE N   H    sing N N 153 
ILE N   H2   sing N N 154 
ILE CA  C    sing N N 155 
ILE CA  CB   sing N N 156 
ILE CA  HA   sing N N 157 
ILE C   O    doub N N 158 
ILE C   OXT  sing N N 159 
ILE CB  CG1  sing N N 160 
ILE CB  CG2  sing N N 161 
ILE CB  HB   sing N N 162 
ILE CG1 CD1  sing N N 163 
ILE CG1 HG12 sing N N 164 
ILE CG1 HG13 sing N N 165 
ILE CG2 HG21 sing N N 166 
ILE CG2 HG22 sing N N 167 
ILE CG2 HG23 sing N N 168 
ILE CD1 HD11 sing N N 169 
ILE CD1 HD12 sing N N 170 
ILE CD1 HD13 sing N N 171 
ILE OXT HXT  sing N N 172 
LEU N   CA   sing N N 173 
LEU N   H    sing N N 174 
LEU N   H2   sing N N 175 
LEU CA  C    sing N N 176 
LEU CA  CB   sing N N 177 
LEU CA  HA   sing N N 178 
LEU C   O    doub N N 179 
LEU C   OXT  sing N N 180 
LEU CB  CG   sing N N 181 
LEU CB  HB2  sing N N 182 
LEU CB  HB3  sing N N 183 
LEU CG  CD1  sing N N 184 
LEU CG  CD2  sing N N 185 
LEU CG  HG   sing N N 186 
LEU CD1 HD11 sing N N 187 
LEU CD1 HD12 sing N N 188 
LEU CD1 HD13 sing N N 189 
LEU CD2 HD21 sing N N 190 
LEU CD2 HD22 sing N N 191 
LEU CD2 HD23 sing N N 192 
LEU OXT HXT  sing N N 193 
LYS N   CA   sing N N 194 
LYS N   H    sing N N 195 
LYS N   H2   sing N N 196 
LYS CA  C    sing N N 197 
LYS CA  CB   sing N N 198 
LYS CA  HA   sing N N 199 
LYS C   O    doub N N 200 
LYS C   OXT  sing N N 201 
LYS CB  CG   sing N N 202 
LYS CB  HB2  sing N N 203 
LYS CB  HB3  sing N N 204 
LYS CG  CD   sing N N 205 
LYS CG  HG2  sing N N 206 
LYS CG  HG3  sing N N 207 
LYS CD  CE   sing N N 208 
LYS CD  HD2  sing N N 209 
LYS CD  HD3  sing N N 210 
LYS CE  NZ   sing N N 211 
LYS CE  HE2  sing N N 212 
LYS CE  HE3  sing N N 213 
LYS NZ  HZ1  sing N N 214 
LYS NZ  HZ2  sing N N 215 
LYS NZ  HZ3  sing N N 216 
LYS OXT HXT  sing N N 217 
PHE N   CA   sing N N 218 
PHE N   H    sing N N 219 
PHE N   H2   sing N N 220 
PHE CA  C    sing N N 221 
PHE CA  CB   sing N N 222 
PHE CA  HA   sing N N 223 
PHE C   O    doub N N 224 
PHE C   OXT  sing N N 225 
PHE CB  CG   sing N N 226 
PHE CB  HB2  sing N N 227 
PHE CB  HB3  sing N N 228 
PHE CG  CD1  doub Y N 229 
PHE CG  CD2  sing Y N 230 
PHE CD1 CE1  sing Y N 231 
PHE CD1 HD1  sing N N 232 
PHE CD2 CE2  doub Y N 233 
PHE CD2 HD2  sing N N 234 
PHE CE1 CZ   doub Y N 235 
PHE CE1 HE1  sing N N 236 
PHE CE2 CZ   sing Y N 237 
PHE CE2 HE2  sing N N 238 
PHE CZ  HZ   sing N N 239 
PHE OXT HXT  sing N N 240 
PRO N   CA   sing N N 241 
PRO N   CD   sing N N 242 
PRO N   H    sing N N 243 
PRO CA  C    sing N N 244 
PRO CA  CB   sing N N 245 
PRO CA  HA   sing N N 246 
PRO C   O    doub N N 247 
PRO C   OXT  sing N N 248 
PRO CB  CG   sing N N 249 
PRO CB  HB2  sing N N 250 
PRO CB  HB3  sing N N 251 
PRO CG  CD   sing N N 252 
PRO CG  HG2  sing N N 253 
PRO CG  HG3  sing N N 254 
PRO CD  HD2  sing N N 255 
PRO CD  HD3  sing N N 256 
PRO OXT HXT  sing N N 257 
SER N   CA   sing N N 258 
SER N   H    sing N N 259 
SER N   H2   sing N N 260 
SER CA  C    sing N N 261 
SER CA  CB   sing N N 262 
SER CA  HA   sing N N 263 
SER C   O    doub N N 264 
SER C   OXT  sing N N 265 
SER CB  OG   sing N N 266 
SER CB  HB2  sing N N 267 
SER CB  HB3  sing N N 268 
SER OG  HG   sing N N 269 
SER OXT HXT  sing N N 270 
TH2 C1  C2   sing N N 271 
TH2 C1  C10  sing N N 272 
TH2 C1  H1C1 sing N N 273 
TH2 C1  H1C2 sing N N 274 
TH2 C2  C3   sing N N 275 
TH2 C2  H2C1 sing N N 276 
TH2 C2  H2C2 sing N N 277 
TH2 C3  O3   doub N N 278 
TH2 C3  C4   sing N N 279 
TH2 C4  C5   doub N N 280 
TH2 C4  H4   sing N N 281 
TH2 C5  C6   sing N N 282 
TH2 C5  C10  sing N N 283 
TH2 C6  C7   sing N N 284 
TH2 C6  H6C1 sing N N 285 
TH2 C6  H6C2 sing N N 286 
TH2 C7  C8   sing N N 287 
TH2 C7  H7C1 sing N N 288 
TH2 C7  H7C2 sing N N 289 
TH2 C8  C9   sing N N 290 
TH2 C8  C14  sing N N 291 
TH2 C8  H8   sing N N 292 
TH2 C9  C10  sing N N 293 
TH2 C9  C11  sing N N 294 
TH2 C9  H9   sing N N 295 
TH2 C10 C19  sing N N 296 
TH2 C11 C12  sing N N 297 
TH2 C11 H111 sing N N 298 
TH2 C11 H112 sing N N 299 
TH2 C12 C13  sing N N 300 
TH2 C12 H121 sing N N 301 
TH2 C12 H122 sing N N 302 
TH2 C13 C14  sing N N 303 
TH2 C13 C17  sing N N 304 
TH2 C13 C18  sing N N 305 
TH2 C14 C15  sing N N 306 
TH2 C14 H14  sing N N 307 
TH2 C15 C16  sing N N 308 
TH2 C15 H151 sing N N 309 
TH2 C15 H152 sing N N 310 
TH2 C16 C17  sing N N 311 
TH2 C16 H161 sing N N 312 
TH2 C16 H162 sing N N 313 
TH2 C17 O17  sing N N 314 
TH2 C17 H17  sing N N 315 
TH2 O17 C20  sing N N 316 
TH2 C18 H181 sing N N 317 
TH2 C18 H182 sing N N 318 
TH2 C18 H183 sing N N 319 
TH2 C20 O20  doub N N 320 
TH2 C20 C22  sing N N 321 
TH2 C21 C22  sing N N 322 
TH2 C21 C23  sing N N 323 
TH2 C21 H211 sing N N 324 
TH2 C21 H212 sing N N 325 
TH2 C22 H221 sing N N 326 
TH2 C22 H222 sing N N 327 
TH2 C23 O23  doub N N 328 
TH2 C23 O24  sing N N 329 
TH2 O24 H24  sing N N 330 
TH2 C19 H191 sing N N 331 
TH2 C19 H192 sing N N 332 
TH2 C19 H193 sing N N 333 
THR N   CA   sing N N 334 
THR N   H    sing N N 335 
THR N   H2   sing N N 336 
THR CA  C    sing N N 337 
THR CA  CB   sing N N 338 
THR CA  HA   sing N N 339 
THR C   O    doub N N 340 
THR C   OXT  sing N N 341 
THR CB  OG1  sing N N 342 
THR CB  CG2  sing N N 343 
THR CB  HB   sing N N 344 
THR OG1 HG1  sing N N 345 
THR CG2 HG21 sing N N 346 
THR CG2 HG22 sing N N 347 
THR CG2 HG23 sing N N 348 
THR OXT HXT  sing N N 349 
TRP N   CA   sing N N 350 
TRP N   H    sing N N 351 
TRP N   H2   sing N N 352 
TRP CA  C    sing N N 353 
TRP CA  CB   sing N N 354 
TRP CA  HA   sing N N 355 
TRP C   O    doub N N 356 
TRP C   OXT  sing N N 357 
TRP CB  CG   sing N N 358 
TRP CB  HB2  sing N N 359 
TRP CB  HB3  sing N N 360 
TRP CG  CD1  doub Y N 361 
TRP CG  CD2  sing Y N 362 
TRP CD1 NE1  sing Y N 363 
TRP CD1 HD1  sing N N 364 
TRP CD2 CE2  doub Y N 365 
TRP CD2 CE3  sing Y N 366 
TRP NE1 CE2  sing Y N 367 
TRP NE1 HE1  sing N N 368 
TRP CE2 CZ2  sing Y N 369 
TRP CE3 CZ3  doub Y N 370 
TRP CE3 HE3  sing N N 371 
TRP CZ2 CH2  doub Y N 372 
TRP CZ2 HZ2  sing N N 373 
TRP CZ3 CH2  sing Y N 374 
TRP CZ3 HZ3  sing N N 375 
TRP CH2 HH2  sing N N 376 
TRP OXT HXT  sing N N 377 
TYR N   CA   sing N N 378 
TYR N   H    sing N N 379 
TYR N   H2   sing N N 380 
TYR CA  C    sing N N 381 
TYR CA  CB   sing N N 382 
TYR CA  HA   sing N N 383 
TYR C   O    doub N N 384 
TYR C   OXT  sing N N 385 
TYR CB  CG   sing N N 386 
TYR CB  HB2  sing N N 387 
TYR CB  HB3  sing N N 388 
TYR CG  CD1  doub Y N 389 
TYR CG  CD2  sing Y N 390 
TYR CD1 CE1  sing Y N 391 
TYR CD1 HD1  sing N N 392 
TYR CD2 CE2  doub Y N 393 
TYR CD2 HD2  sing N N 394 
TYR CE1 CZ   doub Y N 395 
TYR CE1 HE1  sing N N 396 
TYR CE2 CZ   sing Y N 397 
TYR CE2 HE2  sing N N 398 
TYR CZ  OH   sing N N 399 
TYR OH  HH   sing N N 400 
TYR OXT HXT  sing N N 401 
VAL N   CA   sing N N 402 
VAL N   H    sing N N 403 
VAL N   H2   sing N N 404 
VAL CA  C    sing N N 405 
VAL CA  CB   sing N N 406 
VAL CA  HA   sing N N 407 
VAL C   O    doub N N 408 
VAL C   OXT  sing N N 409 
VAL CB  CG1  sing N N 410 
VAL CB  CG2  sing N N 411 
VAL CB  HB   sing N N 412 
VAL CG1 HG11 sing N N 413 
VAL CG1 HG12 sing N N 414 
VAL CG1 HG13 sing N N 415 
VAL CG2 HG21 sing N N 416 
VAL CG2 HG22 sing N N 417 
VAL CG2 HG23 sing N N 418 
VAL OXT HXT  sing N N 419 
# 
loop_
_pdbx_entity_nonpoly.entity_id 
_pdbx_entity_nonpoly.name 
_pdbx_entity_nonpoly.comp_id 
2 'TESTOSTERONE HEMISUCCINATE' TH2 
3 water                        HOH 
# 
_pdbx_initial_refinement_model.id               1 
_pdbx_initial_refinement_model.entity_id_list   ? 
_pdbx_initial_refinement_model.type             'experimental model' 
_pdbx_initial_refinement_model.source_name      PDB 
_pdbx_initial_refinement_model.accession_code   1NCO 
_pdbx_initial_refinement_model.details          'PDB ENTRY 1NCO' 
# 
